data_429D
# 
_entry.id   429D 
# 
_audit_conform.dict_name       mmcif_pdbx.dic 
_audit_conform.dict_version    5.387 
_audit_conform.dict_location   http://mmcif.pdb.org/dictionaries/ascii/mmcif_pdbx.dic 
# 
loop_
_database_2.database_id 
_database_2.database_code 
_database_2.pdbx_database_accession 
_database_2.pdbx_DOI 
PDB   429D         pdb_0000429d 10.2210/pdb429d/pdb 
RCSB  UR0001       ?            ?                   
WWPDB D_1000179226 ?            ?                   
# 
loop_
_pdbx_audit_revision_history.ordinal 
_pdbx_audit_revision_history.data_content_type 
_pdbx_audit_revision_history.major_revision 
_pdbx_audit_revision_history.minor_revision 
_pdbx_audit_revision_history.revision_date 
1 'Structure model' 1 0 1999-03-01 
2 'Structure model' 1 1 2008-05-22 
3 'Structure model' 1 2 2011-07-13 
4 'Structure model' 1 3 2024-02-28 
# 
_pdbx_audit_revision_details.ordinal             1 
_pdbx_audit_revision_details.revision_ordinal    1 
_pdbx_audit_revision_details.data_content_type   'Structure model' 
_pdbx_audit_revision_details.provider            repository 
_pdbx_audit_revision_details.type                'Initial release' 
_pdbx_audit_revision_details.description         ? 
_pdbx_audit_revision_details.details             ? 
# 
loop_
_pdbx_audit_revision_group.ordinal 
_pdbx_audit_revision_group.revision_ordinal 
_pdbx_audit_revision_group.data_content_type 
_pdbx_audit_revision_group.group 
1 2 'Structure model' 'Version format compliance' 
2 3 'Structure model' 'Version format compliance' 
3 4 'Structure model' 'Data collection'           
4 4 'Structure model' 'Database references'       
# 
loop_
_pdbx_audit_revision_category.ordinal 
_pdbx_audit_revision_category.revision_ordinal 
_pdbx_audit_revision_category.data_content_type 
_pdbx_audit_revision_category.category 
1 4 'Structure model' chem_comp_atom 
2 4 'Structure model' chem_comp_bond 
3 4 'Structure model' database_2     
# 
loop_
_pdbx_audit_revision_item.ordinal 
_pdbx_audit_revision_item.revision_ordinal 
_pdbx_audit_revision_item.data_content_type 
_pdbx_audit_revision_item.item 
1 4 'Structure model' '_database_2.pdbx_DOI'                
2 4 'Structure model' '_database_2.pdbx_database_accession' 
# 
_pdbx_database_status.status_code                     REL 
_pdbx_database_status.entry_id                        429D 
_pdbx_database_status.recvd_initial_deposition_date   1998-09-29 
_pdbx_database_status.deposit_site                    NDB 
_pdbx_database_status.process_site                    NDB 
_pdbx_database_status.status_code_sf                  REL 
_pdbx_database_status.status_code_mr                  ? 
_pdbx_database_status.SG_entry                        ? 
_pdbx_database_status.pdb_format_compatible           Y 
_pdbx_database_status.status_code_cs                  ? 
_pdbx_database_status.status_code_nmr_data            ? 
_pdbx_database_status.methods_development_category    ? 
# 
loop_
_audit_author.name 
_audit_author.pdbx_ordinal 
'Wedekind, J.E.' 1 
'McKay, D.B.'    2 
# 
_citation.id                        primary 
_citation.title                     
'Crystal structure of a lead-dependent ribozyme revealing metal binding sites relevant to catalysis.' 
_citation.journal_abbrev            Nat.Struct.Biol. 
_citation.journal_volume            6 
_citation.page_first                261 
_citation.page_last                 268 
_citation.year                      1999 
_citation.journal_id_ASTM           NSBIEW 
_citation.country                   US 
_citation.journal_id_ISSN           1072-8368 
_citation.journal_id_CSD            2024 
_citation.book_publisher            ? 
_citation.pdbx_database_id_PubMed   10074945 
_citation.pdbx_database_id_DOI      10.1038/6700 
# 
loop_
_citation_author.citation_id 
_citation_author.name 
_citation_author.ordinal 
_citation_author.identifier_ORCID 
primary 'Wedekind, J.E.' 1 ? 
primary 'McKay, D.B.'    2 ? 
# 
loop_
_entity.id 
_entity.type 
_entity.src_method 
_entity.pdbx_description 
_entity.formula_weight 
_entity.pdbx_number_of_molecules 
_entity.pdbx_ec 
_entity.pdbx_mutation 
_entity.pdbx_fragment 
_entity.details 
1 polymer     syn 
;RNA (5'-R(*CP*GP*GP*AP*CP*CP*GP*AP*GP*CP*CP*AP*G)-3')
;
4194.598 2 ? ? ? ? 
2 polymer     syn 
;RNA (5'-R(*GP*CP*UP*GP*GP*GP*AP*GP*UP*CP*C)-3')
;
3538.154 2 ? ? ? ? 
3 non-polymer syn 'MAGNESIUM ION'                                         24.305   2 ? ? ? ? 
# 
loop_
_entity_keywords.entity_id 
_entity_keywords.text 
1 'RIBOZYME STRAND OF LEADZYME LZ4'  
2 'SUBSTRATE STRAND OF LEADZYME LZ4' 
# 
loop_
_entity_poly.entity_id 
_entity_poly.type 
_entity_poly.nstd_linkage 
_entity_poly.nstd_monomer 
_entity_poly.pdbx_seq_one_letter_code 
_entity_poly.pdbx_seq_one_letter_code_can 
_entity_poly.pdbx_strand_id 
_entity_poly.pdbx_target_identifier 
1 polyribonucleotide no no CGGACCGAGCCAG CGGACCGAGCCAG A,C ? 
2 polyribonucleotide no no GCUGGGAGUCC   GCUGGGAGUCC   B,D ? 
# 
_pdbx_entity_nonpoly.entity_id   3 
_pdbx_entity_nonpoly.name        'MAGNESIUM ION' 
_pdbx_entity_nonpoly.comp_id     MG 
# 
loop_
_entity_poly_seq.entity_id 
_entity_poly_seq.num 
_entity_poly_seq.mon_id 
_entity_poly_seq.hetero 
1 1  C n 
1 2  G n 
1 3  G n 
1 4  A n 
1 5  C n 
1 6  C n 
1 7  G n 
1 8  A n 
1 9  G n 
1 10 C n 
1 11 C n 
1 12 A n 
1 13 G n 
2 1  G n 
2 2  C n 
2 3  U n 
2 4  G n 
2 5  G n 
2 6  G n 
2 7  A n 
2 8  G n 
2 9  U n 
2 10 C n 
2 11 C n 
# 
loop_
_chem_comp.id 
_chem_comp.type 
_chem_comp.mon_nstd_flag 
_chem_comp.name 
_chem_comp.pdbx_synonyms 
_chem_comp.formula 
_chem_comp.formula_weight 
A  'RNA linking' y "ADENOSINE-5'-MONOPHOSPHATE" ? 'C10 H14 N5 O7 P' 347.221 
C  'RNA linking' y "CYTIDINE-5'-MONOPHOSPHATE"  ? 'C9 H14 N3 O8 P'  323.197 
G  'RNA linking' y "GUANOSINE-5'-MONOPHOSPHATE" ? 'C10 H14 N5 O8 P' 363.221 
MG non-polymer   . 'MAGNESIUM ION'              ? 'Mg 2'            24.305  
U  'RNA linking' y "URIDINE-5'-MONOPHOSPHATE"   ? 'C9 H13 N2 O9 P'  324.181 
# 
loop_
_pdbx_poly_seq_scheme.asym_id 
_pdbx_poly_seq_scheme.entity_id 
_pdbx_poly_seq_scheme.seq_id 
_pdbx_poly_seq_scheme.mon_id 
_pdbx_poly_seq_scheme.ndb_seq_num 
_pdbx_poly_seq_scheme.pdb_seq_num 
_pdbx_poly_seq_scheme.auth_seq_num 
_pdbx_poly_seq_scheme.pdb_mon_id 
_pdbx_poly_seq_scheme.auth_mon_id 
_pdbx_poly_seq_scheme.pdb_strand_id 
_pdbx_poly_seq_scheme.pdb_ins_code 
_pdbx_poly_seq_scheme.hetero 
A 1 1  C 1  18  18  C C A . n 
A 1 2  G 2  19  19  G G A . n 
A 1 3  G 3  20  20  G G A . n 
A 1 4  A 4  21  21  A A A . n 
A 1 5  C 5  22  22  C C A . n 
A 1 6  C 6  23  23  C C A . n 
A 1 7  G 7  24  24  G G A . n 
A 1 8  A 8  25  25  A A A . n 
A 1 9  G 9  26  26  G G A . n 
A 1 10 C 10 27  27  C C A . n 
A 1 11 C 11 28  28  C C A . n 
A 1 12 A 12 29  29  A A A . n 
A 1 13 G 13 30  30  G G A . n 
B 2 1  G 1  39  39  G G B . n 
B 2 2  C 2  40  40  C C B . n 
B 2 3  U 3  41  41  U U B . n 
B 2 4  G 4  42  42  G G B . n 
B 2 5  G 5  43  43  G G B . n 
B 2 6  G 6  44  44  G G B . n 
B 2 7  A 7  45  45  A A B . n 
B 2 8  G 8  46  46  G G B . n 
B 2 9  U 9  47  47  U U B . n 
B 2 10 C 10 48  48  C C B . n 
B 2 11 C 11 49  49  C C B . n 
C 1 1  C 1  118 118 C C C . n 
C 1 2  G 2  119 119 G G C . n 
C 1 3  G 3  120 120 G G C . n 
C 1 4  A 4  121 121 A A C . n 
C 1 5  C 5  122 122 C C C . n 
C 1 6  C 6  123 123 C C C . n 
C 1 7  G 7  124 124 G G C . n 
C 1 8  A 8  125 125 A A C . n 
C 1 9  G 9  126 126 G G C . n 
C 1 10 C 10 127 127 C C C . n 
C 1 11 C 11 128 128 C C C . n 
C 1 12 A 12 129 129 A A C . n 
C 1 13 G 13 130 130 G G C . n 
D 2 1  G 1  139 139 G G D . n 
D 2 2  C 2  140 140 C C D . n 
D 2 3  U 3  141 141 U U D . n 
D 2 4  G 4  142 142 G G D . n 
D 2 5  G 5  143 143 G G D . n 
D 2 6  G 6  144 144 G G D . n 
D 2 7  A 7  145 145 A A D . n 
D 2 8  G 8  146 146 G G D . n 
D 2 9  U 9  147 147 U U D . n 
D 2 10 C 10 148 148 C C D . n 
D 2 11 C 11 149 149 C C D . n 
# 
loop_
_pdbx_nonpoly_scheme.asym_id 
_pdbx_nonpoly_scheme.entity_id 
_pdbx_nonpoly_scheme.mon_id 
_pdbx_nonpoly_scheme.ndb_seq_num 
_pdbx_nonpoly_scheme.pdb_seq_num 
_pdbx_nonpoly_scheme.auth_seq_num 
_pdbx_nonpoly_scheme.pdb_mon_id 
_pdbx_nonpoly_scheme.auth_mon_id 
_pdbx_nonpoly_scheme.pdb_strand_id 
_pdbx_nonpoly_scheme.pdb_ins_code 
E 3 MG 1 150 150 MG MG A . 
F 3 MG 1 151 151 MG MG A . 
# 
loop_
_software.name 
_software.classification 
_software.version 
_software.citation_id 
_software.pdbx_ordinal 
SHARP     phasing          . ? 1 
CNS       refinement       . ? 2 
DENZO     'data reduction' . ? 3 
SCALEPACK 'data scaling'   . ? 4 
# 
_cell.entry_id           429D 
_cell.length_a           60.400 
_cell.length_b           60.400 
_cell.length_c           133.100 
_cell.angle_alpha        90.00 
_cell.angle_beta         90.00 
_cell.angle_gamma        120.00 
_cell.Z_PDB              24 
_cell.pdbx_unique_axis   ? 
# 
_symmetry.entry_id                         429D 
_symmetry.space_group_name_H-M             'P 61 2 2' 
_symmetry.pdbx_full_space_group_name_H-M   ? 
_symmetry.cell_setting                     hexagonal 
_symmetry.Int_Tables_number                178 
# 
_exptl.entry_id          429D 
_exptl.method            'X-RAY DIFFRACTION' 
_exptl.crystals_number   1 
# 
_exptl_crystal.id                    1 
_exptl_crystal.density_meas          ? 
_exptl_crystal.density_Matthews      2.26 
_exptl_crystal.density_percent_sol   45.2 
_exptl_crystal.description           ? 
# 
_exptl_crystal_grow.crystal_id      1 
_exptl_crystal_grow.method          'VAPOR DIFFUSION, HANGING DROP' 
_exptl_crystal_grow.temp            293.0 
_exptl_crystal_grow.temp_details    ? 
_exptl_crystal_grow.pH              6.0 
_exptl_crystal_grow.pdbx_details    'pH 6.0, VAPOR DIFFUSION, HANGING DROP, temperature 293.0K' 
_exptl_crystal_grow.pdbx_pH_range   ? 
# 
loop_
_exptl_crystal_grow_comp.crystal_id 
_exptl_crystal_grow_comp.id 
_exptl_crystal_grow_comp.sol_id 
_exptl_crystal_grow_comp.name 
_exptl_crystal_grow_comp.volume 
_exptl_crystal_grow_comp.conc 
_exptl_crystal_grow_comp.details 
1 1 1 'MAGNESIUM ACETATE' ? ? ? 
1 2 1 'SODIUM CACODYLATE' ? ? ? 
1 3 1 SPERMINE            ? ? ? 
1 4 1 MPD                 ? ? ? 
1 5 2 MPD                 ? ? ? 
# 
_diffrn.id                     1 
_diffrn.ambient_temp           100.0 
_diffrn.ambient_temp_details   ? 
_diffrn.crystal_id             1 
# 
_diffrn_detector.diffrn_id              1 
_diffrn_detector.detector               'IMAGE PLATE' 
_diffrn_detector.type                   MARRESEARCH 
_diffrn_detector.pdbx_collection_date   1998-05-07 
_diffrn_detector.details                ? 
# 
_diffrn_radiation.diffrn_id                        1 
_diffrn_radiation.wavelength_id                    1 
_diffrn_radiation.pdbx_monochromatic_or_laue_m_l   M 
_diffrn_radiation.monochromator                    'CYCLINDRICALLY BENT TRIANGULAR SI(111) ASYMMETRIC CUT, HORIZONTAL FOCUS' 
_diffrn_radiation.pdbx_diffrn_protocol             'SINGLE WAVELENGTH' 
_diffrn_radiation.pdbx_scattering_type             x-ray 
# 
_diffrn_radiation_wavelength.id           1 
_diffrn_radiation_wavelength.wavelength   0.980 
_diffrn_radiation_wavelength.wt           1.0 
# 
_diffrn_source.diffrn_id                   1 
_diffrn_source.source                      SYNCHROTRON 
_diffrn_source.type                        'SSRL BEAMLINE BL7-1' 
_diffrn_source.pdbx_synchrotron_site       SSRL 
_diffrn_source.pdbx_synchrotron_beamline   BL7-1 
_diffrn_source.pdbx_wavelength             0.980 
_diffrn_source.pdbx_wavelength_list        ? 
# 
_reflns.entry_id                     429D 
_reflns.observed_criterion_sigma_I   -3.0 
_reflns.observed_criterion_sigma_F   0.0 
_reflns.d_resolution_low             25.0 
_reflns.d_resolution_high            2.70 
_reflns.number_obs                   4416 
_reflns.number_all                   4416 
_reflns.percent_possible_obs         96.6 
_reflns.pdbx_Rmerge_I_obs            0.0640000 
_reflns.pdbx_Rsym_value              ? 
_reflns.pdbx_netI_over_sigmaI        ? 
_reflns.B_iso_Wilson_estimate        ? 
_reflns.pdbx_redundancy              5.0 
_reflns.pdbx_diffrn_id               1 
_reflns.pdbx_ordinal                 1 
# 
_reflns_shell.d_res_high             2.70 
_reflns_shell.d_res_low              2.75 
_reflns_shell.percent_possible_all   55.4 
_reflns_shell.Rmerge_I_obs           0.2100000 
_reflns_shell.pdbx_Rsym_value        ? 
_reflns_shell.meanI_over_sigI_obs    ? 
_reflns_shell.pdbx_redundancy        3.0 
_reflns_shell.pdbx_diffrn_id         ? 
_reflns_shell.pdbx_ordinal           1 
# 
_refine.entry_id                                 429D 
_refine.ls_number_reflns_obs                     4169 
_refine.ls_number_reflns_all                     ? 
_refine.pdbx_ls_sigma_I                          ? 
_refine.pdbx_ls_sigma_F                          ? 
_refine.pdbx_data_cutoff_high_absF               10000. 
_refine.pdbx_data_cutoff_low_absF                0.0 
_refine.pdbx_data_cutoff_high_rms_absF           ? 
_refine.ls_d_res_low                             25.0 
_refine.ls_d_res_high                            2.70 
_refine.ls_percent_reflns_obs                    95.7 
_refine.ls_R_factor_obs                          0.2550000 
_refine.ls_R_factor_all                          ? 
_refine.ls_R_factor_R_work                       0.2550000 
_refine.ls_R_factor_R_free                       0.2746000 
_refine.ls_R_factor_R_free_error                 ? 
_refine.ls_R_factor_R_free_error_details         ? 
_refine.ls_percent_reflns_R_free                 9.6 
_refine.ls_number_reflns_R_free                  417 
_refine.ls_number_parameters                     ? 
_refine.ls_number_restraints                     ? 
_refine.occupancy_min                            ? 
_refine.occupancy_max                            ? 
_refine.B_iso_mean                               ? 
_refine.aniso_B[1][1]                            ? 
_refine.aniso_B[2][2]                            ? 
_refine.aniso_B[3][3]                            ? 
_refine.aniso_B[1][2]                            ? 
_refine.aniso_B[1][3]                            ? 
_refine.aniso_B[2][3]                            ? 
_refine.solvent_model_details                    ? 
_refine.solvent_model_param_ksol                 ? 
_refine.solvent_model_param_bsol                 ? 
_refine.pdbx_ls_cross_valid_method               THROUGHOUT 
_refine.details                                  ? 
_refine.pdbx_starting_model                      ? 
_refine.pdbx_method_to_determine_struct          'MAD PHASING USING 5 HEAVY ATOM DERIVATIVES (INCLUDING PB(II))' 
_refine.pdbx_isotropic_thermal_model             ? 
_refine.pdbx_stereochemistry_target_values       ? 
_refine.pdbx_stereochem_target_val_spec_case     ? 
_refine.pdbx_R_Free_selection_details            'RANDOM SELECTION' 
_refine.pdbx_overall_ESU_R                       ? 
_refine.pdbx_overall_ESU_R_Free                  ? 
_refine.overall_SU_ML                            ? 
_refine.overall_SU_B                             ? 
_refine.pdbx_refine_id                           'X-RAY DIFFRACTION' 
_refine.pdbx_diffrn_id                           1 
_refine.pdbx_TLS_residual_ADP_flag               ? 
_refine.correlation_coeff_Fo_to_Fc               ? 
_refine.correlation_coeff_Fo_to_Fc_free          ? 
_refine.pdbx_solvent_vdw_probe_radii             ? 
_refine.pdbx_solvent_ion_probe_radii             ? 
_refine.pdbx_solvent_shrinkage_radii             ? 
_refine.pdbx_overall_phase_error                 ? 
_refine.overall_SU_R_Cruickshank_DPI             ? 
_refine.pdbx_overall_SU_R_free_Cruickshank_DPI   ? 
_refine.pdbx_overall_SU_R_Blow_DPI               ? 
_refine.pdbx_overall_SU_R_free_Blow_DPI          ? 
# 
_refine_analyze.entry_id                        429D 
_refine_analyze.Luzzati_coordinate_error_obs    0.50 
_refine_analyze.Luzzati_sigma_a_obs             0.26 
_refine_analyze.Luzzati_d_res_low_obs           25.0 
_refine_analyze.Luzzati_coordinate_error_free   0.50 
_refine_analyze.Luzzati_sigma_a_free            0.36 
_refine_analyze.Luzzati_d_res_low_free          25.0 
_refine_analyze.number_disordered_residues      ? 
_refine_analyze.occupancy_sum_hydrogen          ? 
_refine_analyze.occupancy_sum_non_hydrogen      ? 
_refine_analyze.pdbx_refine_id                  'X-RAY DIFFRACTION' 
# 
_refine_hist.pdbx_refine_id                   'X-RAY DIFFRACTION' 
_refine_hist.cycle_id                         LAST 
_refine_hist.pdbx_number_atoms_protein        0 
_refine_hist.pdbx_number_atoms_nucleic_acid   1024 
_refine_hist.pdbx_number_atoms_ligand         2 
_refine_hist.number_atoms_solvent             0 
_refine_hist.number_atoms_total               1026 
_refine_hist.d_res_high                       2.70 
_refine_hist.d_res_low                        25.0 
# 
loop_
_refine_ls_restr.type 
_refine_ls_restr.dev_ideal 
_refine_ls_restr.dev_ideal_target 
_refine_ls_restr.weight 
_refine_ls_restr.number 
_refine_ls_restr.pdbx_refine_id 
_refine_ls_restr.pdbx_restraint_function 
c_bond_d                0.0092 ? ? ? 'X-RAY DIFFRACTION' ? 
c_bond_d_na             ?      ? ? ? 'X-RAY DIFFRACTION' ? 
c_bond_d_prot           ?      ? ? ? 'X-RAY DIFFRACTION' ? 
c_angle_d               ?      ? ? ? 'X-RAY DIFFRACTION' ? 
c_angle_d_na            ?      ? ? ? 'X-RAY DIFFRACTION' ? 
c_angle_d_prot          ?      ? ? ? 'X-RAY DIFFRACTION' ? 
c_angle_deg             1.419  ? ? ? 'X-RAY DIFFRACTION' ? 
c_angle_deg_na          ?      ? ? ? 'X-RAY DIFFRACTION' ? 
c_angle_deg_prot        ?      ? ? ? 'X-RAY DIFFRACTION' ? 
c_dihedral_angle_d      ?      ? ? ? 'X-RAY DIFFRACTION' ? 
c_dihedral_angle_d_na   ?      ? ? ? 'X-RAY DIFFRACTION' ? 
c_dihedral_angle_d_prot ?      ? ? ? 'X-RAY DIFFRACTION' ? 
c_improper_angle_d      0.913  ? ? ? 'X-RAY DIFFRACTION' ? 
c_improper_angle_d_na   ?      ? ? ? 'X-RAY DIFFRACTION' ? 
c_improper_angle_d_prot ?      ? ? ? 'X-RAY DIFFRACTION' ? 
c_mcbond_it             ?      ? ? ? 'X-RAY DIFFRACTION' ? 
c_mcangle_it            ?      ? ? ? 'X-RAY DIFFRACTION' ? 
c_scbond_it             ?      ? ? ? 'X-RAY DIFFRACTION' ? 
c_scangle_it            ?      ? ? ? 'X-RAY DIFFRACTION' ? 
# 
_refine_ls_shell.pdbx_total_number_of_bins_used   10 
_refine_ls_shell.d_res_high                       2.70 
_refine_ls_shell.d_res_low                        2.80 
_refine_ls_shell.number_reflns_R_work             316 
_refine_ls_shell.R_factor_R_work                  0.3900000 
_refine_ls_shell.percent_reflns_obs               80.0 
_refine_ls_shell.R_factor_R_free                  0.4200000 
_refine_ls_shell.R_factor_R_free_error            ? 
_refine_ls_shell.percent_reflns_R_free            6.7 
_refine_ls_shell.number_reflns_R_free             28 
_refine_ls_shell.pdbx_refine_id                   'X-RAY DIFFRACTION' 
_refine_ls_shell.number_reflns_all                ? 
_refine_ls_shell.R_factor_all                     ? 
# 
_pdbx_xplor_file.serial_no        1 
_pdbx_xplor_file.param_file       DNA-RNA-ALLATOM.PARAM 
_pdbx_xplor_file.topol_file       ? 
_pdbx_xplor_file.pdbx_refine_id   'X-RAY DIFFRACTION' 
# 
_struct.entry_id                  429D 
_struct.title                     'CRYSTAL STRUCTURE OF A LEADZYME; METAL BINDING AND IMPLICATIONS FOR CATALYSIS' 
_struct.pdbx_model_details        ? 
_struct.pdbx_CASP_flag            ? 
_struct.pdbx_model_type_details   ? 
# 
_struct_keywords.entry_id        429D 
_struct_keywords.pdbx_keywords   RNA 
_struct_keywords.text            'LEADZYME, LEAD-DEPENDENT CLEAVAGE, TRNA INTERNAL LOOP, RNA, BULGED NUCLEOTIDES' 
# 
loop_
_struct_asym.id 
_struct_asym.pdbx_blank_PDB_chainid_flag 
_struct_asym.pdbx_modified 
_struct_asym.entity_id 
_struct_asym.details 
A N N 1 ? 
B N N 2 ? 
C N N 1 ? 
D N N 2 ? 
E N N 3 ? 
F N N 3 ? 
# 
loop_
_struct_ref.id 
_struct_ref.entity_id 
_struct_ref.db_name 
_struct_ref.db_code 
_struct_ref.pdbx_db_accession 
_struct_ref.pdbx_db_isoform 
_struct_ref.pdbx_seq_one_letter_code 
_struct_ref.pdbx_align_begin 
1 1 PDB 429D 429D ? ? ? 
2 2 PDB 429D 429D ? ? ? 
# 
loop_
_struct_ref_seq.align_id 
_struct_ref_seq.ref_id 
_struct_ref_seq.pdbx_PDB_id_code 
_struct_ref_seq.pdbx_strand_id 
_struct_ref_seq.seq_align_beg 
_struct_ref_seq.pdbx_seq_align_beg_ins_code 
_struct_ref_seq.seq_align_end 
_struct_ref_seq.pdbx_seq_align_end_ins_code 
_struct_ref_seq.pdbx_db_accession 
_struct_ref_seq.db_align_beg 
_struct_ref_seq.pdbx_db_align_beg_ins_code 
_struct_ref_seq.db_align_end 
_struct_ref_seq.pdbx_db_align_end_ins_code 
_struct_ref_seq.pdbx_auth_seq_align_beg 
_struct_ref_seq.pdbx_auth_seq_align_end 
1 1 429D A 1 ? 13 ? 429D 18  ? 30  ? 18  30  
2 2 429D B 1 ? 11 ? 429D 39  ? 49  ? 39  49  
3 1 429D C 1 ? 13 ? 429D 118 ? 130 ? 118 130 
4 2 429D D 1 ? 11 ? 429D 139 ? 149 ? 139 149 
# 
loop_
_pdbx_struct_assembly.id 
_pdbx_struct_assembly.details 
_pdbx_struct_assembly.method_details 
_pdbx_struct_assembly.oligomeric_details 
_pdbx_struct_assembly.oligomeric_count 
1 author_defined_assembly ? dimeric 2 
2 author_defined_assembly ? dimeric 2 
# 
loop_
_pdbx_struct_assembly_gen.assembly_id 
_pdbx_struct_assembly_gen.oper_expression 
_pdbx_struct_assembly_gen.asym_id_list 
1 1 A,B,E,F 
2 1 C,D     
# 
_pdbx_struct_oper_list.id                   1 
_pdbx_struct_oper_list.type                 'identity operation' 
_pdbx_struct_oper_list.name                 1_555 
_pdbx_struct_oper_list.symmetry_operation   x,y,z 
_pdbx_struct_oper_list.matrix[1][1]         1.0000000000 
_pdbx_struct_oper_list.matrix[1][2]         0.0000000000 
_pdbx_struct_oper_list.matrix[1][3]         0.0000000000 
_pdbx_struct_oper_list.vector[1]            0.0000000000 
_pdbx_struct_oper_list.matrix[2][1]         0.0000000000 
_pdbx_struct_oper_list.matrix[2][2]         1.0000000000 
_pdbx_struct_oper_list.matrix[2][3]         0.0000000000 
_pdbx_struct_oper_list.vector[2]            0.0000000000 
_pdbx_struct_oper_list.matrix[3][1]         0.0000000000 
_pdbx_struct_oper_list.matrix[3][2]         0.0000000000 
_pdbx_struct_oper_list.matrix[3][3]         1.0000000000 
_pdbx_struct_oper_list.vector[3]            0.0000000000 
# 
loop_
_struct_biol.id 
1 
2 
# 
loop_
_struct_conn.id 
_struct_conn.conn_type_id 
_struct_conn.pdbx_leaving_atom_flag 
_struct_conn.pdbx_PDB_id 
_struct_conn.ptnr1_label_asym_id 
_struct_conn.ptnr1_label_comp_id 
_struct_conn.ptnr1_label_seq_id 
_struct_conn.ptnr1_label_atom_id 
_struct_conn.pdbx_ptnr1_label_alt_id 
_struct_conn.pdbx_ptnr1_PDB_ins_code 
_struct_conn.pdbx_ptnr1_standard_comp_id 
_struct_conn.ptnr1_symmetry 
_struct_conn.ptnr2_label_asym_id 
_struct_conn.ptnr2_label_comp_id 
_struct_conn.ptnr2_label_seq_id 
_struct_conn.ptnr2_label_atom_id 
_struct_conn.pdbx_ptnr2_label_alt_id 
_struct_conn.pdbx_ptnr2_PDB_ins_code 
_struct_conn.ptnr1_auth_asym_id 
_struct_conn.ptnr1_auth_comp_id 
_struct_conn.ptnr1_auth_seq_id 
_struct_conn.ptnr2_auth_asym_id 
_struct_conn.ptnr2_auth_comp_id 
_struct_conn.ptnr2_auth_seq_id 
_struct_conn.ptnr2_symmetry 
_struct_conn.pdbx_ptnr3_label_atom_id 
_struct_conn.pdbx_ptnr3_label_seq_id 
_struct_conn.pdbx_ptnr3_label_comp_id 
_struct_conn.pdbx_ptnr3_label_asym_id 
_struct_conn.pdbx_ptnr3_label_alt_id 
_struct_conn.pdbx_ptnr3_PDB_ins_code 
_struct_conn.details 
_struct_conn.pdbx_dist_value 
_struct_conn.pdbx_value_order 
_struct_conn.pdbx_role 
hydrog1  hydrog ? ? A G 2  N1 ? ? ? 1_555 B C 11 N3 ? ? A G 19  B C 49  1_555 ? ? ? ? ? ? WATSON-CRICK  ? ? ? 
hydrog2  hydrog ? ? A G 2  N2 ? ? ? 1_555 B C 11 O2 ? ? A G 19  B C 49  1_555 ? ? ? ? ? ? WATSON-CRICK  ? ? ? 
hydrog3  hydrog ? ? A G 2  O6 ? ? ? 1_555 B C 11 N4 ? ? A G 19  B C 49  1_555 ? ? ? ? ? ? WATSON-CRICK  ? ? ? 
hydrog4  hydrog ? ? A G 3  N1 ? ? ? 1_555 B C 10 N3 ? ? A G 20  B C 48  1_555 ? ? ? ? ? ? WATSON-CRICK  ? ? ? 
hydrog5  hydrog ? ? A G 3  N2 ? ? ? 1_555 B C 10 O2 ? ? A G 20  B C 48  1_555 ? ? ? ? ? ? WATSON-CRICK  ? ? ? 
hydrog6  hydrog ? ? A G 3  O6 ? ? ? 1_555 B C 10 N4 ? ? A G 20  B C 48  1_555 ? ? ? ? ? ? WATSON-CRICK  ? ? ? 
hydrog7  hydrog ? ? A A 4  N1 ? ? ? 1_555 B U 9  N3 ? ? A A 21  B U 47  1_555 ? ? ? ? ? ? WATSON-CRICK  ? ? ? 
hydrog8  hydrog ? ? A A 4  N6 ? ? ? 1_555 B U 9  O4 ? ? A A 21  B U 47  1_555 ? ? ? ? ? ? WATSON-CRICK  ? ? ? 
hydrog9  hydrog ? ? A C 5  N3 ? ? ? 1_555 B G 8  N1 ? ? A C 22  B G 46  1_555 ? ? ? ? ? ? WATSON-CRICK  ? ? ? 
hydrog10 hydrog ? ? A C 5  N4 ? ? ? 1_555 B G 8  O6 ? ? A C 22  B G 46  1_555 ? ? ? ? ? ? WATSON-CRICK  ? ? ? 
hydrog11 hydrog ? ? A C 5  O2 ? ? ? 1_555 B G 8  N2 ? ? A C 22  B G 46  1_555 ? ? ? ? ? ? WATSON-CRICK  ? ? ? 
hydrog12 hydrog ? ? A C 6  O2 ? ? ? 1_555 B A 7  N6 ? ? A C 23  B A 45  1_555 ? ? ? ? ? ? 'C-A MISPAIR' ? ? ? 
hydrog13 hydrog ? ? A C 10 N3 ? ? ? 1_555 B G 5  N1 ? ? A C 27  B G 43  1_555 ? ? ? ? ? ? WATSON-CRICK  ? ? ? 
hydrog14 hydrog ? ? A C 10 N4 ? ? ? 1_555 B G 5  O6 ? ? A C 27  B G 43  1_555 ? ? ? ? ? ? WATSON-CRICK  ? ? ? 
hydrog15 hydrog ? ? A C 10 O2 ? ? ? 1_555 B G 5  N2 ? ? A C 27  B G 43  1_555 ? ? ? ? ? ? WATSON-CRICK  ? ? ? 
hydrog16 hydrog ? ? A C 11 N3 ? ? ? 1_555 B G 4  N1 ? ? A C 28  B G 42  1_555 ? ? ? ? ? ? WATSON-CRICK  ? ? ? 
hydrog17 hydrog ? ? A C 11 N4 ? ? ? 1_555 B G 4  O6 ? ? A C 28  B G 42  1_555 ? ? ? ? ? ? WATSON-CRICK  ? ? ? 
hydrog18 hydrog ? ? A C 11 O2 ? ? ? 1_555 B G 4  N2 ? ? A C 28  B G 42  1_555 ? ? ? ? ? ? WATSON-CRICK  ? ? ? 
hydrog19 hydrog ? ? A A 12 N1 ? ? ? 1_555 B U 3  N3 ? ? A A 29  B U 41  1_555 ? ? ? ? ? ? WATSON-CRICK  ? ? ? 
hydrog20 hydrog ? ? A A 12 N6 ? ? ? 1_555 B U 3  O4 ? ? A A 29  B U 41  1_555 ? ? ? ? ? ? WATSON-CRICK  ? ? ? 
hydrog21 hydrog ? ? A G 13 N1 ? ? ? 1_555 B C 2  N3 ? ? A G 30  B C 40  1_555 ? ? ? ? ? ? WATSON-CRICK  ? ? ? 
hydrog22 hydrog ? ? A G 13 N2 ? ? ? 1_555 B C 2  O2 ? ? A G 30  B C 40  1_555 ? ? ? ? ? ? WATSON-CRICK  ? ? ? 
hydrog23 hydrog ? ? A G 13 O6 ? ? ? 1_555 B C 2  N4 ? ? A G 30  B C 40  1_555 ? ? ? ? ? ? WATSON-CRICK  ? ? ? 
hydrog24 hydrog ? ? C G 2  N1 ? ? ? 1_555 D C 11 N3 ? ? C G 119 D C 149 1_555 ? ? ? ? ? ? WATSON-CRICK  ? ? ? 
hydrog25 hydrog ? ? C G 2  N2 ? ? ? 1_555 D C 11 O2 ? ? C G 119 D C 149 1_555 ? ? ? ? ? ? WATSON-CRICK  ? ? ? 
hydrog26 hydrog ? ? C G 2  O6 ? ? ? 1_555 D C 11 N4 ? ? C G 119 D C 149 1_555 ? ? ? ? ? ? WATSON-CRICK  ? ? ? 
hydrog27 hydrog ? ? C G 3  N1 ? ? ? 1_555 D C 10 N3 ? ? C G 120 D C 148 1_555 ? ? ? ? ? ? WATSON-CRICK  ? ? ? 
hydrog28 hydrog ? ? C G 3  N2 ? ? ? 1_555 D C 10 O2 ? ? C G 120 D C 148 1_555 ? ? ? ? ? ? WATSON-CRICK  ? ? ? 
hydrog29 hydrog ? ? C G 3  O6 ? ? ? 1_555 D C 10 N4 ? ? C G 120 D C 148 1_555 ? ? ? ? ? ? WATSON-CRICK  ? ? ? 
hydrog30 hydrog ? ? C A 4  N1 ? ? ? 1_555 D U 9  N3 ? ? C A 121 D U 147 1_555 ? ? ? ? ? ? WATSON-CRICK  ? ? ? 
hydrog31 hydrog ? ? C A 4  N6 ? ? ? 1_555 D U 9  O4 ? ? C A 121 D U 147 1_555 ? ? ? ? ? ? WATSON-CRICK  ? ? ? 
hydrog32 hydrog ? ? C C 5  N3 ? ? ? 1_555 D G 8  N1 ? ? C C 122 D G 146 1_555 ? ? ? ? ? ? WATSON-CRICK  ? ? ? 
hydrog33 hydrog ? ? C C 5  N4 ? ? ? 1_555 D G 8  O6 ? ? C C 122 D G 146 1_555 ? ? ? ? ? ? WATSON-CRICK  ? ? ? 
hydrog34 hydrog ? ? C C 5  O2 ? ? ? 1_555 D G 8  N2 ? ? C C 122 D G 146 1_555 ? ? ? ? ? ? WATSON-CRICK  ? ? ? 
hydrog35 hydrog ? ? C C 6  O2 ? ? ? 1_555 D A 7  N6 ? ? C C 123 D A 145 1_555 ? ? ? ? ? ? 'C-A MISPAIR' ? ? ? 
hydrog36 hydrog ? ? C C 10 N3 ? ? ? 1_555 D G 5  N1 ? ? C C 127 D G 143 1_555 ? ? ? ? ? ? WATSON-CRICK  ? ? ? 
hydrog37 hydrog ? ? C C 10 N4 ? ? ? 1_555 D G 5  O6 ? ? C C 127 D G 143 1_555 ? ? ? ? ? ? WATSON-CRICK  ? ? ? 
hydrog38 hydrog ? ? C C 10 O2 ? ? ? 1_555 D G 5  N2 ? ? C C 127 D G 143 1_555 ? ? ? ? ? ? WATSON-CRICK  ? ? ? 
hydrog39 hydrog ? ? C C 11 N3 ? ? ? 1_555 D G 4  N1 ? ? C C 128 D G 142 1_555 ? ? ? ? ? ? WATSON-CRICK  ? ? ? 
hydrog40 hydrog ? ? C C 11 N4 ? ? ? 1_555 D G 4  O6 ? ? C C 128 D G 142 1_555 ? ? ? ? ? ? WATSON-CRICK  ? ? ? 
hydrog41 hydrog ? ? C C 11 O2 ? ? ? 1_555 D G 4  N2 ? ? C C 128 D G 142 1_555 ? ? ? ? ? ? WATSON-CRICK  ? ? ? 
hydrog42 hydrog ? ? C A 12 N1 ? ? ? 1_555 D U 3  N3 ? ? C A 129 D U 141 1_555 ? ? ? ? ? ? WATSON-CRICK  ? ? ? 
hydrog43 hydrog ? ? C A 12 N6 ? ? ? 1_555 D U 3  O4 ? ? C A 129 D U 141 1_555 ? ? ? ? ? ? WATSON-CRICK  ? ? ? 
hydrog44 hydrog ? ? C G 13 N1 ? ? ? 1_555 D C 2  N3 ? ? C G 130 D C 140 1_555 ? ? ? ? ? ? WATSON-CRICK  ? ? ? 
hydrog45 hydrog ? ? C G 13 N2 ? ? ? 1_555 D C 2  O2 ? ? C G 130 D C 140 1_555 ? ? ? ? ? ? WATSON-CRICK  ? ? ? 
hydrog46 hydrog ? ? C G 13 O6 ? ? ? 1_555 D C 2  N4 ? ? C G 130 D C 140 1_555 ? ? ? ? ? ? WATSON-CRICK  ? ? ? 
# 
_struct_conn_type.id          hydrog 
_struct_conn_type.criteria    ? 
_struct_conn_type.reference   ? 
# 
_pdbx_validate_planes.id              1 
_pdbx_validate_planes.PDB_model_num   1 
_pdbx_validate_planes.auth_comp_id    G 
_pdbx_validate_planes.auth_asym_id    C 
_pdbx_validate_planes.auth_seq_id     126 
_pdbx_validate_planes.PDB_ins_code    ? 
_pdbx_validate_planes.label_alt_id    ? 
_pdbx_validate_planes.rmsd            0.061 
_pdbx_validate_planes.type            'SIDE CHAIN' 
# 
loop_
_chem_comp_atom.comp_id 
_chem_comp_atom.atom_id 
_chem_comp_atom.type_symbol 
_chem_comp_atom.pdbx_aromatic_flag 
_chem_comp_atom.pdbx_stereo_config 
_chem_comp_atom.pdbx_ordinal 
A  OP3    O  N N 1   
A  P      P  N N 2   
A  OP1    O  N N 3   
A  OP2    O  N N 4   
A  "O5'"  O  N N 5   
A  "C5'"  C  N N 6   
A  "C4'"  C  N R 7   
A  "O4'"  O  N N 8   
A  "C3'"  C  N S 9   
A  "O3'"  O  N N 10  
A  "C2'"  C  N R 11  
A  "O2'"  O  N N 12  
A  "C1'"  C  N R 13  
A  N9     N  Y N 14  
A  C8     C  Y N 15  
A  N7     N  Y N 16  
A  C5     C  Y N 17  
A  C6     C  Y N 18  
A  N6     N  N N 19  
A  N1     N  Y N 20  
A  C2     C  Y N 21  
A  N3     N  Y N 22  
A  C4     C  Y N 23  
A  HOP3   H  N N 24  
A  HOP2   H  N N 25  
A  "H5'"  H  N N 26  
A  "H5''" H  N N 27  
A  "H4'"  H  N N 28  
A  "H3'"  H  N N 29  
A  "HO3'" H  N N 30  
A  "H2'"  H  N N 31  
A  "HO2'" H  N N 32  
A  "H1'"  H  N N 33  
A  H8     H  N N 34  
A  H61    H  N N 35  
A  H62    H  N N 36  
A  H2     H  N N 37  
C  OP3    O  N N 38  
C  P      P  N N 39  
C  OP1    O  N N 40  
C  OP2    O  N N 41  
C  "O5'"  O  N N 42  
C  "C5'"  C  N N 43  
C  "C4'"  C  N R 44  
C  "O4'"  O  N N 45  
C  "C3'"  C  N S 46  
C  "O3'"  O  N N 47  
C  "C2'"  C  N R 48  
C  "O2'"  O  N N 49  
C  "C1'"  C  N R 50  
C  N1     N  N N 51  
C  C2     C  N N 52  
C  O2     O  N N 53  
C  N3     N  N N 54  
C  C4     C  N N 55  
C  N4     N  N N 56  
C  C5     C  N N 57  
C  C6     C  N N 58  
C  HOP3   H  N N 59  
C  HOP2   H  N N 60  
C  "H5'"  H  N N 61  
C  "H5''" H  N N 62  
C  "H4'"  H  N N 63  
C  "H3'"  H  N N 64  
C  "HO3'" H  N N 65  
C  "H2'"  H  N N 66  
C  "HO2'" H  N N 67  
C  "H1'"  H  N N 68  
C  H41    H  N N 69  
C  H42    H  N N 70  
C  H5     H  N N 71  
C  H6     H  N N 72  
G  OP3    O  N N 73  
G  P      P  N N 74  
G  OP1    O  N N 75  
G  OP2    O  N N 76  
G  "O5'"  O  N N 77  
G  "C5'"  C  N N 78  
G  "C4'"  C  N R 79  
G  "O4'"  O  N N 80  
G  "C3'"  C  N S 81  
G  "O3'"  O  N N 82  
G  "C2'"  C  N R 83  
G  "O2'"  O  N N 84  
G  "C1'"  C  N R 85  
G  N9     N  Y N 86  
G  C8     C  Y N 87  
G  N7     N  Y N 88  
G  C5     C  Y N 89  
G  C6     C  N N 90  
G  O6     O  N N 91  
G  N1     N  N N 92  
G  C2     C  N N 93  
G  N2     N  N N 94  
G  N3     N  N N 95  
G  C4     C  Y N 96  
G  HOP3   H  N N 97  
G  HOP2   H  N N 98  
G  "H5'"  H  N N 99  
G  "H5''" H  N N 100 
G  "H4'"  H  N N 101 
G  "H3'"  H  N N 102 
G  "HO3'" H  N N 103 
G  "H2'"  H  N N 104 
G  "HO2'" H  N N 105 
G  "H1'"  H  N N 106 
G  H8     H  N N 107 
G  H1     H  N N 108 
G  H21    H  N N 109 
G  H22    H  N N 110 
MG MG     MG N N 111 
U  OP3    O  N N 112 
U  P      P  N N 113 
U  OP1    O  N N 114 
U  OP2    O  N N 115 
U  "O5'"  O  N N 116 
U  "C5'"  C  N N 117 
U  "C4'"  C  N R 118 
U  "O4'"  O  N N 119 
U  "C3'"  C  N S 120 
U  "O3'"  O  N N 121 
U  "C2'"  C  N R 122 
U  "O2'"  O  N N 123 
U  "C1'"  C  N R 124 
U  N1     N  N N 125 
U  C2     C  N N 126 
U  O2     O  N N 127 
U  N3     N  N N 128 
U  C4     C  N N 129 
U  O4     O  N N 130 
U  C5     C  N N 131 
U  C6     C  N N 132 
U  HOP3   H  N N 133 
U  HOP2   H  N N 134 
U  "H5'"  H  N N 135 
U  "H5''" H  N N 136 
U  "H4'"  H  N N 137 
U  "H3'"  H  N N 138 
U  "HO3'" H  N N 139 
U  "H2'"  H  N N 140 
U  "HO2'" H  N N 141 
U  "H1'"  H  N N 142 
U  H3     H  N N 143 
U  H5     H  N N 144 
U  H6     H  N N 145 
# 
loop_
_chem_comp_bond.comp_id 
_chem_comp_bond.atom_id_1 
_chem_comp_bond.atom_id_2 
_chem_comp_bond.value_order 
_chem_comp_bond.pdbx_aromatic_flag 
_chem_comp_bond.pdbx_stereo_config 
_chem_comp_bond.pdbx_ordinal 
A OP3   P      sing N N 1   
A OP3   HOP3   sing N N 2   
A P     OP1    doub N N 3   
A P     OP2    sing N N 4   
A P     "O5'"  sing N N 5   
A OP2   HOP2   sing N N 6   
A "O5'" "C5'"  sing N N 7   
A "C5'" "C4'"  sing N N 8   
A "C5'" "H5'"  sing N N 9   
A "C5'" "H5''" sing N N 10  
A "C4'" "O4'"  sing N N 11  
A "C4'" "C3'"  sing N N 12  
A "C4'" "H4'"  sing N N 13  
A "O4'" "C1'"  sing N N 14  
A "C3'" "O3'"  sing N N 15  
A "C3'" "C2'"  sing N N 16  
A "C3'" "H3'"  sing N N 17  
A "O3'" "HO3'" sing N N 18  
A "C2'" "O2'"  sing N N 19  
A "C2'" "C1'"  sing N N 20  
A "C2'" "H2'"  sing N N 21  
A "O2'" "HO2'" sing N N 22  
A "C1'" N9     sing N N 23  
A "C1'" "H1'"  sing N N 24  
A N9    C8     sing Y N 25  
A N9    C4     sing Y N 26  
A C8    N7     doub Y N 27  
A C8    H8     sing N N 28  
A N7    C5     sing Y N 29  
A C5    C6     sing Y N 30  
A C5    C4     doub Y N 31  
A C6    N6     sing N N 32  
A C6    N1     doub Y N 33  
A N6    H61    sing N N 34  
A N6    H62    sing N N 35  
A N1    C2     sing Y N 36  
A C2    N3     doub Y N 37  
A C2    H2     sing N N 38  
A N3    C4     sing Y N 39  
C OP3   P      sing N N 40  
C OP3   HOP3   sing N N 41  
C P     OP1    doub N N 42  
C P     OP2    sing N N 43  
C P     "O5'"  sing N N 44  
C OP2   HOP2   sing N N 45  
C "O5'" "C5'"  sing N N 46  
C "C5'" "C4'"  sing N N 47  
C "C5'" "H5'"  sing N N 48  
C "C5'" "H5''" sing N N 49  
C "C4'" "O4'"  sing N N 50  
C "C4'" "C3'"  sing N N 51  
C "C4'" "H4'"  sing N N 52  
C "O4'" "C1'"  sing N N 53  
C "C3'" "O3'"  sing N N 54  
C "C3'" "C2'"  sing N N 55  
C "C3'" "H3'"  sing N N 56  
C "O3'" "HO3'" sing N N 57  
C "C2'" "O2'"  sing N N 58  
C "C2'" "C1'"  sing N N 59  
C "C2'" "H2'"  sing N N 60  
C "O2'" "HO2'" sing N N 61  
C "C1'" N1     sing N N 62  
C "C1'" "H1'"  sing N N 63  
C N1    C2     sing N N 64  
C N1    C6     sing N N 65  
C C2    O2     doub N N 66  
C C2    N3     sing N N 67  
C N3    C4     doub N N 68  
C C4    N4     sing N N 69  
C C4    C5     sing N N 70  
C N4    H41    sing N N 71  
C N4    H42    sing N N 72  
C C5    C6     doub N N 73  
C C5    H5     sing N N 74  
C C6    H6     sing N N 75  
G OP3   P      sing N N 76  
G OP3   HOP3   sing N N 77  
G P     OP1    doub N N 78  
G P     OP2    sing N N 79  
G P     "O5'"  sing N N 80  
G OP2   HOP2   sing N N 81  
G "O5'" "C5'"  sing N N 82  
G "C5'" "C4'"  sing N N 83  
G "C5'" "H5'"  sing N N 84  
G "C5'" "H5''" sing N N 85  
G "C4'" "O4'"  sing N N 86  
G "C4'" "C3'"  sing N N 87  
G "C4'" "H4'"  sing N N 88  
G "O4'" "C1'"  sing N N 89  
G "C3'" "O3'"  sing N N 90  
G "C3'" "C2'"  sing N N 91  
G "C3'" "H3'"  sing N N 92  
G "O3'" "HO3'" sing N N 93  
G "C2'" "O2'"  sing N N 94  
G "C2'" "C1'"  sing N N 95  
G "C2'" "H2'"  sing N N 96  
G "O2'" "HO2'" sing N N 97  
G "C1'" N9     sing N N 98  
G "C1'" "H1'"  sing N N 99  
G N9    C8     sing Y N 100 
G N9    C4     sing Y N 101 
G C8    N7     doub Y N 102 
G C8    H8     sing N N 103 
G N7    C5     sing Y N 104 
G C5    C6     sing N N 105 
G C5    C4     doub Y N 106 
G C6    O6     doub N N 107 
G C6    N1     sing N N 108 
G N1    C2     sing N N 109 
G N1    H1     sing N N 110 
G C2    N2     sing N N 111 
G C2    N3     doub N N 112 
G N2    H21    sing N N 113 
G N2    H22    sing N N 114 
G N3    C4     sing N N 115 
U OP3   P      sing N N 116 
U OP3   HOP3   sing N N 117 
U P     OP1    doub N N 118 
U P     OP2    sing N N 119 
U P     "O5'"  sing N N 120 
U OP2   HOP2   sing N N 121 
U "O5'" "C5'"  sing N N 122 
U "C5'" "C4'"  sing N N 123 
U "C5'" "H5'"  sing N N 124 
U "C5'" "H5''" sing N N 125 
U "C4'" "O4'"  sing N N 126 
U "C4'" "C3'"  sing N N 127 
U "C4'" "H4'"  sing N N 128 
U "O4'" "C1'"  sing N N 129 
U "C3'" "O3'"  sing N N 130 
U "C3'" "C2'"  sing N N 131 
U "C3'" "H3'"  sing N N 132 
U "O3'" "HO3'" sing N N 133 
U "C2'" "O2'"  sing N N 134 
U "C2'" "C1'"  sing N N 135 
U "C2'" "H2'"  sing N N 136 
U "O2'" "HO2'" sing N N 137 
U "C1'" N1     sing N N 138 
U "C1'" "H1'"  sing N N 139 
U N1    C2     sing N N 140 
U N1    C6     sing N N 141 
U C2    O2     doub N N 142 
U C2    N3     sing N N 143 
U N3    C4     sing N N 144 
U N3    H3     sing N N 145 
U C4    O4     doub N N 146 
U C4    C5     sing N N 147 
U C5    C6     doub N N 148 
U C5    H5     sing N N 149 
U C6    H6     sing N N 150 
# 
loop_
_ndb_struct_conf_na.entry_id 
_ndb_struct_conf_na.feature 
429D 'double helix'         
429D 'a-form double helix'  
429D 'mismatched base pair' 
429D 'internal loop'        
# 
loop_
_ndb_struct_na_base_pair.model_number 
_ndb_struct_na_base_pair.i_label_asym_id 
_ndb_struct_na_base_pair.i_label_comp_id 
_ndb_struct_na_base_pair.i_label_seq_id 
_ndb_struct_na_base_pair.i_symmetry 
_ndb_struct_na_base_pair.j_label_asym_id 
_ndb_struct_na_base_pair.j_label_comp_id 
_ndb_struct_na_base_pair.j_label_seq_id 
_ndb_struct_na_base_pair.j_symmetry 
_ndb_struct_na_base_pair.shear 
_ndb_struct_na_base_pair.stretch 
_ndb_struct_na_base_pair.stagger 
_ndb_struct_na_base_pair.buckle 
_ndb_struct_na_base_pair.propeller 
_ndb_struct_na_base_pair.opening 
_ndb_struct_na_base_pair.pair_number 
_ndb_struct_na_base_pair.pair_name 
_ndb_struct_na_base_pair.i_auth_asym_id 
_ndb_struct_na_base_pair.i_auth_seq_id 
_ndb_struct_na_base_pair.i_PDB_ins_code 
_ndb_struct_na_base_pair.j_auth_asym_id 
_ndb_struct_na_base_pair.j_auth_seq_id 
_ndb_struct_na_base_pair.j_PDB_ins_code 
_ndb_struct_na_base_pair.hbond_type_28 
_ndb_struct_na_base_pair.hbond_type_12 
1 A G 2  1_555 B C 11 1_555 0.087  -0.316 0.346  1.009   -15.034 -2.527 1  A_G19:C49_B   A 19  ? B 49  ? 19 1 
1 A G 3  1_555 B C 10 1_555 -0.235 -0.329 0.371  8.987   -10.400 -2.803 2  A_G20:C48_B   A 20  ? B 48  ? 19 1 
1 A A 4  1_555 B U 9  1_555 -0.173 -0.076 0.139  9.232   -17.788 1.987  3  A_A21:U47_B   A 21  ? B 47  ? 20 1 
1 A C 5  1_555 B G 8  1_555 0.664  -0.245 -0.190 -8.323  -26.684 5.982  4  A_C22:G46_B   A 22  ? B 46  ? 19 1 
1 A C 6  1_555 B A 7  1_555 5.858  -1.632 1.215  -25.694 -12.213 -0.298 5  A_C23:A45_B   A 23  ? B 45  ? ?  ? 
1 A C 10 1_555 B G 5  1_555 -0.021 -0.278 0.247  -3.292  -9.208  0.312  6  A_C27:G43_B   A 27  ? B 43  ? 19 1 
1 A C 11 1_555 B G 4  1_555 0.406  -0.252 0.250  -2.308  -14.390 4.435  7  A_C28:G42_B   A 28  ? B 42  ? 19 1 
1 A A 12 1_555 B U 3  1_555 0.359  -0.313 0.056  2.143   -8.850  2.654  8  A_A29:U41_B   A 29  ? B 41  ? 20 1 
1 A G 13 1_555 B C 2  1_555 -0.198 -0.142 -0.338 -8.025  -16.857 -0.154 9  A_G30:C40_B   A 30  ? B 40  ? 19 1 
1 C G 2  1_555 D C 11 1_555 0.024  -0.342 -0.413 -11.020 -9.047  -3.068 10 C_G119:C149_D C 119 ? D 149 ? 19 1 
1 C G 3  1_555 D C 10 1_555 -0.254 -0.312 -0.310 -3.284  -8.282  -1.819 11 C_G120:C148_D C 120 ? D 148 ? 19 1 
1 C A 4  1_555 D U 9  1_555 0.522  -0.117 0.227  -1.216  -11.044 4.835  12 C_A121:U147_D C 121 ? D 147 ? 20 1 
1 C C 5  1_555 D G 8  1_555 0.840  -0.843 0.288  -7.846  -19.840 -0.001 13 C_C122:G146_D C 122 ? D 146 ? 19 1 
1 C C 6  1_555 D A 7  1_555 4.542  -0.860 0.396  -22.990 -17.289 4.436  14 C_C123:A145_D C 123 ? D 145 ? ?  1 
1 C C 10 1_555 D G 5  1_555 0.145  -0.203 -0.042 3.661   -8.753  2.496  15 C_C127:G143_D C 127 ? D 143 ? 19 1 
1 C C 11 1_555 D G 4  1_555 0.401  -0.286 0.285  -2.382  -9.762  0.243  16 C_C128:G142_D C 128 ? D 142 ? 19 1 
1 C A 12 1_555 D U 3  1_555 0.133  -0.332 -0.038 6.827   -5.636  4.136  17 C_A129:U141_D C 129 ? D 141 ? 20 1 
1 C G 13 1_555 D C 2  1_555 -0.537 -0.269 0.080  11.567  -7.279  3.955  18 C_G130:C140_D C 130 ? D 140 ? 19 1 
# 
loop_
_ndb_struct_na_base_pair_step.model_number 
_ndb_struct_na_base_pair_step.i_label_asym_id_1 
_ndb_struct_na_base_pair_step.i_label_comp_id_1 
_ndb_struct_na_base_pair_step.i_label_seq_id_1 
_ndb_struct_na_base_pair_step.i_symmetry_1 
_ndb_struct_na_base_pair_step.j_label_asym_id_1 
_ndb_struct_na_base_pair_step.j_label_comp_id_1 
_ndb_struct_na_base_pair_step.j_label_seq_id_1 
_ndb_struct_na_base_pair_step.j_symmetry_1 
_ndb_struct_na_base_pair_step.i_label_asym_id_2 
_ndb_struct_na_base_pair_step.i_label_comp_id_2 
_ndb_struct_na_base_pair_step.i_label_seq_id_2 
_ndb_struct_na_base_pair_step.i_symmetry_2 
_ndb_struct_na_base_pair_step.j_label_asym_id_2 
_ndb_struct_na_base_pair_step.j_label_comp_id_2 
_ndb_struct_na_base_pair_step.j_label_seq_id_2 
_ndb_struct_na_base_pair_step.j_symmetry_2 
_ndb_struct_na_base_pair_step.shift 
_ndb_struct_na_base_pair_step.slide 
_ndb_struct_na_base_pair_step.rise 
_ndb_struct_na_base_pair_step.tilt 
_ndb_struct_na_base_pair_step.roll 
_ndb_struct_na_base_pair_step.twist 
_ndb_struct_na_base_pair_step.x_displacement 
_ndb_struct_na_base_pair_step.y_displacement 
_ndb_struct_na_base_pair_step.helical_rise 
_ndb_struct_na_base_pair_step.inclination 
_ndb_struct_na_base_pair_step.tip 
_ndb_struct_na_base_pair_step.helical_twist 
_ndb_struct_na_base_pair_step.step_number 
_ndb_struct_na_base_pair_step.step_name 
_ndb_struct_na_base_pair_step.i_auth_asym_id_1 
_ndb_struct_na_base_pair_step.i_auth_seq_id_1 
_ndb_struct_na_base_pair_step.i_PDB_ins_code_1 
_ndb_struct_na_base_pair_step.j_auth_asym_id_1 
_ndb_struct_na_base_pair_step.j_auth_seq_id_1 
_ndb_struct_na_base_pair_step.j_PDB_ins_code_1 
_ndb_struct_na_base_pair_step.i_auth_asym_id_2 
_ndb_struct_na_base_pair_step.i_auth_seq_id_2 
_ndb_struct_na_base_pair_step.i_PDB_ins_code_2 
_ndb_struct_na_base_pair_step.j_auth_asym_id_2 
_ndb_struct_na_base_pair_step.j_auth_seq_id_2 
_ndb_struct_na_base_pair_step.j_PDB_ins_code_2 
1 A G 2  1_555 B C 11 1_555 A G 3  1_555 B C 10 1_555 -0.610 -1.354 3.068 -1.984 8.221  32.043 -3.614 0.772  2.680 14.578 3.518   
33.112 1  AA_G19G20:C48C49_BB     A 19  ? B 49  ? A 20  ? B 48  ? 
1 A G 3  1_555 B C 10 1_555 A A 4  1_555 B U 9  1_555 0.838  -1.361 3.193 2.971  4.205  32.774 -3.064 -0.988 3.061 7.395  -5.226  
33.165 2  AA_G20A21:U47C48_BB     A 20  ? B 48  ? A 21  ? B 47  ? 
1 A A 4  1_555 B U 9  1_555 A C 5  1_555 B G 8  1_555 1.175  -1.723 3.644 11.902 8.671  37.101 -3.649 -0.187 3.381 13.017 -17.867 
39.821 3  AA_A21C22:G46U47_BB     A 21  ? B 47  ? A 22  ? B 46  ? 
1 A C 5  1_555 B G 8  1_555 A C 6  1_555 B A 7  1_555 0.030  -1.299 3.666 1.332  16.549 53.860 -2.388 0.049  3.173 17.799 -1.432  
56.178 4  AA_C22C23:A45G46_BB     A 22  ? B 46  ? A 23  ? B 45  ? 
1 A C 10 1_555 B G 5  1_555 A C 11 1_555 B G 4  1_555 -0.705 -1.452 3.000 1.117  5.171  33.666 -3.204 1.360  2.730 8.860  -1.914  
34.067 5  AA_C27C28:G42G43_BB     A 27  ? B 43  ? A 28  ? B 42  ? 
1 A C 11 1_555 B G 4  1_555 A A 12 1_555 B U 3  1_555 -0.285 -1.708 2.935 -1.038 8.937  28.884 -4.768 0.373  2.323 17.391 2.019   
30.224 6  AA_C28A29:U41G42_BB     A 28  ? B 42  ? A 29  ? B 41  ? 
1 A A 12 1_555 B U 3  1_555 A G 13 1_555 B C 2  1_555 -0.556 -1.374 3.540 2.843  14.424 34.074 -4.097 1.256  2.706 23.315 -4.596  
37.023 7  AA_A29G30:C40U41_BB     A 29  ? B 41  ? A 30  ? B 40  ? 
1 C G 2  1_555 D C 11 1_555 C G 3  1_555 D C 10 1_555 -0.471 -1.101 3.193 -2.782 10.838 28.518 -4.071 0.384  2.641 21.008 5.393   
30.592 8  CC_G119G120:C148C149_DD C 119 ? D 149 ? C 120 ? D 148 ? 
1 C G 3  1_555 D C 10 1_555 C A 4  1_555 D U 9  1_555 0.956  -1.339 3.013 -3.394 7.340  38.413 -2.760 -1.778 2.632 11.007 5.090   
39.224 9  CC_G120A121:U147C148_DD C 120 ? D 148 ? C 121 ? D 147 ? 
1 C A 4  1_555 D U 9  1_555 C C 5  1_555 D G 8  1_555 0.743  -2.195 3.320 7.401  4.963  30.609 -4.897 -0.016 3.029 9.160  -13.661 
31.850 10 CC_A121C122:G146U147_DD C 121 ? D 147 ? C 122 ? D 146 ? 
1 C C 5  1_555 D G 8  1_555 C C 6  1_555 D A 7  1_555 0.498  -1.147 3.465 11.358 15.400 50.470 -2.262 0.182  3.059 17.361 -12.804 
53.753 11 CC_C122C123:A145G146_DD C 122 ? D 146 ? C 123 ? D 145 ? 
1 C C 6  1_555 D A 7  1_555 C C 10 1_555 D G 5  1_555 -3.958 -1.618 5.869 16.088 -2.922 87.985 -1.048 3.391  5.281 -2.088 -11.498 
89.184 12 CC_C123C127:G143A145_DD C 123 ? D 145 ? C 127 ? D 143 ? 
1 C C 10 1_555 D G 5  1_555 C C 11 1_555 D G 4  1_555 -1.027 -2.513 3.338 -3.444 3.880  29.329 -5.694 1.287  3.085 7.589  6.735   
29.774 13 CC_C127C128:G142G143_DD C 127 ? D 143 ? C 128 ? D 142 ? 
1 C C 11 1_555 D G 4  1_555 C A 12 1_555 D U 3  1_555 -0.512 -1.640 2.757 0.877  8.713  26.350 -5.021 1.229  2.099 18.475 -1.859  
27.743 14 CC_C128A129:U141G142_DD C 128 ? D 142 ? C 129 ? D 141 ? 
1 C A 12 1_555 D U 3  1_555 C G 13 1_555 D C 2  1_555 -0.158 -1.906 3.025 -4.301 9.984  29.769 -5.039 -0.375 2.283 18.668 8.041   
31.650 15 CC_A129G130:C140U141_DD C 129 ? D 141 ? C 130 ? D 140 ? 
# 
_atom_sites.entry_id                    429D 
_atom_sites.fract_transf_matrix[1][1]   -0.00208625 
_atom_sites.fract_transf_matrix[1][2]   0.01772182 
_atom_sites.fract_transf_matrix[1][3]   -0.00686006 
_atom_sites.fract_transf_matrix[2][1]   -0.01710719 
_atom_sites.fract_transf_matrix[2][2]   0.00851616 
_atom_sites.fract_transf_matrix[2][3]   0.00056309 
_atom_sites.fract_transf_matrix[3][1]   0.00162358 
_atom_sites.fract_transf_matrix[3][2]   0.00281350 
_atom_sites.fract_transf_matrix[3][3]   0.00677446 
_atom_sites.fract_transf_vector[1]      0.598965 
_atom_sites.fract_transf_vector[2]      0.408874 
_atom_sites.fract_transf_vector[3]      0.304558 
# 
loop_
_atom_type.symbol 
C  
MG 
N  
O  
P  
# 
loop_
_atom_site.group_PDB 
_atom_site.id 
_atom_site.type_symbol 
_atom_site.label_atom_id 
_atom_site.label_alt_id 
_atom_site.label_comp_id 
_atom_site.label_asym_id 
_atom_site.label_entity_id 
_atom_site.label_seq_id 
_atom_site.pdbx_PDB_ins_code 
_atom_site.Cartn_x 
_atom_site.Cartn_y 
_atom_site.Cartn_z 
_atom_site.occupancy 
_atom_site.B_iso_or_equiv 
_atom_site.pdbx_formal_charge 
_atom_site.auth_seq_id 
_atom_site.auth_comp_id 
_atom_site.auth_asym_id 
_atom_site.auth_atom_id 
_atom_site.pdbx_PDB_model_num 
ATOM   1    O  "O5'" . C  A 1 1  ? -14.493 6.060   9.936   1.00 15.82 ? 18  C  A "O5'" 1 
ATOM   2    C  "C5'" . C  A 1 1  ? -15.518 5.429   10.708  1.00 20.67 ? 18  C  A "C5'" 1 
ATOM   3    C  "C4'" . C  A 1 1  ? -15.299 3.934   10.788  1.00 22.08 ? 18  C  A "C4'" 1 
ATOM   4    O  "O4'" . C  A 1 1  ? -15.937 3.275   9.650   1.00 19.57 ? 18  C  A "O4'" 1 
ATOM   5    C  "C3'" . C  A 1 1  ? -13.847 3.485   10.728  1.00 20.06 ? 18  C  A "C3'" 1 
ATOM   6    O  "O3'" . C  A 1 1  ? -13.202 3.622   11.997  1.00 21.76 ? 18  C  A "O3'" 1 
ATOM   7    C  "C2'" . C  A 1 1  ? -13.979 2.049   10.209  1.00 17.81 ? 18  C  A "C2'" 1 
ATOM   8    O  "O2'" . C  A 1 1  ? -14.361 1.096   11.168  1.00 11.18 ? 18  C  A "O2'" 1 
ATOM   9    C  "C1'" . C  A 1 1  ? -15.123 2.202   9.206   1.00 17.51 ? 18  C  A "C1'" 1 
ATOM   10   N  N1    . C  A 1 1  ? -14.618 2.516   7.860   1.00 16.15 ? 18  C  A N1    1 
ATOM   11   C  C2    . C  A 1 1  ? -14.074 1.480   7.108   1.00 15.72 ? 18  C  A C2    1 
ATOM   12   O  O2    . C  A 1 1  ? -14.034 0.334   7.617   1.00 15.75 ? 18  C  A O2    1 
ATOM   13   N  N3    . C  A 1 1  ? -13.611 1.745   5.859   1.00 13.83 ? 18  C  A N3    1 
ATOM   14   C  C4    . C  A 1 1  ? -13.684 2.987   5.369   1.00 14.21 ? 18  C  A C4    1 
ATOM   15   N  N4    . C  A 1 1  ? -13.222 3.207   4.141   1.00 13.88 ? 18  C  A N4    1 
ATOM   16   C  C5    . C  A 1 1  ? -14.231 4.060   6.119   1.00 13.62 ? 18  C  A C5    1 
ATOM   17   C  C6    . C  A 1 1  ? -14.678 3.786   7.350   1.00 15.62 ? 18  C  A C6    1 
ATOM   18   P  P     . G  A 1 2  ? -11.605 3.818   12.068  1.00 21.65 ? 19  G  A P     1 
ATOM   19   O  OP1   . G  A 1 2  ? -11.228 3.904   13.502  1.00 25.38 ? 19  G  A OP1   1 
ATOM   20   O  OP2   . G  A 1 2  ? -11.247 4.941   11.146  1.00 22.66 ? 19  G  A OP2   1 
ATOM   21   O  "O5'" . G  A 1 2  ? -11.035 2.450   11.493  1.00 19.97 ? 19  G  A "O5'" 1 
ATOM   22   C  "C5'" . G  A 1 2  ? -11.266 1.228   12.185  1.00 18.08 ? 19  G  A "C5'" 1 
ATOM   23   C  "C4'" . G  A 1 2  ? -10.698 0.062   11.407  1.00 22.02 ? 19  G  A "C4'" 1 
ATOM   24   O  "O4'" . G  A 1 2  ? -11.382 -0.046  10.119  1.00 21.72 ? 19  G  A "O4'" 1 
ATOM   25   C  "C3'" . G  A 1 2  ? -9.231  0.199   11.015  1.00 22.01 ? 19  G  A "C3'" 1 
ATOM   26   O  "O3'" . G  A 1 2  ? -8.340  -0.166  12.078  1.00 26.13 ? 19  G  A "O3'" 1 
ATOM   27   C  "C2'" . G  A 1 2  ? -9.140  -0.754  9.832   1.00 19.55 ? 19  G  A "C2'" 1 
ATOM   28   O  "O2'" . G  A 1 2  ? -9.135  -2.093  10.263  1.00 18.53 ? 19  G  A "O2'" 1 
ATOM   29   C  "C1'" . G  A 1 2  ? -10.474 -0.518  9.134   1.00 20.72 ? 19  G  A "C1'" 1 
ATOM   30   N  N9    . G  A 1 2  ? -10.434 0.418   8.015   1.00 21.05 ? 19  G  A N9    1 
ATOM   31   C  C8    . G  A 1 2  ? -10.900 1.701   8.003   1.00 21.46 ? 19  G  A C8    1 
ATOM   32   N  N7    . G  A 1 2  ? -10.774 2.284   6.842   1.00 21.92 ? 19  G  A N7    1 
ATOM   33   C  C5    . G  A 1 2  ? -10.166 1.334   6.042   1.00 20.82 ? 19  G  A C5    1 
ATOM   34   C  C6    . G  A 1 2  ? -9.771  1.401   4.685   1.00 21.20 ? 19  G  A C6    1 
ATOM   35   O  O6    . G  A 1 2  ? -9.877  2.356   3.900   1.00 21.84 ? 19  G  A O6    1 
ATOM   36   N  N1    . G  A 1 2  ? -9.197  0.208   4.257   1.00 19.93 ? 19  G  A N1    1 
ATOM   37   C  C2    . G  A 1 2  ? -9.020  -0.904  5.034   1.00 18.57 ? 19  G  A C2    1 
ATOM   38   N  N2    . G  A 1 2  ? -8.449  -1.953  4.438   1.00 16.41 ? 19  G  A N2    1 
ATOM   39   N  N3    . G  A 1 2  ? -9.379  -0.977  6.307   1.00 21.62 ? 19  G  A N3    1 
ATOM   40   C  C4    . G  A 1 2  ? -9.945  0.175   6.744   1.00 21.39 ? 19  G  A C4    1 
ATOM   41   P  P     . G  A 1 3  ? -6.964  0.670   12.322  1.00 26.59 ? 20  G  A P     1 
ATOM   42   O  OP1   . G  A 1 3  ? -6.377  0.219   13.633  1.00 24.07 ? 20  G  A OP1   1 
ATOM   43   O  OP2   . G  A 1 3  ? -7.315  2.125   12.120  1.00 22.86 ? 20  G  A OP2   1 
ATOM   44   O  "O5'" . G  A 1 3  ? -5.951  0.150   11.193  1.00 24.03 ? 20  G  A "O5'" 1 
ATOM   45   C  "C5'" . G  A 1 3  ? -5.254  -1.097  11.367  1.00 24.30 ? 20  G  A "C5'" 1 
ATOM   46   C  "C4'" . G  A 1 3  ? -4.508  -1.545  10.102  1.00 24.35 ? 20  G  A "C4'" 1 
ATOM   47   O  "O4'" . G  A 1 3  ? -5.413  -1.733  8.977   1.00 23.17 ? 20  G  A "O4'" 1 
ATOM   48   C  "C3'" . G  A 1 3  ? -3.433  -0.616  9.557   1.00 24.57 ? 20  G  A "C3'" 1 
ATOM   49   O  "O3'" . G  A 1 3  ? -2.240  -0.781  10.288  1.00 25.05 ? 20  G  A "O3'" 1 
ATOM   50   C  "C2'" . G  A 1 3  ? -3.303  -1.056  8.095   1.00 25.41 ? 20  G  A "C2'" 1 
ATOM   51   O  "O2'" . G  A 1 3  ? -2.382  -2.099  7.791   1.00 26.66 ? 20  G  A "O2'" 1 
ATOM   52   C  "C1'" . G  A 1 3  ? -4.751  -1.420  7.761   1.00 21.88 ? 20  G  A "C1'" 1 
ATOM   53   N  N9    . G  A 1 3  ? -5.429  -0.294  7.143   1.00 19.81 ? 20  G  A N9    1 
ATOM   54   C  C8    . G  A 1 3  ? -6.191  0.653   7.777   1.00 16.64 ? 20  G  A C8    1 
ATOM   55   N  N7    . G  A 1 3  ? -6.612  1.586   6.975   1.00 17.89 ? 20  G  A N7    1 
ATOM   56   C  C5    . G  A 1 3  ? -6.110  1.232   5.731   1.00 18.77 ? 20  G  A C5    1 
ATOM   57   C  C6    . G  A 1 3  ? -6.243  1.876   4.481   1.00 20.68 ? 20  G  A C6    1 
ATOM   58   O  O6    . G  A 1 3  ? -6.847  2.939   4.222   1.00 24.23 ? 20  G  A O6    1 
ATOM   59   N  N1    . G  A 1 3  ? -5.587  1.175   3.470   1.00 19.35 ? 20  G  A N1    1 
ATOM   60   C  C2    . G  A 1 3  ? -4.885  0.004   3.646   1.00 18.07 ? 20  G  A C2    1 
ATOM   61   N  N2    . G  A 1 3  ? -4.325  -0.515  2.540   1.00 17.20 ? 20  G  A N2    1 
ATOM   62   N  N3    . G  A 1 3  ? -4.746  -0.607  4.820   1.00 17.82 ? 20  G  A N3    1 
ATOM   63   C  C4    . G  A 1 3  ? -5.387  0.062   5.811   1.00 19.29 ? 20  G  A C4    1 
ATOM   64   P  P     . A  A 1 4  ? -1.185  0.403   10.327  1.00 24.36 ? 21  A  A P     1 
ATOM   65   O  OP1   . A  A 1 4  ? 0.008   -0.087  11.065  1.00 25.13 ? 21  A  A OP1   1 
ATOM   66   O  OP2   . A  A 1 4  ? -1.935  1.588   10.834  1.00 22.51 ? 21  A  A OP2   1 
ATOM   67   O  "O5'" . A  A 1 4  ? -0.784  0.545   8.795   1.00 21.62 ? 21  A  A "O5'" 1 
ATOM   68   C  "C5'" . A  A 1 4  ? 0.127   -0.377  8.244   1.00 19.68 ? 21  A  A "C5'" 1 
ATOM   69   C  "C4'" . A  A 1 4  ? 0.299   -0.125  6.783   1.00 20.88 ? 21  A  A "C4'" 1 
ATOM   70   O  "O4'" . A  A 1 4  ? -1.000  -0.240  6.146   1.00 23.88 ? 21  A  A "O4'" 1 
ATOM   71   C  "C3'" . A  A 1 4  ? 0.732   1.279   6.418   1.00 20.22 ? 21  A  A "C3'" 1 
ATOM   72   O  "O3'" . A  A 1 4  ? 2.126   1.483   6.538   1.00 25.95 ? 21  A  A "O3'" 1 
ATOM   73   C  "C2'" . A  A 1 4  ? 0.277   1.361   4.979   1.00 20.65 ? 21  A  A "C2'" 1 
ATOM   74   O  "O2'" . A  A 1 4  ? 1.108   0.634   4.096   1.00 19.88 ? 21  A  A "O2'" 1 
ATOM   75   C  "C1'" . A  A 1 4  ? -1.072  0.669   5.067   1.00 21.54 ? 21  A  A "C1'" 1 
ATOM   76   N  N9    . A  A 1 4  ? -2.034  1.705   5.383   1.00 20.26 ? 21  A  A N9    1 
ATOM   77   C  C8    . A  A 1 4  ? -2.539  2.123   6.585   1.00 21.46 ? 21  A  A C8    1 
ATOM   78   N  N7    . A  A 1 4  ? -3.351  3.158   6.483   1.00 20.96 ? 21  A  A N7    1 
ATOM   79   C  C5    . A  A 1 4  ? -3.381  3.417   5.117   1.00 20.76 ? 21  A  A C5    1 
ATOM   80   C  C6    . A  A 1 4  ? -4.052  4.379   4.342   1.00 21.74 ? 21  A  A C6    1 
ATOM   81   N  N6    . A  A 1 4  ? -4.866  5.310   4.842   1.00 22.34 ? 21  A  A N6    1 
ATOM   82   N  N1    . A  A 1 4  ? -3.860  4.348   3.002   1.00 22.36 ? 21  A  A N1    1 
ATOM   83   C  C2    . A  A 1 4  ? -3.057  3.420   2.490   1.00 20.13 ? 21  A  A C2    1 
ATOM   84   N  N3    . A  A 1 4  ? -2.376  2.466   3.112   1.00 20.42 ? 21  A  A N3    1 
ATOM   85   C  C4    . A  A 1 4  ? -2.584  2.523   4.435   1.00 19.86 ? 21  A  A C4    1 
ATOM   86   P  P     . C  A 1 5  ? 2.682   2.908   7.050   1.00 26.25 ? 22  C  A P     1 
ATOM   87   O  OP1   . C  A 1 5  ? 4.124   2.714   7.263   1.00 28.28 ? 22  C  A OP1   1 
ATOM   88   O  OP2   . C  A 1 5  ? 1.821   3.380   8.179   1.00 23.75 ? 22  C  A OP2   1 
ATOM   89   O  "O5'" . C  A 1 5  ? 2.498   3.895   5.822   1.00 18.43 ? 22  C  A "O5'" 1 
ATOM   90   C  "C5'" . C  A 1 5  ? 3.237   3.708   4.650   1.00 21.16 ? 22  C  A "C5'" 1 
ATOM   91   C  "C4'" . C  A 1 5  ? 2.550   4.367   3.474   1.00 26.75 ? 22  C  A "C4'" 1 
ATOM   92   O  "O4'" . C  A 1 5  ? 1.101   4.187   3.570   1.00 25.92 ? 22  C  A "O4'" 1 
ATOM   93   C  "C3'" . C  A 1 5  ? 2.704   5.882   3.395   1.00 29.37 ? 22  C  A "C3'" 1 
ATOM   94   O  "O3'" . C  A 1 5  ? 3.945   6.324   2.851   1.00 29.94 ? 22  C  A "O3'" 1 
ATOM   95   C  "C2'" . C  A 1 5  ? 1.526   6.275   2.516   1.00 28.87 ? 22  C  A "C2'" 1 
ATOM   96   O  "O2'" . C  A 1 5  ? 1.829   6.019   1.157   1.00 26.98 ? 22  C  A "O2'" 1 
ATOM   97   C  "C1'" . C  A 1 5  ? 0.433   5.324   3.028   1.00 26.00 ? 22  C  A "C1'" 1 
ATOM   98   N  N1    . C  A 1 5  ? -0.461  5.934   4.052   1.00 24.04 ? 22  C  A N1    1 
ATOM   99   C  C2    . C  A 1 5  ? -1.487  6.830   3.633   1.00 22.46 ? 22  C  A C2    1 
ATOM   100  O  O2    . C  A 1 5  ? -1.640  7.071   2.434   1.00 22.26 ? 22  C  A O2    1 
ATOM   101  N  N3    . C  A 1 5  ? -2.282  7.408   4.559   1.00 22.10 ? 22  C  A N3    1 
ATOM   102  C  C4    . C  A 1 5  ? -2.116  7.136   5.850   1.00 20.87 ? 22  C  A C4    1 
ATOM   103  N  N4    . C  A 1 5  ? -2.939  7.730   6.715   1.00 17.85 ? 22  C  A N4    1 
ATOM   104  C  C5    . C  A 1 5  ? -1.102  6.240   6.310   1.00 22.33 ? 22  C  A C5    1 
ATOM   105  C  C6    . C  A 1 5  ? -0.304  5.660   5.383   1.00 23.48 ? 22  C  A C6    1 
ATOM   106  P  P     . C  A 1 6  ? 4.713   7.570   3.531   1.00 32.56 ? 23  C  A P     1 
ATOM   107  O  OP1   . C  A 1 6  ? 5.960   7.831   2.759   1.00 31.84 ? 23  C  A OP1   1 
ATOM   108  O  OP2   . C  A 1 6  ? 4.790   7.324   4.998   1.00 25.02 ? 23  C  A OP2   1 
ATOM   109  O  "O5'" . C  A 1 6  ? 3.742   8.807   3.274   1.00 31.49 ? 23  C  A "O5'" 1 
ATOM   110  C  "C5'" . C  A 1 6  ? 3.073   8.954   2.035   1.00 31.61 ? 23  C  A "C5'" 1 
ATOM   111  C  "C4'" . C  A 1 6  ? 2.091   10.092  2.115   1.00 34.28 ? 23  C  A "C4'" 1 
ATOM   112  O  "O4'" . C  A 1 6  ? 0.866   9.642   2.757   1.00 36.20 ? 23  C  A "O4'" 1 
ATOM   113  C  "C3'" . C  A 1 6  ? 2.543   11.264  2.960   1.00 34.74 ? 23  C  A "C3'" 1 
ATOM   114  O  "O3'" . C  A 1 6  ? 3.383   12.126  2.175   1.00 37.50 ? 23  C  A "O3'" 1 
ATOM   115  C  "C2'" . C  A 1 6  ? 1.204   11.903  3.333   1.00 33.95 ? 23  C  A "C2'" 1 
ATOM   116  O  "O2'" . C  A 1 6  ? 0.665   12.574  2.209   1.00 38.46 ? 23  C  A "O2'" 1 
ATOM   117  C  "C1'" . C  A 1 6  ? 0.318   10.678  3.546   1.00 31.54 ? 23  C  A "C1'" 1 
ATOM   118  N  N1    . C  A 1 6  ? 0.122   10.191  4.925   1.00 27.65 ? 23  C  A N1    1 
ATOM   119  C  C2    . C  A 1 6  ? -0.927  10.738  5.697   1.00 27.37 ? 23  C  A C2    1 
ATOM   120  O  O2    . C  A 1 6  ? -1.666  11.604  5.183   1.00 26.66 ? 23  C  A O2    1 
ATOM   121  N  N3    . C  A 1 6  ? -1.110  10.298  6.980   1.00 25.42 ? 23  C  A N3    1 
ATOM   122  C  C4    . C  A 1 6  ? -0.313  9.352   7.479   1.00 24.15 ? 23  C  A C4    1 
ATOM   123  N  N4    . C  A 1 6  ? -0.539  8.947   8.732   1.00 23.15 ? 23  C  A N4    1 
ATOM   124  C  C5    . C  A 1 6  ? 0.747   8.774   6.711   1.00 24.49 ? 23  C  A C5    1 
ATOM   125  C  C6    . C  A 1 6  ? 0.931   9.220   5.451   1.00 25.46 ? 23  C  A C6    1 
ATOM   126  P  P     . G  A 1 7  ? 4.742   12.732  2.813   1.00 34.01 ? 24  G  A P     1 
ATOM   127  O  OP1   . G  A 1 7  ? 5.910   11.885  2.405   1.00 35.92 ? 24  G  A OP1   1 
ATOM   128  O  OP2   . G  A 1 7  ? 4.481   12.970  4.249   1.00 33.65 ? 24  G  A OP2   1 
ATOM   129  O  "O5'" . G  A 1 7  ? 4.890   14.164  2.132   1.00 32.26 ? 24  G  A "O5'" 1 
ATOM   130  C  "C5'" . G  A 1 7  ? 3.830   15.126  2.192   1.00 28.36 ? 24  G  A "C5'" 1 
ATOM   131  C  "C4'" . G  A 1 7  ? 4.378   16.543  2.225   1.00 26.75 ? 24  G  A "C4'" 1 
ATOM   132  O  "O4'" . G  A 1 7  ? 5.095   16.861  0.993   1.00 24.66 ? 24  G  A "O4'" 1 
ATOM   133  C  "C3'" . G  A 1 7  ? 3.373   17.664  2.436   1.00 25.11 ? 24  G  A "C3'" 1 
ATOM   134  O  "O3'" . G  A 1 7  ? 3.345   17.923  3.844   1.00 24.33 ? 24  G  A "O3'" 1 
ATOM   135  C  "C2'" . G  A 1 7  ? 4.086   18.849  1.789   1.00 23.14 ? 24  G  A "C2'" 1 
ATOM   136  O  "O2'" . G  A 1 7  ? 5.015   19.375  2.719   1.00 23.57 ? 24  G  A "O2'" 1 
ATOM   137  C  "C1'" . G  A 1 7  ? 4.814   18.191  0.603   1.00 21.84 ? 24  G  A "C1'" 1 
ATOM   138  N  N9    . G  A 1 7  ? 4.114   18.137  -0.687  1.00 18.54 ? 24  G  A N9    1 
ATOM   139  C  C8    . G  A 1 7  ? 3.878   17.006  -1.430  1.00 15.71 ? 24  G  A C8    1 
ATOM   140  N  N7    . G  A 1 7  ? 3.242   17.239  -2.547  1.00 15.04 ? 24  G  A N7    1 
ATOM   141  C  C5    . G  A 1 7  ? 3.039   18.605  -2.551  1.00 16.63 ? 24  G  A C5    1 
ATOM   142  C  C6    . G  A 1 7  ? 2.396   19.436  -3.521  1.00 17.13 ? 24  G  A C6    1 
ATOM   143  O  O6    . G  A 1 7  ? 1.903   19.117  -4.601  1.00 17.82 ? 24  G  A O6    1 
ATOM   144  N  N1    . G  A 1 7  ? 2.380   20.765  -3.129  1.00 16.57 ? 24  G  A N1    1 
ATOM   145  C  C2    . G  A 1 7  ? 2.935   21.254  -1.970  1.00 17.53 ? 24  G  A C2    1 
ATOM   146  N  N2    . G  A 1 7  ? 2.819   22.587  -1.798  1.00 16.28 ? 24  G  A N2    1 
ATOM   147  N  N3    . G  A 1 7  ? 3.559   20.494  -1.053  1.00 18.30 ? 24  G  A N3    1 
ATOM   148  C  C4    . G  A 1 7  ? 3.568   19.185  -1.409  1.00 18.01 ? 24  G  A C4    1 
ATOM   149  P  P     . A  A 1 8  ? 1.981   17.797  4.686   1.00 18.14 ? 25  A  A P     1 
ATOM   150  O  OP1   . A  A 1 8  ? 2.371   17.609  6.118   1.00 22.41 ? 25  A  A OP1   1 
ATOM   151  O  OP2   . A  A 1 8  ? 1.077   16.830  4.032   1.00 16.33 ? 25  A  A OP2   1 
ATOM   152  O  "O5'" . A  A 1 8  ? 1.336   19.247  4.604   1.00 18.90 ? 25  A  A "O5'" 1 
ATOM   153  C  "C5'" . A  A 1 8  ? 1.920   20.318  5.314   1.00 18.06 ? 25  A  A "C5'" 1 
ATOM   154  C  "C4'" . A  A 1 8  ? 1.732   21.594  4.552   1.00 16.44 ? 25  A  A "C4'" 1 
ATOM   155  O  "O4'" . A  A 1 8  ? 2.165   21.382  3.189   1.00 17.59 ? 25  A  A "O4'" 1 
ATOM   156  C  "C3'" . A  A 1 8  ? 0.292   22.022  4.394   1.00 12.75 ? 25  A  A "C3'" 1 
ATOM   157  O  "O3'" . A  A 1 8  ? -0.164  22.692  5.543   1.00 13.03 ? 25  A  A "O3'" 1 
ATOM   158  C  "C2'" . A  A 1 8  ? 0.354   22.903  3.153   1.00 16.19 ? 25  A  A "C2'" 1 
ATOM   159  O  "O2'" . A  A 1 8  ? 0.982   24.148  3.361   1.00 12.05 ? 25  A  A "O2'" 1 
ATOM   160  C  "C1'" . A  A 1 8  ? 1.356   22.139  2.304   1.00 17.66 ? 25  A  A "C1'" 1 
ATOM   161  N  N9    . A  A 1 8  ? 0.838   21.265  1.249   1.00 19.33 ? 25  A  A N9    1 
ATOM   162  C  C8    . A  A 1 8  ? 0.870   19.893  1.256   1.00 20.44 ? 25  A  A C8    1 
ATOM   163  N  N7    . A  A 1 8  ? 0.445   19.343  0.145   1.00 22.35 ? 25  A  A N7    1 
ATOM   164  C  C5    . A  A 1 8  ? 0.079   20.425  -0.649  1.00 20.40 ? 25  A  A C5    1 
ATOM   165  C  C6    . A  A 1 8  ? -0.448  20.500  -1.964  1.00 19.87 ? 25  A  A C6    1 
ATOM   166  N  N6    . A  A 1 8  ? -0.678  19.429  -2.729  1.00 15.85 ? 25  A  A N6    1 
ATOM   167  N  N1    . A  A 1 8  ? -0.719  21.734  -2.468  1.00 21.36 ? 25  A  A N1    1 
ATOM   168  C  C2    . A  A 1 8  ? -0.457  22.806  -1.697  1.00 20.78 ? 25  A  A C2    1 
ATOM   169  N  N3    . A  A 1 8  ? 0.050   22.858  -0.443  1.00 20.87 ? 25  A  A N3    1 
ATOM   170  C  C4    . A  A 1 8  ? 0.296   21.618  0.028   1.00 19.89 ? 25  A  A C4    1 
ATOM   171  P  P     . G  A 1 9  ? -1.646  22.402  6.082   1.00 21.80 ? 26  G  A P     1 
ATOM   172  O  OP1   . G  A 1 9  ? -1.803  23.089  7.411   1.00 21.46 ? 26  G  A OP1   1 
ATOM   173  O  OP2   . G  A 1 9  ? -1.901  20.924  5.977   1.00 22.57 ? 26  G  A OP2   1 
ATOM   174  O  "O5'" . G  A 1 9  ? -2.570  23.150  5.029   1.00 14.78 ? 26  G  A "O5'" 1 
ATOM   175  C  "C5'" . G  A 1 9  ? -2.164  24.394  4.466   1.00 15.01 ? 26  G  A "C5'" 1 
ATOM   176  C  "C4'" . G  A 1 9  ? -3.132  24.820  3.391   1.00 19.86 ? 26  G  A "C4'" 1 
ATOM   177  O  "O4'" . G  A 1 9  ? -2.866  24.080  2.160   1.00 21.16 ? 26  G  A "O4'" 1 
ATOM   178  C  "C3'" . G  A 1 9  ? -4.625  24.594  3.678   1.00 21.42 ? 26  G  A "C3'" 1 
ATOM   179  O  "O3'" . G  A 1 9  ? -5.382  25.699  3.216   1.00 24.16 ? 26  G  A "O3'" 1 
ATOM   180  C  "C2'" . G  A 1 9  ? -4.970  23.443  2.738   1.00 22.64 ? 26  G  A "C2'" 1 
ATOM   181  O  "O2'" . G  A 1 9  ? -6.338  23.395  2.392   1.00 21.78 ? 26  G  A "O2'" 1 
ATOM   182  C  "C1'" . G  A 1 9  ? -4.103  23.819  1.543   1.00 23.66 ? 26  G  A "C1'" 1 
ATOM   183  N  N9    . G  A 1 9  ? -3.982  22.864  0.435   1.00 26.89 ? 26  G  A N9    1 
ATOM   184  C  C8    . G  A 1 9  ? -4.232  23.142  -0.896  1.00 27.70 ? 26  G  A C8    1 
ATOM   185  N  N7    . G  A 1 9  ? -4.186  22.091  -1.666  1.00 27.12 ? 26  G  A N7    1 
ATOM   186  C  C5    . G  A 1 9  ? -3.856  21.055  -0.803  1.00 26.83 ? 26  G  A C5    1 
ATOM   187  C  C6    . G  A 1 9  ? -3.680  19.692  -1.078  1.00 29.48 ? 26  G  A C6    1 
ATOM   188  O  O6    . G  A 1 9  ? -3.824  19.099  -2.192  1.00 30.16 ? 26  G  A O6    1 
ATOM   189  N  N1    . G  A 1 9  ? -3.323  18.980  0.078   1.00 29.92 ? 26  G  A N1    1 
ATOM   190  C  C2    . G  A 1 9  ? -3.178  19.539  1.348   1.00 32.56 ? 26  G  A C2    1 
ATOM   191  N  N2    . G  A 1 9  ? -2.811  18.698  2.377   1.00 32.68 ? 26  G  A N2    1 
ATOM   192  N  N3    . G  A 1 9  ? -3.373  20.832  1.604   1.00 29.86 ? 26  G  A N3    1 
ATOM   193  C  C4    . G  A 1 9  ? -3.699  21.521  0.491   1.00 26.45 ? 26  G  A C4    1 
ATOM   194  P  P     . C  A 1 10 ? -6.262  26.564  4.239   1.00 26.10 ? 27  C  A P     1 
ATOM   195  O  OP1   . C  A 1 10 ? -7.030  27.567  3.455   1.00 21.57 ? 27  C  A OP1   1 
ATOM   196  O  OP2   . C  A 1 10 ? -5.241  27.033  5.234   1.00 23.14 ? 27  C  A OP2   1 
ATOM   197  O  "O5'" . C  A 1 10 ? -7.337  25.533  4.840   1.00 23.67 ? 27  C  A "O5'" 1 
ATOM   198  C  "C5'" . C  A 1 10 ? -8.715  25.592  4.434   1.00 22.74 ? 27  C  A "C5'" 1 
ATOM   199  C  "C4'" . C  A 1 10 ? -9.563  24.671  5.275   1.00 22.64 ? 27  C  A "C4'" 1 
ATOM   200  O  "O4'" . C  A 1 10 ? -9.121  23.304  5.058   1.00 24.23 ? 27  C  A "O4'" 1 
ATOM   201  C  "C3'" . C  A 1 10 ? -9.407  24.861  6.772   1.00 24.42 ? 27  C  A "C3'" 1 
ATOM   202  O  "O3'" . C  A 1 10 ? -10.184 25.923  7.286   1.00 21.28 ? 27  C  A "O3'" 1 
ATOM   203  C  "C2'" . C  A 1 10 ? -9.794  23.501  7.336   1.00 23.03 ? 27  C  A "C2'" 1 
ATOM   204  O  "O2'" . C  A 1 10 ? -11.188 23.331  7.436   1.00 23.22 ? 27  C  A "O2'" 1 
ATOM   205  C  "C1'" . C  A 1 10 ? -9.215  22.567  6.274   1.00 22.69 ? 27  C  A "C1'" 1 
ATOM   206  N  N1    . C  A 1 10 ? -7.883  22.039  6.605   1.00 21.06 ? 27  C  A N1    1 
ATOM   207  C  C2    . C  A 1 10 ? -7.756  21.194  7.705   1.00 19.99 ? 27  C  A C2    1 
ATOM   208  O  O2    . C  A 1 10 ? -8.760  20.947  8.375   1.00 20.39 ? 27  C  A O2    1 
ATOM   209  N  N3    . C  A 1 10 ? -6.545  20.667  8.002   1.00 18.51 ? 27  C  A N3    1 
ATOM   210  C  C4    . C  A 1 10 ? -5.490  20.945  7.233   1.00 18.64 ? 27  C  A C4    1 
ATOM   211  N  N4    . C  A 1 10 ? -4.320  20.371  7.533   1.00 19.63 ? 27  C  A N4    1 
ATOM   212  C  C5    . C  A 1 10 ? -5.586  21.815  6.117   1.00 19.96 ? 27  C  A C5    1 
ATOM   213  C  C6    . C  A 1 10 ? -6.792  22.345  5.844   1.00 20.40 ? 27  C  A C6    1 
ATOM   214  P  P     . C  A 1 11 ? -9.591  26.817  8.500   1.00 24.97 ? 28  C  A P     1 
ATOM   215  O  OP1   . C  A 1 11 ? -10.344 28.081  8.652   1.00 21.46 ? 28  C  A OP1   1 
ATOM   216  O  OP2   . C  A 1 11 ? -8.105  26.870  8.309   1.00 26.56 ? 28  C  A OP2   1 
ATOM   217  O  "O5'" . C  A 1 11 ? -9.891  25.938  9.800   1.00 25.87 ? 28  C  A "O5'" 1 
ATOM   218  C  "C5'" . C  A 1 11 ? -11.226 25.582  10.150  1.00 21.12 ? 28  C  A "C5'" 1 
ATOM   219  C  "C4'" . C  A 1 11 ? -11.204 24.670  11.337  1.00 18.04 ? 28  C  A "C4'" 1 
ATOM   220  O  "O4'" . C  A 1 11 ? -10.633 23.409  10.914  1.00 19.29 ? 28  C  A "O4'" 1 
ATOM   221  C  "C3'" . C  A 1 11 ? -10.275 25.106  12.460  1.00 18.48 ? 28  C  A "C3'" 1 
ATOM   222  O  "O3'" . C  A 1 11 ? -10.791 26.091  13.319  1.00 18.50 ? 28  C  A "O3'" 1 
ATOM   223  C  "C2'" . C  A 1 11 ? -9.967  23.797  13.157  1.00 18.87 ? 28  C  A "C2'" 1 
ATOM   224  O  "O2'" . C  A 1 11 ? -11.022 23.342  13.971  1.00 22.30 ? 28  C  A "O2'" 1 
ATOM   225  C  "C1'" . C  A 1 11 ? -9.833  22.864  11.961  1.00 19.23 ? 28  C  A "C1'" 1 
ATOM   226  N  N1    . C  A 1 11 ? -8.434  22.787  11.520  1.00 16.20 ? 28  C  A N1    1 
ATOM   227  C  C2    . C  A 1 11 ? -7.559  21.910  12.191  1.00 16.17 ? 28  C  A C2    1 
ATOM   228  O  O2    . C  A 1 11 ? -7.977  21.264  13.159  1.00 19.24 ? 28  C  A O2    1 
ATOM   229  N  N3    . C  A 1 11 ? -6.283  21.792  11.772  1.00 15.89 ? 28  C  A N3    1 
ATOM   230  C  C4    . C  A 1 11 ? -5.863  22.500  10.729  1.00 15.71 ? 28  C  A C4    1 
ATOM   231  N  N4    . C  A 1 11 ? -4.610  22.320  10.332  1.00 16.49 ? 28  C  A N4    1 
ATOM   232  C  C5    . C  A 1 11 ? -6.722  23.424  10.041  1.00 15.72 ? 28  C  A C5    1 
ATOM   233  C  C6    . C  A 1 11 ? -7.989  23.534  10.469  1.00 13.63 ? 28  C  A C6    1 
ATOM   234  P  P     . A  A 1 12 ? -9.763  27.058  14.101  1.00 21.70 ? 29  A  A P     1 
ATOM   235  O  OP1   . A  A 1 12 ? -10.530 28.163  14.744  1.00 21.96 ? 29  A  A OP1   1 
ATOM   236  O  OP2   . A  A 1 12 ? -8.675  27.383  13.155  1.00 19.52 ? 29  A  A OP2   1 
ATOM   237  O  "O5'" . A  A 1 12 ? -9.109  26.136  15.234  1.00 18.99 ? 29  A  A "O5'" 1 
ATOM   238  C  "C5'" . A  A 1 12 ? -9.920  25.397  16.130  1.00 17.27 ? 29  A  A "C5'" 1 
ATOM   239  C  "C4'" . A  A 1 12 ? -9.075  24.494  17.005  1.00 20.90 ? 29  A  A "C4'" 1 
ATOM   240  O  "O4'" . A  A 1 12 ? -8.525  23.407  16.201  1.00 22.45 ? 29  A  A "O4'" 1 
ATOM   241  C  "C3'" . A  A 1 12 ? -7.866  25.128  17.694  1.00 23.73 ? 29  A  A "C3'" 1 
ATOM   242  O  "O3'" . A  A 1 12 ? -8.234  25.750  18.932  1.00 24.26 ? 29  A  A "O3'" 1 
ATOM   243  C  "C2'" . A  A 1 12 ? -6.963  23.912  17.933  1.00 27.01 ? 29  A  A "C2'" 1 
ATOM   244  O  "O2'" . A  A 1 12 ? -7.233  23.179  19.113  1.00 26.45 ? 29  A  A "O2'" 1 
ATOM   245  C  "C1'" . A  A 1 12 ? -7.228  23.071  16.679  1.00 25.57 ? 29  A  A "C1'" 1 
ATOM   246  N  N9    . A  A 1 12 ? -6.247  23.271  15.607  1.00 24.26 ? 29  A  A N9    1 
ATOM   247  C  C8    . A  A 1 12 ? -6.357  24.046  14.474  1.00 23.28 ? 29  A  A C8    1 
ATOM   248  N  N7    . A  A 1 12 ? -5.318  23.970  13.682  1.00 23.28 ? 29  A  A N7    1 
ATOM   249  C  C5    . A  A 1 12 ? -4.460  23.097  14.338  1.00 24.06 ? 29  A  A C5    1 
ATOM   250  C  C6    . A  A 1 12 ? -3.191  22.596  14.007  1.00 24.10 ? 29  A  A C6    1 
ATOM   251  N  N6    . A  A 1 12 ? -2.545  22.916  12.886  1.00 21.64 ? 29  A  A N6    1 
ATOM   252  N  N1    . A  A 1 12 ? -2.604  21.739  14.878  1.00 24.11 ? 29  A  A N1    1 
ATOM   253  C  C2    . A  A 1 12 ? -3.262  21.416  16.002  1.00 23.88 ? 29  A  A C2    1 
ATOM   254  N  N3    . A  A 1 12 ? -4.459  21.820  16.423  1.00 23.02 ? 29  A  A N3    1 
ATOM   255  C  C4    . A  A 1 12 ? -5.013  22.669  15.532  1.00 24.13 ? 29  A  A C4    1 
ATOM   256  P  P     . G  A 1 13 ? -7.250  26.823  19.635  1.00 21.22 ? 30  G  A P     1 
ATOM   257  O  OP1   . G  A 1 13 ? -7.893  27.388  20.863  1.00 20.89 ? 30  G  A OP1   1 
ATOM   258  O  OP2   . G  A 1 13 ? -6.855  27.742  18.549  1.00 24.19 ? 30  G  A OP2   1 
ATOM   259  O  "O5'" . G  A 1 13 ? -5.978  25.957  20.108  1.00 23.28 ? 30  G  A "O5'" 1 
ATOM   260  C  "C5'" . G  A 1 13 ? -5.962  25.308  21.390  1.00 18.25 ? 30  G  A "C5'" 1 
ATOM   261  C  "C4'" . G  A 1 13 ? -4.641  24.613  21.653  1.00 19.86 ? 30  G  A "C4'" 1 
ATOM   262  O  "O4'" . G  A 1 13 ? -4.282  23.755  20.540  1.00 22.63 ? 30  G  A "O4'" 1 
ATOM   263  C  "C3'" . G  A 1 13 ? -3.419  25.493  21.859  1.00 22.83 ? 30  G  A "C3'" 1 
ATOM   264  O  "O3'" . G  A 1 13 ? -3.339  25.899  23.224  1.00 27.69 ? 30  G  A "O3'" 1 
ATOM   265  C  "C2'" . G  A 1 13 ? -2.268  24.548  21.516  1.00 23.56 ? 30  G  A "C2'" 1 
ATOM   266  O  "O2'" . G  A 1 13 ? -1.945  23.629  22.555  1.00 28.30 ? 30  G  A "O2'" 1 
ATOM   267  C  "C1'" . G  A 1 13 ? -2.868  23.749  20.367  1.00 23.21 ? 30  G  A "C1'" 1 
ATOM   268  N  N9    . G  A 1 13 ? -2.560  24.231  19.025  1.00 23.43 ? 30  G  A N9    1 
ATOM   269  C  C8    . G  A 1 13 ? -3.382  24.991  18.233  1.00 23.25 ? 30  G  A C8    1 
ATOM   270  N  N7    . G  A 1 13 ? -2.897  25.202  17.042  1.00 23.99 ? 30  G  A N7    1 
ATOM   271  C  C5    . G  A 1 13 ? -1.668  24.554  17.045  1.00 23.29 ? 30  G  A C5    1 
ATOM   272  C  C6    . G  A 1 13 ? -0.702  24.425  16.019  1.00 23.33 ? 30  G  A C6    1 
ATOM   273  O  O6    . G  A 1 13 ? -0.747  24.850  14.848  1.00 26.78 ? 30  G  A O6    1 
ATOM   274  N  N1    . G  A 1 13 ? 0.400   23.711  16.447  1.00 20.96 ? 30  G  A N1    1 
ATOM   275  C  C2    . G  A 1 13 ? 0.558   23.182  17.689  1.00 21.86 ? 30  G  A C2    1 
ATOM   276  N  N2    . G  A 1 13 ? 1.712   22.538  17.895  1.00 23.13 ? 30  G  A N2    1 
ATOM   277  N  N3    . G  A 1 13 ? -0.339  23.275  18.660  1.00 22.47 ? 30  G  A N3    1 
ATOM   278  C  C4    . G  A 1 13 ? -1.427  23.972  18.268  1.00 23.43 ? 30  G  A C4    1 
ATOM   279  O  "O5'" . G  B 2 1  ? 4.832   24.633  6.766   1.00 28.79 ? 39  G  B "O5'" 1 
ATOM   280  C  "C5'" . G  B 2 1  ? 6.142   25.198  6.864   1.00 22.97 ? 39  G  B "C5'" 1 
ATOM   281  C  "C4'" . G  B 2 1  ? 6.735   25.164  8.257   1.00 22.98 ? 39  G  B "C4'" 1 
ATOM   282  O  "O4'" . G  B 2 1  ? 6.293   26.326  9.009   1.00 21.00 ? 39  G  B "O4'" 1 
ATOM   283  C  "C3'" . G  B 2 1  ? 6.317   23.990  9.118   1.00 22.71 ? 39  G  B "C3'" 1 
ATOM   284  O  "O3'" . G  B 2 1  ? 7.147   22.872  8.870   1.00 22.66 ? 39  G  B "O3'" 1 
ATOM   285  C  "C2'" . G  B 2 1  ? 6.530   24.521  10.526  1.00 22.01 ? 39  G  B "C2'" 1 
ATOM   286  O  "O2'" . G  B 2 1  ? 7.881   24.478  10.917  1.00 27.31 ? 39  G  B "O2'" 1 
ATOM   287  C  "C1'" . G  B 2 1  ? 6.106   25.973  10.365  1.00 21.40 ? 39  G  B "C1'" 1 
ATOM   288  N  N9    . G  B 2 1  ? 4.729   26.271  10.742  1.00 19.06 ? 39  G  B N9    1 
ATOM   289  C  C8    . G  B 2 1  ? 3.692   26.627  9.909   1.00 19.54 ? 39  G  B C8    1 
ATOM   290  N  N7    . G  B 2 1  ? 2.596   26.926  10.558  1.00 19.29 ? 39  G  B N7    1 
ATOM   291  C  C5    . G  B 2 1  ? 2.927   26.733  11.893  1.00 14.88 ? 39  G  B C5    1 
ATOM   292  C  C6    . G  B 2 1  ? 2.149   26.902  13.045  1.00 12.79 ? 39  G  B C6    1 
ATOM   293  O  O6    . G  B 2 1  ? 0.987   27.282  13.117  1.00 11.65 ? 39  G  B O6    1 
ATOM   294  N  N1    . G  B 2 1  ? 2.860   26.594  14.198  1.00 11.49 ? 39  G  B N1    1 
ATOM   295  C  C2    . G  B 2 1  ? 4.171   26.177  14.227  1.00 12.73 ? 39  G  B C2    1 
ATOM   296  N  N2    . G  B 2 1  ? 4.691   25.927  15.436  1.00 9.48  ? 39  G  B N2    1 
ATOM   297  N  N3    . G  B 2 1  ? 4.920   26.018  13.142  1.00 13.28 ? 39  G  B N3    1 
ATOM   298  C  C4    . G  B 2 1  ? 4.232   26.311  12.020  1.00 15.28 ? 39  G  B C4    1 
ATOM   299  P  P     . C  B 2 2  ? 6.574   21.389  9.134   1.00 23.82 ? 40  C  B P     1 
ATOM   300  O  OP1   . C  B 2 2  ? 7.606   20.435  8.641   1.00 28.40 ? 40  C  B OP1   1 
ATOM   301  O  OP2   . C  B 2 2  ? 5.186   21.337  8.567   1.00 15.20 ? 40  C  B OP2   1 
ATOM   302  O  "O5'" . C  B 2 2  ? 6.542   21.273  10.725  1.00 18.43 ? 40  C  B "O5'" 1 
ATOM   303  C  "C5'" . C  B 2 2  ? 7.734   21.089  11.457  1.00 15.71 ? 40  C  B "C5'" 1 
ATOM   304  C  "C4'" . C  B 2 2  ? 7.434   20.927  12.929  1.00 21.46 ? 40  C  B "C4'" 1 
ATOM   305  O  "O4'" . C  B 2 2  ? 6.958   22.194  13.470  1.00 23.21 ? 40  C  B "O4'" 1 
ATOM   306  C  "C3'" . C  B 2 2  ? 6.375   19.909  13.350  1.00 21.58 ? 40  C  B "C3'" 1 
ATOM   307  O  "O3'" . C  B 2 2  ? 6.905   18.575  13.426  1.00 23.33 ? 40  C  B "O3'" 1 
ATOM   308  C  "C2'" . C  B 2 2  ? 5.979   20.446  14.725  1.00 20.36 ? 40  C  B "C2'" 1 
ATOM   309  O  "O2'" . C  B 2 2  ? 6.991   20.138  15.668  1.00 17.39 ? 40  C  B "O2'" 1 
ATOM   310  C  "C1'" . C  B 2 2  ? 5.979   21.954  14.473  1.00 20.59 ? 40  C  B "C1'" 1 
ATOM   311  N  N1    . C  B 2 2  ? 4.693   22.513  14.003  1.00 23.13 ? 40  C  B N1    1 
ATOM   312  C  C2    . C  B 2 2  ? 3.733   22.937  14.953  1.00 23.05 ? 40  C  B C2    1 
ATOM   313  O  O2    . C  B 2 2  ? 3.985   22.814  16.152  1.00 24.86 ? 40  C  B O2    1 
ATOM   314  N  N3    . C  B 2 2  ? 2.555   23.464  14.523  1.00 23.73 ? 40  C  B N3    1 
ATOM   315  C  C4    . C  B 2 2  ? 2.308   23.579  13.206  1.00 25.07 ? 40  C  B C4    1 
ATOM   316  N  N4    . C  B 2 2  ? 1.132   24.108  12.822  1.00 23.40 ? 40  C  B N4    1 
ATOM   317  C  C5    . C  B 2 2  ? 3.260   23.154  12.219  1.00 24.24 ? 40  C  B C5    1 
ATOM   318  C  C6    . C  B 2 2  ? 4.428   22.632  12.661  1.00 23.77 ? 40  C  B C6    1 
ATOM   319  P  P     . U  B 2 3  ? 5.982   17.296  13.029  1.00 24.68 ? 41  U  B P     1 
ATOM   320  O  OP1   . U  B 2 3  ? 6.860   16.098  13.171  1.00 23.41 ? 41  U  B OP1   1 
ATOM   321  O  OP2   . U  B 2 3  ? 5.330   17.565  11.722  1.00 22.13 ? 41  U  B OP2   1 
ATOM   322  O  "O5'" . U  B 2 3  ? 4.832   17.226  14.157  1.00 21.62 ? 41  U  B "O5'" 1 
ATOM   323  C  "C5'" . U  B 2 3  ? 5.165   17.356  15.534  1.00 17.72 ? 41  U  B "C5'" 1 
ATOM   324  C  "C4'" . U  B 2 3  ? 3.944   17.248  16.438  1.00 18.83 ? 41  U  B "C4'" 1 
ATOM   325  O  "O4'" . U  B 2 3  ? 3.482   18.586  16.795  1.00 17.70 ? 41  U  B "O4'" 1 
ATOM   326  C  "C3'" . U  B 2 3  ? 2.670   16.515  16.000  1.00 20.51 ? 41  U  B "C3'" 1 
ATOM   327  O  "O3'" . U  B 2 3  ? 2.735   15.085  16.131  1.00 23.08 ? 41  U  B "O3'" 1 
ATOM   328  C  "C2'" . U  B 2 3  ? 1.640   17.127  16.948  1.00 15.20 ? 41  U  B "C2'" 1 
ATOM   329  O  "O2'" . U  B 2 3  ? 1.907   16.680  18.257  1.00 7.56  ? 41  U  B "O2'" 1 
ATOM   330  C  "C1'" . U  B 2 3  ? 2.063   18.594  16.944  1.00 17.71 ? 41  U  B "C1'" 1 
ATOM   331  N  N1    . U  B 2 3  ? 1.466   19.371  15.842  1.00 18.34 ? 41  U  B N1    1 
ATOM   332  C  C2    . U  B 2 3  ? 0.191   19.947  16.009  1.00 17.59 ? 41  U  B C2    1 
ATOM   333  O  O2    . U  B 2 3  ? -0.458  19.887  17.057  1.00 16.44 ? 41  U  B O2    1 
ATOM   334  N  N3    . U  B 2 3  ? -0.286  20.607  14.896  1.00 18.90 ? 41  U  B N3    1 
ATOM   335  C  C4    . U  B 2 3  ? 0.370   20.773  13.662  1.00 19.91 ? 41  U  B C4    1 
ATOM   336  O  O4    . U  B 2 3  ? -0.174  21.409  12.744  1.00 19.86 ? 41  U  B O4    1 
ATOM   337  C  C5    . U  B 2 3  ? 1.666   20.173  13.594  1.00 18.38 ? 41  U  B C5    1 
ATOM   338  C  C6    . U  B 2 3  ? 2.155   19.511  14.653  1.00 19.28 ? 41  U  B C6    1 
ATOM   339  P  P     . G  B 2 4  ? 1.789   14.139  15.221  1.00 19.69 ? 42  G  B P     1 
ATOM   340  O  OP1   . G  B 2 4  ? 2.116   12.755  15.669  1.00 24.06 ? 42  G  B OP1   1 
ATOM   341  O  OP2   . G  B 2 4  ? 1.918   14.485  13.790  1.00 21.17 ? 42  G  B OP2   1 
ATOM   342  O  "O5'" . G  B 2 4  ? 0.294   14.480  15.682  1.00 19.77 ? 42  G  B "O5'" 1 
ATOM   343  C  "C5'" . G  B 2 4  ? -0.045  14.461  17.065  1.00 13.90 ? 42  G  B "C5'" 1 
ATOM   344  C  "C4'" . G  B 2 4  ? -1.472  14.874  17.285  1.00 14.43 ? 42  G  B "C4'" 1 
ATOM   345  O  "O4'" . G  B 2 4  ? -1.605  16.334  17.171  1.00 11.21 ? 42  G  B "O4'" 1 
ATOM   346  C  "C3'" . G  B 2 4  ? -2.452  14.368  16.240  1.00 17.82 ? 42  G  B "C3'" 1 
ATOM   347  O  "O3'" . G  B 2 4  ? -2.764  12.988  16.381  1.00 24.30 ? 42  G  B "O3'" 1 
ATOM   348  C  "C2'" . G  B 2 4  ? -3.623  15.324  16.419  1.00 17.44 ? 42  G  B "C2'" 1 
ATOM   349  O  "O2'" . G  B 2 4  ? -4.416  15.001  17.555  1.00 15.99 ? 42  G  B "O2'" 1 
ATOM   350  C  "C1'" . G  B 2 4  ? -2.893  16.655  16.646  1.00 13.39 ? 42  G  B "C1'" 1 
ATOM   351  N  N9    . G  B 2 4  ? -2.734  17.365  15.388  1.00 10.77 ? 42  G  B N9    1 
ATOM   352  C  C8    . G  B 2 4  ? -1.677  17.251  14.530  1.00 13.59 ? 42  G  B C8    1 
ATOM   353  N  N7    . G  B 2 4  ? -1.809  17.977  13.447  1.00 14.21 ? 42  G  B N7    1 
ATOM   354  C  C5    . G  B 2 4  ? -3.025  18.621  13.604  1.00 12.89 ? 42  G  B C5    1 
ATOM   355  C  C6    . G  B 2 4  ? -3.695  19.528  12.741  1.00 13.99 ? 42  G  B C6    1 
ATOM   356  O  O6    . G  B 2 4  ? -3.331  19.946  11.629  1.00 15.55 ? 42  G  B O6    1 
ATOM   357  N  N1    . G  B 2 4  ? -4.909  19.937  13.275  1.00 13.60 ? 42  G  B N1    1 
ATOM   358  C  C2    . G  B 2 4  ? -5.406  19.523  14.486  1.00 13.29 ? 42  G  B C2    1 
ATOM   359  N  N2    . G  B 2 4  ? -6.588  20.027  14.825  1.00 15.61 ? 42  G  B N2    1 
ATOM   360  N  N3    . G  B 2 4  ? -4.789  18.675  15.302  1.00 11.66 ? 42  G  B N3    1 
ATOM   361  C  C4    . G  B 2 4  ? -3.614  18.263  14.800  1.00 11.68 ? 42  G  B C4    1 
ATOM   362  P  P     . G  B 2 5  ? -3.368  12.157  15.114  1.00 25.16 ? 43  G  B P     1 
ATOM   363  O  OP1   . G  B 2 5  ? -3.770  10.853  15.663  1.00 21.52 ? 43  G  B OP1   1 
ATOM   364  O  OP2   . G  B 2 5  ? -2.445  12.178  13.941  1.00 21.57 ? 43  G  B OP2   1 
ATOM   365  O  "O5'" . G  B 2 5  ? -4.684  12.975  14.725  1.00 24.52 ? 43  G  B "O5'" 1 
ATOM   366  C  "C5'" . G  B 2 5  ? -5.951  12.636  15.297  1.00 21.17 ? 43  G  B "C5'" 1 
ATOM   367  C  "C4'" . G  B 2 5  ? -7.012  13.677  14.958  1.00 22.22 ? 43  G  B "C4'" 1 
ATOM   368  O  "O4'" . G  B 2 5  ? -6.456  15.034  15.067  1.00 24.43 ? 43  G  B "O4'" 1 
ATOM   369  C  "C3'" . G  B 2 5  ? -7.630  13.618  13.561  1.00 22.74 ? 43  G  B "C3'" 1 
ATOM   370  O  "O3'" . G  B 2 5  ? -8.623  12.581  13.432  1.00 26.23 ? 43  G  B "O3'" 1 
ATOM   371  C  "C2'" . G  B 2 5  ? -8.158  15.051  13.397  1.00 23.14 ? 43  G  B "C2'" 1 
ATOM   372  O  "O2'" . G  B 2 5  ? -9.336  15.330  14.134  1.00 25.49 ? 43  G  B "O2'" 1 
ATOM   373  C  "C1'" . G  B 2 5  ? -7.046  15.872  14.066  1.00 22.29 ? 43  G  B "C1'" 1 
ATOM   374  N  N9    . G  B 2 5  ? -6.058  16.327  13.076  1.00 16.20 ? 43  G  B N9    1 
ATOM   375  C  C8    . G  B 2 5  ? -4.770  15.883  12.884  1.00 15.10 ? 43  G  B C8    1 
ATOM   376  N  N7    . G  B 2 5  ? -4.194  16.416  11.828  1.00 13.91 ? 43  G  B N7    1 
ATOM   377  C  C5    . G  B 2 5  ? -5.148  17.295  11.317  1.00 15.59 ? 43  G  B C5    1 
ATOM   378  C  C6    . G  B 2 5  ? -5.106  18.162  10.161  1.00 15.23 ? 43  G  B C6    1 
ATOM   379  O  O6    . G  B 2 5  ? -4.188  18.327  9.332   1.00 16.64 ? 43  G  B O6    1 
ATOM   380  N  N1    . G  B 2 5  ? -6.293  18.867  10.014  1.00 14.86 ? 43  G  B N1    1 
ATOM   381  C  C2    . G  B 2 5  ? -7.375  18.773  10.843  1.00 15.45 ? 43  G  B C2    1 
ATOM   382  N  N2    . G  B 2 5  ? -8.408  19.550  10.515  1.00 14.51 ? 43  G  B N2    1 
ATOM   383  N  N3    . G  B 2 5  ? -7.437  17.982  11.913  1.00 16.10 ? 43  G  B N3    1 
ATOM   384  C  C4    . G  B 2 5  ? -6.298  17.270  12.087  1.00 16.67 ? 43  G  B C4    1 
ATOM   385  P  P     . G  B 2 6  ? -8.740  11.690  12.057  1.00 26.69 ? 44  G  B P     1 
ATOM   386  O  OP1   . G  B 2 6  ? -9.749  10.602  12.256  1.00 21.30 ? 44  G  B OP1   1 
ATOM   387  O  OP2   . G  B 2 6  ? -7.391  11.332  11.550  1.00 24.08 ? 44  G  B OP2   1 
ATOM   388  O  "O5'" . G  B 2 6  ? -9.316  12.715  10.991  1.00 25.18 ? 44  G  B "O5'" 1 
ATOM   389  C  "C5'" . G  B 2 6  ? -10.706 12.817  10.750  1.00 25.99 ? 44  G  B "C5'" 1 
ATOM   390  C  "C4'" . G  B 2 6  ? -11.001 14.155  10.151  1.00 29.31 ? 44  G  B "C4'" 1 
ATOM   391  O  "O4'" . G  B 2 6  ? -9.909  15.049  10.515  1.00 31.64 ? 44  G  B "O4'" 1 
ATOM   392  C  "C3'" . G  B 2 6  ? -10.954 14.154  8.634   1.00 31.88 ? 44  G  B "C3'" 1 
ATOM   393  O  "O3'" . G  B 2 6  ? -12.122 13.581  8.060   1.00 31.99 ? 44  G  B "O3'" 1 
ATOM   394  C  "C2'" . G  B 2 6  ? -10.673 15.619  8.332   1.00 31.92 ? 44  G  B "C2'" 1 
ATOM   395  O  "O2'" . G  B 2 6  ? -11.834 16.421  8.386   1.00 32.45 ? 44  G  B "O2'" 1 
ATOM   396  C  "C1'" . G  B 2 6  ? -9.679  15.968  9.455   1.00 33.47 ? 44  G  B "C1'" 1 
ATOM   397  N  N9    . G  B 2 6  ? -8.298  15.854  8.973   1.00 34.94 ? 44  G  B N9    1 
ATOM   398  C  C8    . G  B 2 6  ? -7.291  14.980  9.354   1.00 34.07 ? 44  G  B C8    1 
ATOM   399  N  N7    . G  B 2 6  ? -6.187  15.135  8.648   1.00 34.33 ? 44  G  B N7    1 
ATOM   400  C  C5    . G  B 2 6  ? -6.487  16.174  7.762   1.00 34.60 ? 44  G  B C5    1 
ATOM   401  C  C6    . G  B 2 6  ? -5.694  16.788  6.736   1.00 33.46 ? 44  G  B C6    1 
ATOM   402  O  O6    . G  B 2 6  ? -4.550  16.523  6.386   1.00 32.52 ? 44  G  B O6    1 
ATOM   403  N  N1    . G  B 2 6  ? -6.398  17.805  6.088   1.00 35.64 ? 44  G  B N1    1 
ATOM   404  C  C2    . G  B 2 6  ? -7.702  18.183  6.374   1.00 35.94 ? 44  G  B C2    1 
ATOM   405  N  N2    . G  B 2 6  ? -8.226  19.186  5.635   1.00 33.88 ? 44  G  B N2    1 
ATOM   406  N  N3    . G  B 2 6  ? -8.440  17.616  7.317   1.00 35.97 ? 44  G  B N3    1 
ATOM   407  C  C4    . G  B 2 6  ? -7.780  16.630  7.966   1.00 34.99 ? 44  G  B C4    1 
ATOM   408  P  P     . A  B 2 7  ? -11.975 12.403  6.989   1.00 29.42 ? 45  A  B P     1 
ATOM   409  O  OP1   . A  B 2 7  ? -13.320 11.857  6.706   1.00 30.79 ? 45  A  B OP1   1 
ATOM   410  O  OP2   . A  B 2 7  ? -10.900 11.477  7.448   1.00 24.37 ? 45  A  B OP2   1 
ATOM   411  O  "O5'" . A  B 2 7  ? -11.536 13.220  5.715   1.00 22.43 ? 45  A  B "O5'" 1 
ATOM   412  C  "C5'" . A  B 2 7  ? -12.191 14.449  5.410   1.00 23.93 ? 45  A  B "C5'" 1 
ATOM   413  C  "C4'" . A  B 2 7  ? -11.385 15.249  4.405   1.00 31.12 ? 45  A  B "C4'" 1 
ATOM   414  O  "O4'" . A  B 2 7  ? -10.160 15.757  5.061   1.00 30.22 ? 45  A  B "O4'" 1 
ATOM   415  C  "C3'" . A  B 2 7  ? -10.836 14.463  3.230   1.00 31.12 ? 45  A  B "C3'" 1 
ATOM   416  O  "O3'" . A  B 2 7  ? -11.792 14.225  2.223   1.00 33.23 ? 45  A  B "O3'" 1 
ATOM   417  C  "C2'" . A  B 2 7  ? -9.673  15.337  2.775   1.00 28.02 ? 45  A  B "C2'" 1 
ATOM   418  O  "O2'" . A  B 2 7  ? -10.113 16.480  2.069   1.00 30.67 ? 45  A  B "O2'" 1 
ATOM   419  C  "C1'" . A  B 2 7  ? -9.092  15.787  4.121   1.00 26.57 ? 45  A  B "C1'" 1 
ATOM   420  N  N9    . A  B 2 7  ? -8.018  14.882  4.556   1.00 21.84 ? 45  A  B N9    1 
ATOM   421  C  C8    . A  B 2 7  ? -8.041  13.864  5.488   1.00 18.67 ? 45  A  B C8    1 
ATOM   422  N  N7    . A  B 2 7  ? -6.913  13.202  5.574   1.00 19.44 ? 45  A  B N7    1 
ATOM   423  C  C5    . A  B 2 7  ? -6.088  13.825  4.646   1.00 19.80 ? 45  A  B C5    1 
ATOM   424  C  C6    . A  B 2 7  ? -4.755  13.578  4.242   1.00 19.47 ? 45  A  B C6    1 
ATOM   425  N  N6    . A  B 2 7  ? -4.005  12.576  4.749   1.00 14.84 ? 45  A  B N6    1 
ATOM   426  N  N1    . A  B 2 7  ? -4.229  14.395  3.299   1.00 19.86 ? 45  A  B N1    1 
ATOM   427  C  C2    . A  B 2 7  ? -4.994  15.382  2.806   1.00 20.24 ? 45  A  B C2    1 
ATOM   428  N  N3    . A  B 2 7  ? -6.248  15.703  3.098   1.00 19.37 ? 45  A  B N3    1 
ATOM   429  C  C4    . A  B 2 7  ? -6.746  14.877  4.031   1.00 20.35 ? 45  A  B C4    1 
ATOM   430  P  P     . G  B 2 8  ? -11.773 12.829  1.430   1.00 35.57 ? 46  G  B P     1 
ATOM   431  O  OP1   . G  B 2 8  ? -12.769 13.003  0.358   1.00 33.99 ? 46  G  B OP1   1 
ATOM   432  O  OP2   . G  B 2 8  ? -11.923 11.697  2.403   1.00 26.49 ? 46  G  B OP2   1 
ATOM   433  O  "O5'" . G  B 2 8  ? -10.310 12.760  0.782   1.00 33.45 ? 46  G  B "O5'" 1 
ATOM   434  C  "C5'" . G  B 2 8  ? -9.970  13.502  -0.394  1.00 29.05 ? 46  G  B "C5'" 1 
ATOM   435  C  "C4'" . G  B 2 8  ? -8.515  13.276  -0.772  1.00 28.83 ? 46  G  B "C4'" 1 
ATOM   436  O  "O4'" . G  B 2 8  ? -7.643  13.520  0.377   1.00 28.28 ? 46  G  B "O4'" 1 
ATOM   437  C  "C3'" . G  B 2 8  ? -8.168  11.856  -1.186  1.00 28.93 ? 46  G  B "C3'" 1 
ATOM   438  O  "O3'" . G  B 2 8  ? -8.520  11.614  -2.538  1.00 32.12 ? 46  G  B "O3'" 1 
ATOM   439  C  "C2'" . G  B 2 8  ? -6.664  11.797  -0.937  1.00 28.13 ? 46  G  B "C2'" 1 
ATOM   440  O  "O2'" . G  B 2 8  ? -5.907  12.420  -1.950  1.00 29.41 ? 46  G  B "O2'" 1 
ATOM   441  C  "C1'" . G  B 2 8  ? -6.541  12.619  0.346   1.00 26.67 ? 46  G  B "C1'" 1 
ATOM   442  N  N9    . G  B 2 8  ? -6.505  11.809  1.575   1.00 24.26 ? 46  G  B N9    1 
ATOM   443  C  C8    . G  B 2 8  ? -7.488  11.678  2.526   1.00 20.66 ? 46  G  B C8    1 
ATOM   444  N  N7    . G  B 2 8  ? -7.130  10.906  3.531   1.00 19.96 ? 46  G  B N7    1 
ATOM   445  C  C5    . G  B 2 8  ? -5.837  10.513  3.220   1.00 22.73 ? 46  G  B C5    1 
ATOM   446  C  C6    . G  B 2 8  ? -4.918  9.688   3.944   1.00 22.89 ? 46  G  B C6    1 
ATOM   447  O  O6    . G  B 2 8  ? -5.058  9.145   5.054   1.00 21.91 ? 46  G  B O6    1 
ATOM   448  N  N1    . G  B 2 8  ? -3.722  9.537   3.256   1.00 22.60 ? 46  G  B N1    1 
ATOM   449  C  C2    . G  B 2 8  ? -3.427  10.101  2.051   1.00 22.78 ? 46  G  B C2    1 
ATOM   450  N  N2    . G  B 2 8  ? -2.209  9.828   1.570   1.00 24.40 ? 46  G  B N2    1 
ATOM   451  N  N3    . G  B 2 8  ? -4.259  10.879  1.368   1.00 23.03 ? 46  G  B N3    1 
ATOM   452  C  C4    . G  B 2 8  ? -5.433  11.045  2.007   1.00 23.45 ? 46  G  B C4    1 
ATOM   453  P  P     . U  B 2 9  ? -8.866  10.116  -3.009  1.00 29.30 ? 47  U  B P     1 
ATOM   454  O  OP1   . U  B 2 9  ? -9.299  10.174  -4.425  1.00 32.82 ? 47  U  B OP1   1 
ATOM   455  O  OP2   . U  B 2 9  ? -9.793  9.564   -1.989  1.00 26.33 ? 47  U  B OP2   1 
ATOM   456  O  "O5'" . U  B 2 9  ? -7.446  9.379   -2.951  1.00 22.79 ? 47  U  B "O5'" 1 
ATOM   457  C  "C5'" . U  B 2 9  ? -6.330  9.881   -3.676  1.00 18.34 ? 47  U  B "C5'" 1 
ATOM   458  C  "C4'" . U  B 2 9  ? -5.201  8.884   -3.633  1.00 24.32 ? 47  U  B "C4'" 1 
ATOM   459  O  "O4'" . U  B 2 9  ? -4.451  9.048   -2.410  1.00 23.83 ? 47  U  B "O4'" 1 
ATOM   460  C  "C3'" . U  B 2 9  ? -5.610  7.426   -3.641  1.00 24.89 ? 47  U  B "C3'" 1 
ATOM   461  O  "O3'" . U  B 2 9  ? -5.748  6.980   -4.976  1.00 23.20 ? 47  U  B "O3'" 1 
ATOM   462  C  "C2'" . U  B 2 9  ? -4.426  6.751   -2.968  1.00 24.19 ? 47  U  B "C2'" 1 
ATOM   463  O  "O2'" . U  B 2 9  ? -3.350  6.514   -3.846  1.00 27.66 ? 47  U  B "O2'" 1 
ATOM   464  C  "C1'" . U  B 2 9  ? -4.054  7.788   -1.918  1.00 24.25 ? 47  U  B "C1'" 1 
ATOM   465  N  N1    . U  B 2 9  ? -4.754  7.582   -0.646  1.00 26.75 ? 47  U  B N1    1 
ATOM   466  C  C2    . U  B 2 9  ? -4.294  6.577   0.198   1.00 27.49 ? 47  U  B C2    1 
ATOM   467  O  O2    . U  B 2 9  ? -3.371  5.840   -0.093  1.00 30.87 ? 47  U  B O2    1 
ATOM   468  N  N3    . U  B 2 9  ? -4.958  6.468   1.391   1.00 27.41 ? 47  U  B N3    1 
ATOM   469  C  C4    . U  B 2 9  ? -6.017  7.240   1.825   1.00 29.11 ? 47  U  B C4    1 
ATOM   470  O  O4    . U  B 2 9  ? -6.485  7.045   2.954   1.00 29.87 ? 47  U  B O4    1 
ATOM   471  C  C5    . U  B 2 9  ? -6.450  8.243   0.888   1.00 29.16 ? 47  U  B C5    1 
ATOM   472  C  C6    . U  B 2 9  ? -5.819  8.373   -0.291  1.00 27.35 ? 47  U  B C6    1 
ATOM   473  P  P     . C  B 2 10 ? -6.783  5.798   -5.299  1.00 23.69 ? 48  C  B P     1 
ATOM   474  O  OP1   . C  B 2 10 ? -6.814  5.730   -6.788  1.00 22.43 ? 48  C  B OP1   1 
ATOM   475  O  OP2   . C  B 2 10 ? -8.040  6.095   -4.550  1.00 17.16 ? 48  C  B OP2   1 
ATOM   476  O  "O5'" . C  B 2 10 ? -6.051  4.492   -4.710  1.00 19.40 ? 48  C  B "O5'" 1 
ATOM   477  C  "C5'" . C  B 2 10 ? -4.655  4.288   -4.941  1.00 15.01 ? 48  C  B "C5'" 1 
ATOM   478  C  "C4'" . C  B 2 10 ? -4.170  2.999   -4.313  1.00 18.58 ? 48  C  B "C4'" 1 
ATOM   479  O  "O4'" . C  B 2 10 ? -3.643  3.274   -2.988  1.00 19.48 ? 48  C  B "O4'" 1 
ATOM   480  C  "C3'" . C  B 2 10 ? -5.163  1.856   -4.097  1.00 20.04 ? 48  C  B "C3'" 1 
ATOM   481  O  "O3'" . C  B 2 10 ? -5.298  0.998   -5.230  1.00 23.75 ? 48  C  B "O3'" 1 
ATOM   482  C  "C2'" . C  B 2 10 ? -4.506  1.064   -2.980  1.00 16.77 ? 48  C  B "C2'" 1 
ATOM   483  O  "O2'" . C  B 2 10 ? -3.475  0.227   -3.435  1.00 21.77 ? 48  C  B "O2'" 1 
ATOM   484  C  "C1'" . C  B 2 10 ? -3.923  2.180   -2.129  1.00 17.16 ? 48  C  B "C1'" 1 
ATOM   485  N  N1    . C  B 2 10 ? -4.894  2.618   -1.138  1.00 16.18 ? 48  C  B N1    1 
ATOM   486  C  C2    . C  B 2 10 ? -4.953  1.950   0.072   1.00 17.64 ? 48  C  B C2    1 
ATOM   487  O  O2    . C  B 2 10 ? -4.197  0.967   0.261   1.00 20.33 ? 48  C  B O2    1 
ATOM   488  N  N3    . C  B 2 10 ? -5.821  2.384   1.011   1.00 18.02 ? 48  C  B N3    1 
ATOM   489  C  C4    . C  B 2 10 ? -6.599  3.445   0.764   1.00 15.72 ? 48  C  B C4    1 
ATOM   490  N  N4    . C  B 2 10 ? -7.417  3.878   1.739   1.00 16.18 ? 48  C  B N4    1 
ATOM   491  C  C5    . C  B 2 10 ? -6.570  4.117   -0.477  1.00 12.47 ? 48  C  B C5    1 
ATOM   492  C  C6    . C  B 2 10 ? -5.717  3.676   -1.390  1.00 13.64 ? 48  C  B C6    1 
ATOM   493  P  P     . C  B 2 11 ? -6.577  0.026   -5.332  1.00 22.51 ? 49  C  B P     1 
ATOM   494  O  OP1   . C  B 2 11 ? -6.502  -0.833  -6.554  1.00 19.94 ? 49  C  B OP1   1 
ATOM   495  O  OP2   . C  B 2 11 ? -7.767  0.906   -5.129  1.00 18.64 ? 49  C  B OP2   1 
ATOM   496  O  "O5'" . C  B 2 11 ? -6.413  -0.892  -4.032  1.00 23.54 ? 49  C  B "O5'" 1 
ATOM   497  C  "C5'" . C  B 2 11 ? -6.267  -2.293  -4.146  1.00 23.03 ? 49  C  B "C5'" 1 
ATOM   498  C  "C4'" . C  B 2 11 ? -6.185  -2.936  -2.783  1.00 23.92 ? 49  C  B "C4'" 1 
ATOM   499  O  "O4'" . C  B 2 11 ? -5.818  -1.944  -1.788  1.00 23.00 ? 49  C  B "O4'" 1 
ATOM   500  C  "C3'" . C  B 2 11 ? -7.518  -3.459  -2.269  1.00 24.88 ? 49  C  B "C3'" 1 
ATOM   501  O  "O3'" . C  B 2 11 ? -8.038  -4.616  -2.925  1.00 26.74 ? 49  C  B "O3'" 1 
ATOM   502  C  "C2'" . C  B 2 11 ? -7.291  -3.513  -0.766  1.00 25.09 ? 49  C  B "C2'" 1 
ATOM   503  O  "O2'" . C  B 2 11 ? -6.621  -4.665  -0.288  1.00 25.89 ? 49  C  B "O2'" 1 
ATOM   504  C  "C1'" . C  B 2 11 ? -6.437  -2.266  -0.548  1.00 24.27 ? 49  C  B "C1'" 1 
ATOM   505  N  N1    . C  B 2 11 ? -7.290  -1.153  -0.114  1.00 23.76 ? 49  C  B N1    1 
ATOM   506  C  C2    . C  B 2 11 ? -7.687  -1.098  1.254   1.00 21.60 ? 49  C  B C2    1 
ATOM   507  O  O2    . C  B 2 11 ? -7.281  -1.963  2.032   1.00 19.79 ? 49  C  B O2    1 
ATOM   508  N  N3    . C  B 2 11 ? -8.508  -0.104  1.667   1.00 21.94 ? 49  C  B N3    1 
ATOM   509  C  C4    . C  B 2 11 ? -8.937  0.813   0.787   1.00 21.79 ? 49  C  B C4    1 
ATOM   510  N  N4    . C  B 2 11 ? -9.753  1.759   1.230   1.00 21.42 ? 49  C  B N4    1 
ATOM   511  C  C5    . C  B 2 11 ? -8.544  0.790   -0.597  1.00 22.02 ? 49  C  B C5    1 
ATOM   512  C  C6    . C  B 2 11 ? -7.723  -0.200  -1.000  1.00 22.56 ? 49  C  B C6    1 
ATOM   513  O  "O5'" . C  C 1 1  ? 14.915  -21.827 -9.579  1.00 27.29 ? 118 C  C "O5'" 1 
ATOM   514  C  "C5'" . C  C 1 1  ? 16.214  -21.959 -9.027  1.00 23.66 ? 118 C  C "C5'" 1 
ATOM   515  C  "C4'" . C  C 1 1  ? 17.310  -21.209 -9.765  1.00 25.55 ? 118 C  C "C4'" 1 
ATOM   516  O  "O4'" . C  C 1 1  ? 17.460  -21.756 -11.109 1.00 25.16 ? 118 C  C "O4'" 1 
ATOM   517  C  "C3'" . C  C 1 1  ? 17.025  -19.745 -10.048 1.00 27.63 ? 118 C  C "C3'" 1 
ATOM   518  O  "O3'" . C  C 1 1  ? 17.166  -18.922 -8.905  1.00 29.45 ? 118 C  C "O3'" 1 
ATOM   519  C  "C2'" . C  C 1 1  ? 17.973  -19.442 -11.205 1.00 25.55 ? 118 C  C "C2'" 1 
ATOM   520  O  "O2'" . C  C 1 1  ? 19.338  -19.250 -10.858 1.00 26.44 ? 118 C  C "O2'" 1 
ATOM   521  C  "C1'" . C  C 1 1  ? 17.843  -20.724 -12.014 1.00 26.02 ? 118 C  C "C1'" 1 
ATOM   522  N  N1    . C  C 1 1  ? 16.799  -20.531 -13.031 1.00 28.55 ? 118 C  C N1    1 
ATOM   523  C  C2    . C  C 1 1  ? 17.116  -19.769 -14.173 1.00 29.15 ? 118 C  C C2    1 
ATOM   524  O  O2    . C  C 1 1  ? 18.272  -19.328 -14.307 1.00 29.36 ? 118 C  C O2    1 
ATOM   525  N  N3    . C  C 1 1  ? 16.146  -19.531 -15.100 1.00 30.01 ? 118 C  C N3    1 
ATOM   526  C  C4    . C  C 1 1  ? 14.911  -20.031 -14.926 1.00 28.80 ? 118 C  C C4    1 
ATOM   527  N  N4    . C  C 1 1  ? 13.992  -19.774 -15.854 1.00 25.92 ? 118 C  C N4    1 
ATOM   528  C  C5    . C  C 1 1  ? 14.571  -20.823 -13.787 1.00 28.34 ? 118 C  C C5    1 
ATOM   529  C  C6    . C  C 1 1  ? 15.539  -21.053 -12.871 1.00 28.74 ? 118 C  C C6    1 
ATOM   530  P  P     . G  C 1 2  ? 16.130  -17.713 -8.657  1.00 24.46 ? 119 G  C P     1 
ATOM   531  O  OP1   . G  C 1 2  ? 16.490  -17.185 -7.311  1.00 24.35 ? 119 G  C OP1   1 
ATOM   532  O  OP2   . G  C 1 2  ? 14.758  -18.259 -8.877  1.00 27.26 ? 119 G  C OP2   1 
ATOM   533  O  "O5'" . G  C 1 2  ? 16.496  -16.646 -9.800  1.00 21.61 ? 119 G  C "O5'" 1 
ATOM   534  C  "C5'" . G  C 1 2  ? 17.784  -16.016 -9.826  1.00 16.75 ? 119 G  C "C5'" 1 
ATOM   535  C  "C4'" . G  C 1 2  ? 17.996  -15.215 -11.100 1.00 18.93 ? 119 G  C "C4'" 1 
ATOM   536  O  "O4'" . G  C 1 2  ? 17.728  -16.032 -12.282 1.00 20.48 ? 119 G  C "O4'" 1 
ATOM   537  C  "C3'" . G  C 1 2  ? 17.042  -14.055 -11.293 1.00 20.16 ? 119 G  C "C3'" 1 
ATOM   538  O  "O3'" . G  C 1 2  ? 17.434  -12.927 -10.571 1.00 20.45 ? 119 G  C "O3'" 1 
ATOM   539  C  "C2'" . G  C 1 2  ? 17.105  -13.795 -12.785 1.00 17.88 ? 119 G  C "C2'" 1 
ATOM   540  O  "O2'" . G  C 1 2  ? 18.289  -13.100 -13.082 1.00 20.27 ? 119 G  C "O2'" 1 
ATOM   541  C  "C1'" . G  C 1 2  ? 17.205  -15.220 -13.321 1.00 18.63 ? 119 G  C "C1'" 1 
ATOM   542  N  N9    . G  C 1 2  ? 15.933  -15.776 -13.757 1.00 21.19 ? 119 G  C N9    1 
ATOM   543  C  C8    . G  C 1 2  ? 15.148  -16.666 -13.072 1.00 21.34 ? 119 G  C C8    1 
ATOM   544  N  N7    . G  C 1 2  ? 14.081  -17.022 -13.742 1.00 22.39 ? 119 G  C N7    1 
ATOM   545  C  C5    . G  C 1 2  ? 14.164  -16.311 -14.926 1.00 21.34 ? 119 G  C C5    1 
ATOM   546  C  C6    . G  C 1 2  ? 13.289  -16.296 -16.034 1.00 21.29 ? 119 G  C C6    1 
ATOM   547  O  O6    . G  C 1 2  ? 12.239  -16.915 -16.188 1.00 20.89 ? 119 G  C O6    1 
ATOM   548  N  N1    . G  C 1 2  ? 13.750  -15.450 -17.035 1.00 22.00 ? 119 G  C N1    1 
ATOM   549  C  C2    . G  C 1 2  ? 14.912  -14.703 -16.969 1.00 22.91 ? 119 G  C C2    1 
ATOM   550  N  N2    . G  C 1 2  ? 15.192  -13.944 -18.031 1.00 21.13 ? 119 G  C N2    1 
ATOM   551  N  N3    . G  C 1 2  ? 15.740  -14.707 -15.929 1.00 22.22 ? 119 G  C N3    1 
ATOM   552  C  C4    . G  C 1 2  ? 15.306  -15.534 -14.952 1.00 21.82 ? 119 G  C C4    1 
ATOM   553  P  P     . G  C 1 3  ? 16.329  -11.856 -10.163 1.00 22.23 ? 120 G  C P     1 
ATOM   554  O  OP1   . G  C 1 3  ? 17.018  -10.907 -9.240  1.00 24.06 ? 120 G  C OP1   1 
ATOM   555  O  OP2   . G  C 1 3  ? 15.114  -12.605 -9.710  1.00 18.19 ? 120 G  C OP2   1 
ATOM   556  O  "O5'" . G  C 1 3  ? 16.023  -11.132 -11.542 1.00 21.68 ? 120 G  C "O5'" 1 
ATOM   557  C  "C5'" . G  C 1 3  ? 16.916  -10.143 -12.013 1.00 24.18 ? 120 G  C "C5'" 1 
ATOM   558  C  "C4'" . G  C 1 3  ? 16.416  -9.555  -13.301 1.00 24.74 ? 120 G  C "C4'" 1 
ATOM   559  O  "O4'" . G  C 1 3  ? 16.215  -10.622 -14.252 1.00 22.03 ? 120 G  C "O4'" 1 
ATOM   560  C  "C3'" . G  C 1 3  ? 15.042  -8.928  -13.214 1.00 25.02 ? 120 G  C "C3'" 1 
ATOM   561  O  "O3'" . G  C 1 3  ? 15.063  -7.615  -12.733 1.00 28.00 ? 120 G  C "O3'" 1 
ATOM   562  C  "C2'" . G  C 1 3  ? 14.589  -8.955  -14.653 1.00 25.95 ? 120 G  C "C2'" 1 
ATOM   563  O  "O2'" . G  C 1 3  ? 15.162  -7.922  -15.431 1.00 29.39 ? 120 G  C "O2'" 1 
ATOM   564  C  "C1'" . G  C 1 3  ? 15.112  -10.317 -15.085 1.00 23.84 ? 120 G  C "C1'" 1 
ATOM   565  N  N9    . G  C 1 3  ? 14.105  -11.352 -14.926 1.00 20.99 ? 120 G  C N9    1 
ATOM   566  C  C8    . G  C 1 3  ? 13.946  -12.212 -13.867 1.00 19.99 ? 120 G  C C8    1 
ATOM   567  N  N7    . G  C 1 3  ? 12.968  -13.056 -14.041 1.00 21.17 ? 120 G  C N7    1 
ATOM   568  C  C5    . G  C 1 3  ? 12.445  -12.723 -15.286 1.00 18.96 ? 120 G  C C5    1 
ATOM   569  C  C6    . G  C 1 3  ? 11.383  -13.285 -15.991 1.00 17.34 ? 120 G  C C6    1 
ATOM   570  O  O6    . G  C 1 3  ? 10.664  -14.219 -15.665 1.00 17.80 ? 120 G  C O6    1 
ATOM   571  N  N1    . G  C 1 3  ? 11.180  -12.638 -17.203 1.00 18.80 ? 120 G  C N1    1 
ATOM   572  C  C2    . G  C 1 3  ? 11.918  -11.571 -17.666 1.00 18.62 ? 120 G  C C2    1 
ATOM   573  N  N2    . G  C 1 3  ? 11.563  -11.057 -18.863 1.00 16.91 ? 120 G  C N2    1 
ATOM   574  N  N3    . G  C 1 3  ? 12.925  -11.044 -17.005 1.00 18.39 ? 120 G  C N3    1 
ATOM   575  C  C4    . G  C 1 3  ? 13.130  -11.667 -15.829 1.00 18.98 ? 120 G  C C4    1 
ATOM   576  P  P     . A  C 1 4  ? 13.742  -7.011  -12.072 1.00 30.14 ? 121 A  C P     1 
ATOM   577  O  OP1   . A  C 1 4  ? 14.170  -5.643  -11.610 1.00 26.22 ? 121 A  C OP1   1 
ATOM   578  O  OP2   . A  C 1 4  ? 13.218  -8.015  -11.086 1.00 20.87 ? 121 A  C OP2   1 
ATOM   579  O  "O5'" . A  C 1 4  ? 12.677  -6.959  -13.276 1.00 25.88 ? 121 A  C "O5'" 1 
ATOM   580  C  "C5'" . A  C 1 4  ? 12.949  -6.259  -14.497 1.00 23.97 ? 121 A  C "C5'" 1 
ATOM   581  C  "C4'" . A  C 1 4  ? 11.772  -6.378  -15.468 1.00 25.08 ? 121 A  C "C4'" 1 
ATOM   582  O  "O4'" . A  C 1 4  ? 11.829  -7.663  -16.149 1.00 21.46 ? 121 A  C "O4'" 1 
ATOM   583  C  "C3'" . A  C 1 4  ? 10.343  -6.275  -14.931 1.00 21.70 ? 121 A  C "C3'" 1 
ATOM   584  O  "O3'" . A  C 1 4  ? 9.917   -4.906  -14.822 1.00 27.98 ? 121 A  C "O3'" 1 
ATOM   585  C  "C2'" . A  C 1 4  ? 9.569   -7.010  -16.008 1.00 16.46 ? 121 A  C "C2'" 1 
ATOM   586  O  "O2'" . A  C 1 4  ? 9.416   -6.188  -17.137 1.00 18.36 ? 121 A  C "O2'" 1 
ATOM   587  C  "C1'" . A  C 1 4  ? 10.520  -8.155  -16.357 1.00 17.58 ? 121 A  C "C1'" 1 
ATOM   588  N  N9    . A  C 1 4  ? 10.311  -9.340  -15.520 1.00 16.81 ? 121 A  C N9    1 
ATOM   589  C  C8    . A  C 1 4  ? 10.968  -9.680  -14.366 1.00 16.30 ? 121 A  C C8    1 
ATOM   590  N  N7    . A  C 1 4  ? 10.484  -10.756 -13.772 1.00 17.16 ? 121 A  C N7    1 
ATOM   591  C  C5    . A  C 1 4  ? 9.453   -11.165 -14.607 1.00 17.33 ? 121 A  C C5    1 
ATOM   592  C  C6    . A  C 1 4  ? 8.535   -12.247 -14.537 1.00 17.22 ? 121 A  C C6    1 
ATOM   593  N  N6    . A  C 1 4  ? 8.504   -13.149 -13.552 1.00 18.68 ? 121 A  C N6    1 
ATOM   594  N  N1    . A  C 1 4  ? 7.640   -12.365 -15.525 1.00 14.87 ? 121 A  C N1    1 
ATOM   595  C  C2    . A  C 1 4  ? 7.667   -11.468 -16.524 1.00 14.50 ? 121 A  C C2    1 
ATOM   596  N  N3    . A  C 1 4  ? 8.471   -10.422 -16.710 1.00 14.03 ? 121 A  C N3    1 
ATOM   597  C  C4    . A  C 1 4  ? 9.351   -10.317 -15.702 1.00 16.22 ? 121 A  C C4    1 
ATOM   598  P  P     . C  C 1 5  ? 8.518   -4.519  -14.059 1.00 34.88 ? 122 C  C P     1 
ATOM   599  O  OP1   . C  C 1 5  ? 8.390   -3.036  -14.092 1.00 35.78 ? 122 C  C OP1   1 
ATOM   600  O  OP2   . C  C 1 5  ? 8.432   -5.201  -12.740 1.00 32.15 ? 122 C  C OP2   1 
ATOM   601  O  "O5'" . C  C 1 5  ? 7.402   -5.105  -15.036 1.00 30.31 ? 122 C  C "O5'" 1 
ATOM   602  C  "C5'" . C  C 1 5  ? 6.126   -5.461  -14.546 1.00 30.01 ? 122 C  C "C5'" 1 
ATOM   603  C  "C4'" . C  C 1 5  ? 5.500   -6.535  -15.405 1.00 30.81 ? 122 C  C "C4'" 1 
ATOM   604  O  "O4'" . C  C 1 5  ? 6.277   -7.760  -15.329 1.00 31.24 ? 122 C  C "O4'" 1 
ATOM   605  C  "C3'" . C  C 1 5  ? 4.140   -6.955  -14.892 1.00 33.02 ? 122 C  C "C3'" 1 
ATOM   606  O  "O3'" . C  C 1 5  ? 3.160   -6.040  -15.353 1.00 34.18 ? 122 C  C "O3'" 1 
ATOM   607  C  "C2'" . C  C 1 5  ? 3.988   -8.355  -15.474 1.00 31.73 ? 122 C  C "C2'" 1 
ATOM   608  O  "O2'" . C  C 1 5  ? 3.617   -8.294  -16.843 1.00 34.66 ? 122 C  C "O2'" 1 
ATOM   609  C  "C1'" . C  C 1 5  ? 5.413   -8.891  -15.349 1.00 29.75 ? 122 C  C "C1'" 1 
ATOM   610  N  N1    . C  C 1 5  ? 5.702   -9.757  -14.172 1.00 29.44 ? 122 C  C N1    1 
ATOM   611  C  C2    . C  C 1 5  ? 5.038   -10.977 -14.052 1.00 28.49 ? 122 C  C C2    1 
ATOM   612  O  O2    . C  C 1 5  ? 4.256   -11.318 -14.940 1.00 29.40 ? 122 C  C O2    1 
ATOM   613  N  N3    . C  C 1 5  ? 5.272   -11.760 -12.978 1.00 27.26 ? 122 C  C N3    1 
ATOM   614  C  C4    . C  C 1 5  ? 6.143   -11.379 -12.053 1.00 26.93 ? 122 C  C C4    1 
ATOM   615  N  N4    . C  C 1 5  ? 6.334   -12.190 -11.006 1.00 28.07 ? 122 C  C N4    1 
ATOM   616  C  C5    . C  C 1 5  ? 6.856   -10.157 -12.154 1.00 26.57 ? 122 C  C C5    1 
ATOM   617  C  C6    . C  C 1 5  ? 6.604   -9.379  -13.217 1.00 27.67 ? 122 C  C C6    1 
ATOM   618  P  P     . C  C 1 6  ? 1.974   -5.602  -14.371 1.00 33.25 ? 123 C  C P     1 
ATOM   619  O  OP1   . C  C 1 6  ? 1.082   -4.780  -15.246 1.00 33.42 ? 123 C  C OP1   1 
ATOM   620  O  OP2   . C  C 1 6  ? 2.588   -4.988  -13.153 1.00 27.16 ? 123 C  C OP2   1 
ATOM   621  O  "O5'" . C  C 1 6  ? 1.258   -7.001  -14.015 1.00 32.71 ? 123 C  C "O5'" 1 
ATOM   622  C  "C5'" . C  C 1 6  ? 0.855   -7.874  -15.074 1.00 31.07 ? 123 C  C "C5'" 1 
ATOM   623  C  "C4'" . C  C 1 6  ? 0.399   -9.240  -14.581 1.00 33.00 ? 123 C  C "C4'" 1 
ATOM   624  O  "O4'" . C  C 1 6  ? 1.493   -9.925  -13.880 1.00 31.99 ? 123 C  C "O4'" 1 
ATOM   625  C  "C3'" . C  C 1 6  ? -0.758  -9.210  -13.575 1.00 34.48 ? 123 C  C "C3'" 1 
ATOM   626  O  "O3'" . C  C 1 6  ? -1.725  -10.276 -13.718 1.00 35.47 ? 123 C  C "O3'" 1 
ATOM   627  C  "C2'" . C  C 1 6  ? -0.041  -9.182  -12.224 1.00 32.90 ? 123 C  C "C2'" 1 
ATOM   628  O  "O2'" . C  C 1 6  ? -0.797  -9.846  -11.235 1.00 37.65 ? 123 C  C "O2'" 1 
ATOM   629  C  "C1'" . C  C 1 6  ? 1.169   -10.066 -12.508 1.00 31.04 ? 123 C  C "C1'" 1 
ATOM   630  N  N1    . C  C 1 6  ? 2.368   -9.938  -11.639 1.00 29.76 ? 123 C  C N1    1 
ATOM   631  C  C2    . C  C 1 6  ? 2.747   -11.039 -10.852 1.00 28.59 ? 123 C  C C2    1 
ATOM   632  O  O2    . C  C 1 6  ? 2.124   -12.103 -10.973 1.00 27.34 ? 123 C  C O2    1 
ATOM   633  N  N3    . C  C 1 6  ? 3.785   -10.913 -9.990  1.00 27.24 ? 123 C  C N3    1 
ATOM   634  C  C4    . C  C 1 6  ? 4.452   -9.761  -9.915  1.00 26.34 ? 123 C  C C4    1 
ATOM   635  N  N4    . C  C 1 6  ? 5.460   -9.680  -9.046  1.00 26.33 ? 123 C  C N4    1 
ATOM   636  C  C5    . C  C 1 6  ? 4.115   -8.641  -10.726 1.00 27.06 ? 123 C  C C5    1 
ATOM   637  C  C6    . C  C 1 6  ? 3.077   -8.770  -11.568 1.00 29.40 ? 123 C  C C6    1 
ATOM   638  P  P     . G  C 1 7  ? -2.755  -10.294 -14.982 1.00 37.89 ? 124 G  C P     1 
ATOM   639  O  OP1   . G  C 1 7  ? -3.074  -11.692 -15.373 1.00 35.88 ? 124 G  C OP1   1 
ATOM   640  O  OP2   . G  C 1 7  ? -2.231  -9.366  -16.020 1.00 40.98 ? 124 G  C OP2   1 
ATOM   641  O  "O5'" . G  C 1 7  ? -4.117  -9.669  -14.430 1.00 34.81 ? 124 G  C "O5'" 1 
ATOM   642  C  "C5'" . G  C 1 7  ? -4.187  -8.898  -13.225 1.00 25.61 ? 124 G  C "C5'" 1 
ATOM   643  C  "C4'" . G  C 1 7  ? -5.582  -9.003  -12.632 1.00 19.68 ? 124 G  C "C4'" 1 
ATOM   644  O  "O4'" . G  C 1 7  ? -6.564  -8.716  -13.664 1.00 19.07 ? 124 G  C "O4'" 1 
ATOM   645  C  "C3'" . G  C 1 7  ? -5.969  -10.380 -12.103 1.00 20.40 ? 124 G  C "C3'" 1 
ATOM   646  O  "O3'" . G  C 1 7  ? -5.614  -10.486 -10.726 1.00 25.57 ? 124 G  C "O3'" 1 
ATOM   647  C  "C2'" . G  C 1 7  ? -7.494  -10.374 -12.230 1.00 17.91 ? 124 G  C "C2'" 1 
ATOM   648  O  "O2'" . G  C 1 7  ? -8.206  -9.824  -11.158 1.00 15.39 ? 124 G  C "O2'" 1 
ATOM   649  C  "C1'" . G  C 1 7  ? -7.701  -9.552  -13.499 1.00 18.39 ? 124 G  C "C1'" 1 
ATOM   650  N  N9    . G  C 1 7  ? -7.858  -10.382 -14.687 1.00 16.57 ? 124 G  C N9    1 
ATOM   651  C  C8    . G  C 1 7  ? -6.979  -10.548 -15.730 1.00 15.63 ? 124 G  C C8    1 
ATOM   652  N  N7    . G  C 1 7  ? -7.445  -11.326 -16.669 1.00 17.46 ? 124 G  C N7    1 
ATOM   653  C  C5    . G  C 1 7  ? -8.707  -11.697 -16.211 1.00 17.47 ? 124 G  C C5    1 
ATOM   654  C  C6    . G  C 1 7  ? -9.699  -12.527 -16.801 1.00 16.92 ? 124 G  C C6    1 
ATOM   655  O  O6    . G  C 1 7  ? -9.663  -13.107 -17.898 1.00 18.05 ? 124 G  C O6    1 
ATOM   656  N  N1    . G  C 1 7  ? -10.819 -12.653 -15.983 1.00 15.89 ? 124 G  C N1    1 
ATOM   657  C  C2    . G  C 1 7  ? -10.978 -12.057 -14.754 1.00 17.96 ? 124 G  C C2    1 
ATOM   658  N  N2    . G  C 1 7  ? -12.128 -12.310 -14.090 1.00 15.56 ? 124 G  C N2    1 
ATOM   659  N  N3    . G  C 1 7  ? -10.066 -11.263 -14.201 1.00 20.11 ? 124 G  C N3    1 
ATOM   660  C  C4    . G  C 1 7  ? -8.963  -11.136 -14.981 1.00 17.96 ? 124 G  C C4    1 
ATOM   661  P  P     . A  C 1 8  ? -5.043  -11.881 -10.133 1.00 19.71 ? 125 A  C P     1 
ATOM   662  O  OP1   . A  C 1 8  ? -3.638  -11.666 -9.705  1.00 24.72 ? 125 A  C OP1   1 
ATOM   663  O  OP2   . A  C 1 8  ? -5.359  -12.973 -11.100 1.00 24.41 ? 125 A  C OP2   1 
ATOM   664  O  "O5'" . A  C 1 8  ? -5.903  -12.140 -8.815  1.00 19.91 ? 125 A  C "O5'" 1 
ATOM   665  C  "C5'" . A  C 1 8  ? -5.787  -11.303 -7.676  1.00 17.47 ? 125 A  C "C5'" 1 
ATOM   666  C  "C4'" . A  C 1 8  ? -6.762  -11.764 -6.631  1.00 18.52 ? 125 A  C "C4'" 1 
ATOM   667  O  "O4'" . A  C 1 8  ? -8.099  -11.753 -7.192  1.00 22.14 ? 125 A  C "O4'" 1 
ATOM   668  C  "C3'" . A  C 1 8  ? -6.571  -13.182 -6.143  1.00 16.97 ? 125 A  C "C3'" 1 
ATOM   669  O  "O3'" . A  C 1 8  ? -5.682  -13.156 -5.041  1.00 17.19 ? 125 A  C "O3'" 1 
ATOM   670  C  "C2'" . A  C 1 8  ? -7.965  -13.535 -5.658  1.00 19.89 ? 125 A  C "C2'" 1 
ATOM   671  O  "O2'" . A  C 1 8  ? -8.228  -12.923 -4.402  1.00 24.68 ? 125 A  C "O2'" 1 
ATOM   672  C  "C1'" . A  C 1 8  ? -8.830  -12.859 -6.714  1.00 19.01 ? 125 A  C "C1'" 1 
ATOM   673  N  N9    . A  C 1 8  ? -9.195  -13.669 -7.870  1.00 19.92 ? 125 A  C N9    1 
ATOM   674  C  C8    . A  C 1 8  ? -8.738  -13.481 -9.149  1.00 18.37 ? 125 A  C C8    1 
ATOM   675  N  N7    . A  C 1 8  ? -9.294  -14.266 -10.031 1.00 18.48 ? 125 A  C N7    1 
ATOM   676  C  C5    . A  C 1 8  ? -10.167 -15.046 -9.283  1.00 19.17 ? 125 A  C C5    1 
ATOM   677  C  C6    . A  C 1 8  ? -11.069 -16.079 -9.643  1.00 18.31 ? 125 A  C C6    1 
ATOM   678  N  N6    . A  C 1 8  ? -11.233 -16.525 -10.904 1.00 11.29 ? 125 A  C N6    1 
ATOM   679  N  N1    . A  C 1 8  ? -11.792 -16.646 -8.650  1.00 15.50 ? 125 A  C N1    1 
ATOM   680  C  C2    . A  C 1 8  ? -11.599 -16.226 -7.402  1.00 17.10 ? 125 A  C C2    1 
ATOM   681  N  N3    . A  C 1 8  ? -10.781 -15.278 -6.937  1.00 19.33 ? 125 A  C N3    1 
ATOM   682  C  C4    . A  C 1 8  ? -10.091 -14.711 -7.945  1.00 19.40 ? 125 A  C C4    1 
ATOM   683  P  P     . G  C 1 9  ? -4.643  -14.360 -4.846  1.00 15.54 ? 126 G  C P     1 
ATOM   684  O  OP1   . G  C 1 9  ? -3.655  -13.877 -3.837  1.00 19.36 ? 126 G  C OP1   1 
ATOM   685  O  OP2   . G  C 1 9  ? -4.177  -14.839 -6.168  1.00 20.81 ? 126 G  C OP2   1 
ATOM   686  O  "O5'" . G  C 1 9  ? -5.519  -15.557 -4.266  1.00 15.81 ? 126 G  C "O5'" 1 
ATOM   687  C  "C5'" . G  C 1 9  ? -6.463  -15.337 -3.219  1.00 14.06 ? 126 G  C "C5'" 1 
ATOM   688  C  "C4'" . G  C 1 9  ? -7.337  -16.545 -3.071  1.00 14.68 ? 126 G  C "C4'" 1 
ATOM   689  O  "O4'" . G  C 1 9  ? -8.183  -16.639 -4.260  1.00 18.72 ? 126 G  C "O4'" 1 
ATOM   690  C  "C3'" . G  C 1 9  ? -6.575  -17.881 -2.997  1.00 16.22 ? 126 G  C "C3'" 1 
ATOM   691  O  "O3'" . G  C 1 9  ? -7.139  -18.772 -2.027  1.00 15.13 ? 126 G  C "O3'" 1 
ATOM   692  C  "C2'" . G  C 1 9  ? -6.841  -18.479 -4.372  1.00 16.87 ? 126 G  C "C2'" 1 
ATOM   693  O  "O2'" . G  C 1 9  ? -6.821  -19.879 -4.343  1.00 16.57 ? 126 G  C "O2'" 1 
ATOM   694  C  "C1'" . G  C 1 9  ? -8.265  -17.991 -4.612  1.00 17.21 ? 126 G  C "C1'" 1 
ATOM   695  N  N9    . G  C 1 9  ? -8.717  -18.144 -5.987  1.00 17.55 ? 126 G  C N9    1 
ATOM   696  C  C8    . G  C 1 9  ? -9.792  -18.889 -6.408  1.00 16.89 ? 126 G  C C8    1 
ATOM   697  N  N7    . G  C 1 9  ? -9.858  -19.002 -7.700  1.00 14.61 ? 126 G  C N7    1 
ATOM   698  C  C5    . G  C 1 9  ? -8.791  -18.251 -8.166  1.00 15.16 ? 126 G  C C5    1 
ATOM   699  C  C6    . G  C 1 9  ? -8.357  -18.012 -9.484  1.00 14.52 ? 126 G  C C6    1 
ATOM   700  O  O6    . G  C 1 9  ? -8.833  -18.461 -10.541 1.00 16.64 ? 126 G  C O6    1 
ATOM   701  N  N1    . G  C 1 9  ? -7.241  -17.171 -9.513  1.00 12.65 ? 126 G  C N1    1 
ATOM   702  C  C2    . G  C 1 9  ? -6.620  -16.640 -8.407  1.00 12.42 ? 126 G  C C2    1 
ATOM   703  N  N2    . G  C 1 9  ? -5.577  -15.867 -8.634  1.00 7.38  ? 126 G  C N2    1 
ATOM   704  N  N3    . G  C 1 9  ? -7.012  -16.866 -7.161  1.00 15.84 ? 126 G  C N3    1 
ATOM   705  C  C4    . G  C 1 9  ? -8.100  -17.677 -7.119  1.00 17.34 ? 126 G  C C4    1 
ATOM   706  P  P     . C  C 1 10 ? -6.336  -19.126 -0.674  1.00 17.14 ? 127 C  C P     1 
ATOM   707  O  OP1   . C  C 1 10 ? -7.182  -20.017 0.144   1.00 22.94 ? 127 C  C OP1   1 
ATOM   708  O  OP2   . C  C 1 10 ? -5.832  -17.847 -0.082  1.00 21.38 ? 127 C  C OP2   1 
ATOM   709  O  "O5'" . C  C 1 10 ? -5.043  -19.946 -1.116  1.00 18.72 ? 127 C  C "O5'" 1 
ATOM   710  C  "C5'" . C  C 1 10 ? -5.102  -21.311 -1.524  1.00 15.66 ? 127 C  C "C5'" 1 
ATOM   711  C  "C4'" . C  C 1 10 ? -3.695  -21.847 -1.683  1.00 15.79 ? 127 C  C "C4'" 1 
ATOM   712  O  "O4'" . C  C 1 10 ? -3.113  -21.335 -2.909  1.00 12.58 ? 127 C  C "O4'" 1 
ATOM   713  C  "C3'" . C  C 1 10 ? -2.720  -21.422 -0.607  1.00 17.63 ? 127 C  C "C3'" 1 
ATOM   714  O  "O3'" . C  C 1 10 ? -2.856  -22.218 0.559   1.00 17.58 ? 127 C  C "O3'" 1 
ATOM   715  C  "C2'" . C  C 1 10 ? -1.374  -21.544 -1.321  1.00 18.01 ? 127 C  C "C2'" 1 
ATOM   716  O  "O2'" . C  C 1 10 ? -0.901  -22.873 -1.441  1.00 23.22 ? 127 C  C "O2'" 1 
ATOM   717  C  "C1'" . C  C 1 10 ? -1.741  -21.030 -2.710  1.00 15.88 ? 127 C  C "C1'" 1 
ATOM   718  N  N1    . C  C 1 10 ? -1.573  -19.567 -2.853  1.00 17.68 ? 127 C  C N1    1 
ATOM   719  C  C2    . C  C 1 10 ? -0.280  -19.001 -2.758  1.00 18.53 ? 127 C  C C2    1 
ATOM   720  O  O2    . C  C 1 10 ? 0.695   -19.746 -2.579  1.00 17.35 ? 127 C  C O2    1 
ATOM   721  N  N3    . C  C 1 10 ? -0.140  -17.647 -2.872  1.00 20.04 ? 127 C  C N3    1 
ATOM   722  C  C4    . C  C 1 10 ? -1.220  -16.872 -3.090  1.00 18.35 ? 127 C  C C4    1 
ATOM   723  N  N4    . C  C 1 10 ? -1.041  -15.555 -3.201  1.00 17.38 ? 127 C  C N4    1 
ATOM   724  C  C5    . C  C 1 10 ? -2.529  -17.419 -3.202  1.00 17.29 ? 127 C  C C5    1 
ATOM   725  C  C6    . C  C 1 10 ? -2.658  -18.759 -3.075  1.00 17.61 ? 127 C  C C6    1 
ATOM   726  P  P     . C  C 1 11 ? -2.676  -21.533 2.006   1.00 22.50 ? 128 C  C P     1 
ATOM   727  O  OP1   . C  C 1 11 ? -3.047  -22.534 3.027   1.00 25.52 ? 128 C  C OP1   1 
ATOM   728  O  OP2   . C  C 1 11 ? -3.311  -20.173 2.028   1.00 17.59 ? 128 C  C OP2   1 
ATOM   729  O  "O5'" . C  C 1 11 ? -1.105  -21.381 2.124   1.00 21.65 ? 128 C  C "O5'" 1 
ATOM   730  C  "C5'" . C  C 1 11 ? -0.261  -22.411 1.633   1.00 20.47 ? 128 C  C "C5'" 1 
ATOM   731  C  "C4'" . C  C 1 11 ? 1.173   -22.070 1.915   1.00 20.52 ? 128 C  C "C4'" 1 
ATOM   732  O  "O4'" . C  C 1 11 ? 1.662   -21.261 0.820   1.00 18.46 ? 128 C  C "O4'" 1 
ATOM   733  C  "C3'" . C  C 1 11 ? 1.408   -21.209 3.152   1.00 23.07 ? 128 C  C "C3'" 1 
ATOM   734  O  "O3'" . C  C 1 11 ? 1.477   -21.969 4.351   1.00 24.95 ? 128 C  C "O3'" 1 
ATOM   735  C  "C2'" . C  C 1 11 ? 2.740   -20.566 2.817   1.00 24.35 ? 128 C  C "C2'" 1 
ATOM   736  O  "O2'" . C  C 1 11 ? 3.804   -21.475 3.003   1.00 24.40 ? 128 C  C "O2'" 1 
ATOM   737  C  "C1'" . C  C 1 11 ? 2.552   -20.281 1.325   1.00 23.32 ? 128 C  C "C1'" 1 
ATOM   738  N  N1    . C  C 1 11 ? 1.967   -18.946 1.101   1.00 22.69 ? 128 C  C N1    1 
ATOM   739  C  C2    . C  C 1 11 ? 2.798   -17.845 1.191   1.00 22.63 ? 128 C  C C2    1 
ATOM   740  O  O2    . C  C 1 11 ? 3.986   -18.029 1.494   1.00 24.25 ? 128 C  C O2    1 
ATOM   741  N  N3    . C  C 1 11 ? 2.302   -16.611 0.952   1.00 22.41 ? 128 C  C N3    1 
ATOM   742  C  C4    . C  C 1 11 ? 1.024   -16.462 0.646   1.00 22.43 ? 128 C  C C4    1 
ATOM   743  N  N4    . C  C 1 11 ? 0.588   -15.232 0.407   1.00 23.62 ? 128 C  C N4    1 
ATOM   744  C  C5    . C  C 1 11 ? 0.136   -17.570 0.570   1.00 22.56 ? 128 C  C C5    1 
ATOM   745  C  C6    . C  C 1 11 ? 0.645   -18.787 0.801   1.00 22.17 ? 128 C  C C6    1 
ATOM   746  P  P     . A  C 1 12 ? 1.202   -21.265 5.771   1.00 26.22 ? 129 A  C P     1 
ATOM   747  O  OP1   . A  C 1 12 ? 1.320   -22.323 6.788   1.00 29.50 ? 129 A  C OP1   1 
ATOM   748  O  OP2   . A  C 1 12 ? -0.005  -20.415 5.726   1.00 26.85 ? 129 A  C OP2   1 
ATOM   749  O  "O5'" . A  C 1 12 ? 2.453   -20.326 5.988   1.00 27.39 ? 129 A  C "O5'" 1 
ATOM   750  C  "C5'" . A  C 1 12 ? 3.738   -20.898 6.150   1.00 25.68 ? 129 A  C "C5'" 1 
ATOM   751  C  "C4'" . A  C 1 12 ? 4.740   -19.816 6.423   1.00 24.12 ? 129 A  C "C4'" 1 
ATOM   752  O  "O4'" . A  C 1 12 ? 4.863   -19.018 5.225   1.00 19.24 ? 129 A  C "O4'" 1 
ATOM   753  C  "C3'" . A  C 1 12 ? 4.302   -18.819 7.479   1.00 25.78 ? 129 A  C "C3'" 1 
ATOM   754  O  "O3'" . A  C 1 12 ? 4.580   -19.269 8.806   1.00 30.70 ? 129 A  C "O3'" 1 
ATOM   755  C  "C2'" . A  C 1 12 ? 5.120   -17.602 7.095   1.00 23.71 ? 129 A  C "C2'" 1 
ATOM   756  O  "O2'" . A  C 1 12 ? 6.463   -17.715 7.514   1.00 27.56 ? 129 A  C "O2'" 1 
ATOM   757  C  "C1'" . A  C 1 12 ? 5.076   -17.679 5.572   1.00 19.47 ? 129 A  C "C1'" 1 
ATOM   758  N  N9    . A  C 1 12 ? 4.030   -16.875 4.960   1.00 18.72 ? 129 A  C N9    1 
ATOM   759  C  C8    . A  C 1 12 ? 2.767   -17.261 4.595   1.00 18.29 ? 129 A  C C8    1 
ATOM   760  N  N7    . A  C 1 12 ? 2.071   -16.303 4.045   1.00 19.86 ? 129 A  C N7    1 
ATOM   761  C  C5    . A  C 1 12 ? 2.930   -15.209 4.048   1.00 17.53 ? 129 A  C C5    1 
ATOM   762  C  C6    . A  C 1 12 ? 2.791   -13.895 3.592   1.00 16.69 ? 129 A  C C6    1 
ATOM   763  N  N6    . A  C 1 12 ? 1.698   -13.423 2.998   1.00 15.67 ? 129 A  C N6    1 
ATOM   764  N  N1    . A  C 1 12 ? 3.836   -13.061 3.763   1.00 19.76 ? 129 A  C N1    1 
ATOM   765  C  C2    . A  C 1 12 ? 4.943   -13.523 4.349   1.00 17.87 ? 129 A  C C2    1 
ATOM   766  N  N3    . A  C 1 12 ? 5.196   -14.736 4.809   1.00 17.21 ? 129 A  C N3    1 
ATOM   767  C  C4    . A  C 1 12 ? 4.135   -15.544 4.623   1.00 18.00 ? 129 A  C C4    1 
ATOM   768  P  P     . G  C 1 13 ? 4.210   -18.331 10.061  1.00 32.78 ? 130 G  C P     1 
ATOM   769  O  OP1   . G  C 1 13 ? 4.430   -19.111 11.305  1.00 30.86 ? 130 G  C OP1   1 
ATOM   770  O  OP2   . G  C 1 13 ? 2.872   -17.716 9.796   1.00 32.40 ? 130 G  C OP2   1 
ATOM   771  O  "O5'" . G  C 1 13 ? 5.288   -17.149 10.007  1.00 33.01 ? 130 G  C "O5'" 1 
ATOM   772  C  "C5'" . G  C 1 13 ? 5.505   -16.298 11.136  1.00 34.03 ? 130 G  C "C5'" 1 
ATOM   773  C  "C4'" . G  C 1 13 ? 6.074   -14.957 10.713  1.00 33.88 ? 130 G  C "C4'" 1 
ATOM   774  O  "O4'" . G  C 1 13 ? 5.878   -14.748 9.282   1.00 34.82 ? 130 G  C "O4'" 1 
ATOM   775  C  "C3'" . G  C 1 13 ? 5.379   -13.764 11.356  1.00 34.29 ? 130 G  C "C3'" 1 
ATOM   776  O  "O3'" . G  C 1 13 ? 5.845   -13.586 12.707  1.00 32.71 ? 130 G  C "O3'" 1 
ATOM   777  C  "C2'" . G  C 1 13 ? 5.674   -12.627 10.365  1.00 34.01 ? 130 G  C "C2'" 1 
ATOM   778  O  "O2'" . G  C 1 13 ? 6.927   -11.974 10.541  1.00 33.73 ? 130 G  C "O2'" 1 
ATOM   779  C  "C1'" . G  C 1 13 ? 5.635   -13.364 9.025   1.00 31.24 ? 130 G  C "C1'" 1 
ATOM   780  N  N9    . G  C 1 13 ? 4.407   -13.246 8.245   1.00 28.20 ? 130 G  C N9    1 
ATOM   781  C  C8    . G  C 1 13 ? 3.526   -14.259 7.945   1.00 28.08 ? 130 G  C C8    1 
ATOM   782  N  N7    . G  C 1 13 ? 2.529   -13.871 7.193   1.00 27.78 ? 130 G  C N7    1 
ATOM   783  C  C5    . G  C 1 13 ? 2.755   -12.514 6.992   1.00 25.39 ? 130 G  C C5    1 
ATOM   784  C  C6    . G  C 1 13 ? 2.003   -11.550 6.251   1.00 25.14 ? 130 G  C C6    1 
ATOM   785  O  O6    . G  C 1 13 ? 0.939   -11.724 5.599   1.00 22.19 ? 130 G  C O6    1 
ATOM   786  N  N1    . G  C 1 13 ? 2.602   -10.281 6.309   1.00 23.25 ? 130 G  C N1    1 
ATOM   787  C  C2    . G  C 1 13 ? 3.763   -9.994  6.988   1.00 21.86 ? 130 G  C C2    1 
ATOM   788  N  N2    . G  C 1 13 ? 4.190   -8.752  6.933   1.00 20.32 ? 130 G  C N2    1 
ATOM   789  N  N3    . G  C 1 13 ? 4.462   -10.879 7.677   1.00 24.57 ? 130 G  C N3    1 
ATOM   790  C  C4    . G  C 1 13 ? 3.908   -12.109 7.636   1.00 25.92 ? 130 G  C C4    1 
ATOM   791  O  "O5'" . G  D 2 1  ? -5.949  -6.167  2.496   1.00 27.92 ? 139 G  D "O5'" 1 
ATOM   792  C  "C5'" . G  D 2 1  ? -5.956  -4.735  2.450   1.00 25.91 ? 139 G  D "C5'" 1 
ATOM   793  C  "C4'" . G  D 2 1  ? -5.172  -4.078  3.570   1.00 23.40 ? 139 G  D "C4'" 1 
ATOM   794  O  "O4'" . G  D 2 1  ? -5.522  -4.676  4.836   1.00 22.80 ? 139 G  D "O4'" 1 
ATOM   795  C  "C3'" . G  D 2 1  ? -3.657  -4.163  3.503   1.00 21.71 ? 139 G  D "C3'" 1 
ATOM   796  O  "O3'" . G  D 2 1  ? -3.184  -3.059  2.785   1.00 23.72 ? 139 G  D "O3'" 1 
ATOM   797  C  "C2'" . G  D 2 1  ? -3.240  -4.015  4.957   1.00 20.56 ? 139 G  D "C2'" 1 
ATOM   798  O  "O2'" . G  D 2 1  ? -3.090  -2.684  5.432   1.00 19.59 ? 139 G  D "O2'" 1 
ATOM   799  C  "C1'" . G  D 2 1  ? -4.367  -4.770  5.653   1.00 20.04 ? 139 G  D "C1'" 1 
ATOM   800  N  N9    . G  D 2 1  ? -4.048  -6.182  5.780   1.00 17.71 ? 139 G  D N9    1 
ATOM   801  C  C8    . G  D 2 1  ? -4.739  -7.245  5.245   1.00 16.10 ? 139 G  D C8    1 
ATOM   802  N  N7    . G  D 2 1  ? -4.206  -8.396  5.550   1.00 16.74 ? 139 G  D N7    1 
ATOM   803  C  C5    . G  D 2 1  ? -3.101  -8.069  6.326   1.00 15.36 ? 139 G  D C5    1 
ATOM   804  C  C6    . G  D 2 1  ? -2.144  -8.892  6.950   1.00 15.88 ? 139 G  D C6    1 
ATOM   805  O  O6    . G  D 2 1  ? -2.069  -10.121 6.939   1.00 19.13 ? 139 G  D O6    1 
ATOM   806  N  N1    . G  D 2 1  ? -1.195  -8.146  7.649   1.00 14.30 ? 139 G  D N1    1 
ATOM   807  C  C2    . G  D 2 1  ? -1.168  -6.784  7.728   1.00 13.34 ? 139 G  D C2    1 
ATOM   808  N  N2    . G  D 2 1  ? -0.178  -6.244  8.470   1.00 11.75 ? 139 G  D N2    1 
ATOM   809  N  N3    . G  D 2 1  ? -2.054  -6.001  7.133   1.00 14.33 ? 139 G  D N3    1 
ATOM   810  C  C4    . G  D 2 1  ? -2.987  -6.707  6.465   1.00 15.76 ? 139 G  D C4    1 
ATOM   811  P  P     . C  D 2 2  ? -2.128  -3.294  1.629   1.00 24.66 ? 140 C  D P     1 
ATOM   812  O  OP1   . C  D 2 2  ? -2.191  -2.114  0.721   1.00 24.59 ? 140 C  D OP1   1 
ATOM   813  O  OP2   . C  D 2 2  ? -2.404  -4.658  1.098   1.00 23.93 ? 140 C  D OP2   1 
ATOM   814  O  "O5'" . C  D 2 2  ? -0.750  -3.321  2.415   1.00 22.41 ? 140 C  D "O5'" 1 
ATOM   815  C  "C5'" . C  D 2 2  ? -0.469  -2.369  3.426   1.00 22.64 ? 140 C  D "C5'" 1 
ATOM   816  C  "C4'" . C  D 2 2  ? 0.734   -2.810  4.224   1.00 22.87 ? 140 C  D "C4'" 1 
ATOM   817  O  "O4'" . C  D 2 2  ? 0.276   -3.683  5.286   1.00 23.30 ? 140 C  D "O4'" 1 
ATOM   818  C  "C3'" . C  D 2 2  ? 1.765   -3.659  3.482   1.00 23.43 ? 140 C  D "C3'" 1 
ATOM   819  O  "O3'" . C  D 2 2  ? 2.718   -2.896  2.746   1.00 24.54 ? 140 C  D "O3'" 1 
ATOM   820  C  "C2'" . C  D 2 2  ? 2.439   -4.397  4.622   1.00 23.35 ? 140 C  D "C2'" 1 
ATOM   821  O  "O2'" . C  D 2 2  ? 3.307   -3.558  5.336   1.00 28.70 ? 140 C  D "O2'" 1 
ATOM   822  C  "C1'" . C  D 2 2  ? 1.243   -4.705  5.508   1.00 25.16 ? 140 C  D "C1'" 1 
ATOM   823  N  N1    . C  D 2 2  ? 0.695   -6.012  5.115   1.00 26.31 ? 140 C  D N1    1 
ATOM   824  C  C2    . C  D 2 2  ? 1.389   -7.153  5.535   1.00 25.10 ? 140 C  D C2    1 
ATOM   825  O  O2    . C  D 2 2  ? 2.411   -7.000  6.200   1.00 27.21 ? 140 C  D O2    1 
ATOM   826  N  N3    . C  D 2 2  ? 0.930   -8.376  5.198   1.00 23.62 ? 140 C  D N3    1 
ATOM   827  C  C4    . C  D 2 2  ? -0.181  -8.484  4.464   1.00 23.45 ? 140 C  D C4    1 
ATOM   828  N  N4    . C  D 2 2  ? -0.607  -9.704  4.175   1.00 24.33 ? 140 C  D N4    1 
ATOM   829  C  C5    . C  D 2 2  ? -0.909  -7.339  4.006   1.00 22.46 ? 140 C  D C5    1 
ATOM   830  C  C6    . C  D 2 2  ? -0.442  -6.131  4.354   1.00 24.59 ? 140 C  D C6    1 
ATOM   831  P  P     . U  D 2 3  ? 3.371   -3.505  1.392   1.00 22.43 ? 141 U  D P     1 
ATOM   832  O  OP1   . U  D 2 3  ? 3.904   -2.323  0.666   1.00 21.79 ? 141 U  D OP1   1 
ATOM   833  O  OP2   . U  D 2 3  ? 2.355   -4.384  0.720   1.00 20.58 ? 141 U  D OP2   1 
ATOM   834  O  "O5'" . U  D 2 3  ? 4.607   -4.439  1.854   1.00 21.45 ? 141 U  D "O5'" 1 
ATOM   835  C  "C5'" . U  D 2 3  ? 5.172   -4.355  3.168   1.00 19.86 ? 141 U  D "C5'" 1 
ATOM   836  C  "C4'" . U  D 2 3  ? 6.205   -5.450  3.407   1.00 20.55 ? 141 U  D "C4'" 1 
ATOM   837  O  "O4'" . U  D 2 3  ? 5.701   -6.394  4.400   1.00 24.61 ? 141 U  D "O4'" 1 
ATOM   838  C  "C3'" . U  D 2 3  ? 6.652   -6.323  2.249   1.00 19.36 ? 141 U  D "C3'" 1 
ATOM   839  O  "O3'" . U  D 2 3  ? 7.649   -5.688  1.451   1.00 20.39 ? 141 U  D "O3'" 1 
ATOM   840  C  "C2'" . U  D 2 3  ? 7.157   -7.571  2.974   1.00 18.93 ? 141 U  D "C2'" 1 
ATOM   841  O  "O2'" . U  D 2 3  ? 8.405   -7.434  3.616   1.00 22.20 ? 141 U  D "O2'" 1 
ATOM   842  C  "C1'" . U  D 2 3  ? 6.129   -7.707  4.085   1.00 20.02 ? 141 U  D "C1'" 1 
ATOM   843  N  N1    . U  D 2 3  ? 4.972   -8.477  3.631   1.00 20.47 ? 141 U  D N1    1 
ATOM   844  C  C2    . U  D 2 3  ? 4.976   -9.839  3.870   1.00 22.55 ? 141 U  D C2    1 
ATOM   845  O  O2    . U  D 2 3  ? 5.893   -10.411 4.451   1.00 24.16 ? 141 U  D O2    1 
ATOM   846  N  N3    . U  D 2 3  ? 3.873   -10.510 3.408   1.00 21.92 ? 141 U  D N3    1 
ATOM   847  C  C4    . U  D 2 3  ? 2.784   -9.968  2.752   1.00 22.42 ? 141 U  D C4    1 
ATOM   848  O  O4    . U  D 2 3  ? 1.862   -10.714 2.385   1.00 22.97 ? 141 U  D O4    1 
ATOM   849  C  C5    . U  D 2 3  ? 2.863   -8.547  2.547   1.00 20.58 ? 141 U  D C5    1 
ATOM   850  C  C6    . U  D 2 3  ? 3.930   -7.872  2.982   1.00 18.97 ? 141 U  D C6    1 
ATOM   851  P  P     . G  D 2 4  ? 8.017   -6.289  -0.001  1.00 22.85 ? 142 G  D P     1 
ATOM   852  O  OP1   . G  D 2 4  ? 9.296   -5.671  -0.419  1.00 23.93 ? 142 G  D OP1   1 
ATOM   853  O  OP2   . G  D 2 4  ? 6.842   -6.215  -0.915  1.00 19.66 ? 142 G  D OP2   1 
ATOM   854  O  "O5'" . G  D 2 4  ? 8.266   -7.833  0.292   1.00 20.57 ? 142 G  D "O5'" 1 
ATOM   855  C  "C5'" . G  D 2 4  ? 9.557   -8.351  0.192   1.00 18.98 ? 142 G  D "C5'" 1 
ATOM   856  C  "C4'" . G  D 2 4  ? 9.635   -9.738  0.759   1.00 20.82 ? 142 G  D "C4'" 1 
ATOM   857  O  "O4'" . G  D 2 4  ? 8.520   -10.021 1.648   1.00 20.88 ? 142 G  D "O4'" 1 
ATOM   858  C  "C3'" . G  D 2 4  ? 9.489   -10.798 -0.310  1.00 21.86 ? 142 G  D "C3'" 1 
ATOM   859  O  "O3'" . G  D 2 4  ? 10.664  -10.908 -1.107  1.00 22.31 ? 142 G  D "O3'" 1 
ATOM   860  C  "C2'" . G  D 2 4  ? 9.099   -12.026 0.504   1.00 20.39 ? 142 G  D "C2'" 1 
ATOM   861  O  "O2'" . G  D 2 4  ? 10.213  -12.663 1.089   1.00 15.64 ? 142 G  D "O2'" 1 
ATOM   862  C  "C1'" . G  D 2 4  ? 8.191   -11.403 1.571   1.00 21.84 ? 142 G  D "C1'" 1 
ATOM   863  N  N9    . G  D 2 4  ? 6.783   -11.551 1.206   1.00 23.03 ? 142 G  D N9    1 
ATOM   864  C  C8    . G  D 2 4  ? 5.946   -10.585 0.701   1.00 20.58 ? 142 G  D C8    1 
ATOM   865  N  N7    . G  D 2 4  ? 4.762   -11.051 0.383   1.00 21.38 ? 142 G  D N7    1 
ATOM   866  C  C5    . G  D 2 4  ? 4.810   -12.406 0.716   1.00 20.88 ? 142 G  D C5    1 
ATOM   867  C  C6    . G  D 2 4  ? 3.826   -13.437 0.584   1.00 19.07 ? 142 G  D C6    1 
ATOM   868  O  O6    . G  D 2 4  ? 2.690   -13.372 0.126   1.00 20.72 ? 142 G  D O6    1 
ATOM   869  N  N1    . G  D 2 4  ? 4.298   -14.652 1.040   1.00 18.46 ? 142 G  D N1    1 
ATOM   870  C  C2    . G  D 2 4  ? 5.538   -14.875 1.550   1.00 16.94 ? 142 G  D C2    1 
ATOM   871  N  N2    . G  D 2 4  ? 5.776   -16.116 1.915   1.00 16.80 ? 142 G  D N2    1 
ATOM   872  N  N3    . G  D 2 4  ? 6.470   -13.945 1.683   1.00 18.94 ? 142 G  D N3    1 
ATOM   873  C  C4    . G  D 2 4  ? 6.040   -12.734 1.244   1.00 22.07 ? 142 G  D C4    1 
ATOM   874  P  P     . G  D 2 5  ? 10.542  -11.420 -2.637  1.00 25.18 ? 143 G  D P     1 
ATOM   875  O  OP1   . G  D 2 5  ? 11.863  -11.221 -3.298  1.00 26.85 ? 143 G  D OP1   1 
ATOM   876  O  OP2   . G  D 2 5  ? 9.277   -10.952 -3.312  1.00 18.62 ? 143 G  D OP2   1 
ATOM   877  O  "O5'" . G  D 2 5  ? 10.363  -12.985 -2.478  1.00 21.43 ? 143 G  D "O5'" 1 
ATOM   878  C  "C5'" . G  D 2 5  ? 9.462   -13.668 -3.307  1.00 21.30 ? 143 G  D "C5'" 1 
ATOM   879  C  "C4'" . G  D 2 5  ? 9.126   -14.986 -2.691  1.00 22.64 ? 143 G  D "C4'" 1 
ATOM   880  O  "O4'" . G  D 2 5  ? 8.298   -14.758 -1.514  1.00 24.31 ? 143 G  D "O4'" 1 
ATOM   881  C  "C3'" . G  D 2 5  ? 8.399   -16.015 -3.540  1.00 22.20 ? 143 G  D "C3'" 1 
ATOM   882  O  "O3'" . G  D 2 5  ? 9.370   -16.752 -4.326  1.00 24.28 ? 143 G  D "O3'" 1 
ATOM   883  C  "C2'" . G  D 2 5  ? 7.752   -16.863 -2.449  1.00 21.11 ? 143 G  D "C2'" 1 
ATOM   884  O  "O2'" . G  D 2 5  ? 8.742   -17.651 -1.824  1.00 21.06 ? 143 G  D "O2'" 1 
ATOM   885  C  "C1'" . G  D 2 5  ? 7.313   -15.778 -1.445  1.00 23.53 ? 143 G  D "C1'" 1 
ATOM   886  N  N9    . G  D 2 5  ? 6.034   -15.175 -1.822  1.00 22.13 ? 143 G  D N9    1 
ATOM   887  C  C8    . G  D 2 5  ? 5.808   -13.858 -2.136  1.00 18.08 ? 143 G  D C8    1 
ATOM   888  N  N7    . G  D 2 5  ? 4.577   -13.633 -2.512  1.00 20.24 ? 143 G  D N7    1 
ATOM   889  C  C5    . G  D 2 5  ? 3.953   -14.868 -2.419  1.00 21.71 ? 143 G  D C5    1 
ATOM   890  C  C6    . G  D 2 5  ? 2.612   -15.249 -2.702  1.00 21.60 ? 143 G  D C6    1 
ATOM   891  O  O6    . G  D 2 5  ? 1.678   -14.557 -3.115  1.00 21.28 ? 143 G  D O6    1 
ATOM   892  N  N1    . G  D 2 5  ? 2.405   -16.602 -2.469  1.00 23.18 ? 143 G  D N1    1 
ATOM   893  C  C2    . G  D 2 5  ? 3.355   -17.481 -2.031  1.00 23.33 ? 143 G  D C2    1 
ATOM   894  N  N2    . G  D 2 5  ? 2.944   -18.746 -1.887  1.00 22.43 ? 143 G  D N2    1 
ATOM   895  N  N3    . G  D 2 5  ? 4.610   -17.143 -1.759  1.00 24.65 ? 143 G  D N3    1 
ATOM   896  C  C4    . G  D 2 5  ? 4.835   -15.826 -1.976  1.00 23.02 ? 143 G  D C4    1 
ATOM   897  P  P     . G  D 2 6  ? 9.110   -17.060 -5.905  1.00 23.78 ? 144 G  D P     1 
ATOM   898  O  OP1   . G  D 2 6  ? 10.329  -17.729 -6.439  1.00 21.10 ? 144 G  D OP1   1 
ATOM   899  O  OP2   . G  D 2 6  ? 8.619   -15.855 -6.582  1.00 22.98 ? 144 G  D OP2   1 
ATOM   900  O  "O5'" . G  D 2 6  ? 7.916   -18.120 -5.887  1.00 18.04 ? 144 G  D "O5'" 1 
ATOM   901  C  "C5'" . G  D 2 6  ? 8.053   -19.329 -5.138  1.00 18.97 ? 144 G  D "C5'" 1 
ATOM   902  C  "C4'" . G  D 2 6  ? 6.746   -20.059 -5.053  1.00 20.43 ? 144 G  D "C4'" 1 
ATOM   903  O  "O4'" . G  D 2 6  ? 5.823   -19.247 -4.283  1.00 20.45 ? 144 G  D "O4'" 1 
ATOM   904  C  "C3'" . G  D 2 6  ? 6.040   -20.251 -6.383  1.00 21.42 ? 144 G  D "C3'" 1 
ATOM   905  O  "O3'" . G  D 2 6  ? 6.590   -21.350 -7.141  1.00 25.44 ? 144 G  D "O3'" 1 
ATOM   906  C  "C2'" . G  D 2 6  ? 4.587   -20.432 -5.925  1.00 21.29 ? 144 G  D "C2'" 1 
ATOM   907  O  "O2'" . G  D 2 6  ? 4.277   -21.731 -5.454  1.00 16.08 ? 144 G  D "O2'" 1 
ATOM   908  C  "C1'" . G  D 2 6  ? 4.503   -19.429 -4.767  1.00 20.61 ? 144 G  D "C1'" 1 
ATOM   909  N  N9    . G  D 2 6  ? 3.967   -18.123 -5.145  1.00 22.31 ? 144 G  D N9    1 
ATOM   910  C  C8    . G  D 2 6  ? 4.655   -16.931 -5.263  1.00 23.12 ? 144 G  D C8    1 
ATOM   911  N  N7    . G  D 2 6  ? 3.908   -15.941 -5.686  1.00 21.91 ? 144 G  D N7    1 
ATOM   912  C  C5    . G  D 2 6  ? 2.646   -16.503 -5.834  1.00 22.71 ? 144 G  D C5    1 
ATOM   913  C  C6    . G  D 2 6  ? 1.449   -15.912 -6.260  1.00 20.45 ? 144 G  D C6    1 
ATOM   914  O  O6    . G  D 2 6  ? 1.261   -14.748 -6.602  1.00 21.39 ? 144 G  D O6    1 
ATOM   915  N  N1    . G  D 2 6  ? 0.406   -16.828 -6.270  1.00 20.82 ? 144 G  D N1    1 
ATOM   916  C  C2    . G  D 2 6  ? 0.517   -18.162 -5.901  1.00 20.65 ? 144 G  D C2    1 
ATOM   917  N  N2    . G  D 2 6  ? -0.590  -18.899 -5.957  1.00 20.94 ? 144 G  D N2    1 
ATOM   918  N  N3    . G  D 2 6  ? 1.638   -18.728 -5.501  1.00 20.65 ? 144 G  D N3    1 
ATOM   919  C  C4    . G  D 2 6  ? 2.661   -17.848 -5.490  1.00 22.71 ? 144 G  D C4    1 
ATOM   920  P  P     . A  D 2 7  ? 6.789   -21.221 -8.749  1.00 28.49 ? 145 A  D P     1 
ATOM   921  O  OP1   . A  D 2 7  ? 7.502   -22.466 -9.161  1.00 27.06 ? 145 A  D OP1   1 
ATOM   922  O  OP2   . A  D 2 7  ? 7.380   -19.901 -9.108  1.00 25.87 ? 145 A  D OP2   1 
ATOM   923  O  "O5'" . A  D 2 7  ? 5.292   -21.271 -9.304  1.00 21.65 ? 145 A  D "O5'" 1 
ATOM   924  C  "C5'" . A  D 2 7  ? 4.392   -22.287 -8.856  1.00 25.50 ? 145 A  D "C5'" 1 
ATOM   925  C  "C4'" . A  D 2 7  ? 2.935   -21.968 -9.209  1.00 27.28 ? 145 A  D "C4'" 1 
ATOM   926  O  "O4'" . A  D 2 7  ? 2.381   -20.962 -8.300  1.00 25.50 ? 145 A  D "O4'" 1 
ATOM   927  C  "C3'" . A  D 2 7  ? 2.557   -21.474 -10.606 1.00 26.25 ? 145 A  D "C3'" 1 
ATOM   928  O  "O3'" . A  D 2 7  ? 2.507   -22.521 -11.570 1.00 23.95 ? 145 A  D "O3'" 1 
ATOM   929  C  "C2'" . A  D 2 7  ? 1.206   -20.810 -10.344 1.00 26.24 ? 145 A  D "C2'" 1 
ATOM   930  O  "O2'" . A  D 2 7  ? 0.153   -21.749 -10.171 1.00 25.59 ? 145 A  D "O2'" 1 
ATOM   931  C  "C1'" . A  D 2 7  ? 1.474   -20.119 -9.007  1.00 25.96 ? 145 A  D "C1'" 1 
ATOM   932  N  N9    . A  D 2 7  ? 2.069   -18.777 -9.125  1.00 24.50 ? 145 A  D N9    1 
ATOM   933  C  C8    . A  D 2 7  ? 3.383   -18.444 -8.894  1.00 22.81 ? 145 A  D C8    1 
ATOM   934  N  N7    . A  D 2 7  ? 3.647   -17.166 -9.065  1.00 23.55 ? 145 A  D N7    1 
ATOM   935  C  C5    . A  D 2 7  ? 2.429   -16.615 -9.439  1.00 23.57 ? 145 A  D C5    1 
ATOM   936  C  C6    . A  D 2 7  ? 2.049   -15.301 -9.775  1.00 21.04 ? 145 A  D C6    1 
ATOM   937  N  N6    . A  D 2 7  ? 2.876   -14.262 -9.801  1.00 21.93 ? 145 A  D N6    1 
ATOM   938  N  N1    . A  D 2 7  ? 0.770   -15.093 -10.094 1.00 22.20 ? 145 A  D N1    1 
ATOM   939  C  C2    . A  D 2 7  ? -0.076  -16.137 -10.084 1.00 23.58 ? 145 A  D C2    1 
ATOM   940  N  N3    . A  D 2 7  ? 0.153   -17.412 -9.799  1.00 22.74 ? 145 A  D N3    1 
ATOM   941  C  C4    . A  D 2 7  ? 1.440   -17.595 -9.480  1.00 24.47 ? 145 A  D C4    1 
ATOM   942  P  P     . G  D 2 8  ? 3.212   -22.321 -13.017 1.00 28.68 ? 146 G  D P     1 
ATOM   943  O  OP1   . G  D 2 8  ? 2.922   -23.555 -13.807 1.00 25.88 ? 146 G  D OP1   1 
ATOM   944  O  OP2   . G  D 2 8  ? 4.627   -21.898 -12.821 1.00 27.37 ? 146 G  D OP2   1 
ATOM   945  O  "O5'" . G  D 2 8  ? 2.423   -21.096 -13.694 1.00 23.55 ? 146 G  D "O5'" 1 
ATOM   946  C  "C5'" . G  D 2 8  ? 1.048   -21.227 -14.055 1.00 19.30 ? 146 G  D "C5'" 1 
ATOM   947  C  "C4'" . G  D 2 8  ? 0.464   -19.903 -14.501 1.00 17.89 ? 146 G  D "C4'" 1 
ATOM   948  O  "O4'" . G  D 2 8  ? 0.476   -18.915 -13.418 1.00 15.84 ? 146 G  D "O4'" 1 
ATOM   949  C  "C3'" . G  D 2 8  ? 1.204   -19.221 -15.628 1.00 14.55 ? 146 G  D "C3'" 1 
ATOM   950  O  "O3'" . G  D 2 8  ? 0.981   -19.884 -16.858 1.00 12.96 ? 146 G  D "O3'" 1 
ATOM   951  C  "C2'" . G  D 2 8  ? 0.753   -17.767 -15.480 1.00 15.29 ? 146 G  D "C2'" 1 
ATOM   952  O  "O2'" . G  D 2 8  ? -0.528  -17.434 -15.984 1.00 12.28 ? 146 G  D "O2'" 1 
ATOM   953  C  "C1'" . G  D 2 8  ? 0.712   -17.627 -13.958 1.00 14.46 ? 146 G  D "C1'" 1 
ATOM   954  N  N9    . G  D 2 8  ? 1.948   -17.098 -13.397 1.00 16.83 ? 146 G  D N9    1 
ATOM   955  C  C8    . G  D 2 8  ? 2.838   -17.746 -12.576 1.00 18.05 ? 146 G  D C8    1 
ATOM   956  N  N7    . G  D 2 8  ? 3.815   -16.976 -12.165 1.00 17.41 ? 146 G  D N7    1 
ATOM   957  C  C5    . G  D 2 8  ? 3.566   -15.752 -12.771 1.00 16.12 ? 146 G  D C5    1 
ATOM   958  C  C6    . G  D 2 8  ? 4.273   -14.553 -12.692 1.00 14.91 ? 146 G  D C6    1 
ATOM   959  O  O6    . G  D 2 8  ? 5.278   -14.303 -12.017 1.00 14.80 ? 146 G  D O6    1 
ATOM   960  N  N1    . G  D 2 8  ? 3.697   -13.569 -13.486 1.00 14.92 ? 146 G  D N1    1 
ATOM   961  C  C2    . G  D 2 8  ? 2.569   -13.728 -14.247 1.00 17.30 ? 146 G  D C2    1 
ATOM   962  N  N2    . G  D 2 8  ? 2.156   -12.671 -14.954 1.00 18.42 ? 146 G  D N2    1 
ATOM   963  N  N3    . G  D 2 8  ? 1.886   -14.850 -14.315 1.00 17.47 ? 146 G  D N3    1 
ATOM   964  C  C4    . G  D 2 8  ? 2.437   -15.815 -13.556 1.00 17.29 ? 146 G  D C4    1 
ATOM   965  P  P     . U  D 2 9  ? 2.130   -19.868 -18.013 1.00 18.64 ? 147 U  D P     1 
ATOM   966  O  OP1   . U  D 2 9  ? 1.632   -20.655 -19.165 1.00 18.70 ? 147 U  D OP1   1 
ATOM   967  O  OP2   . U  D 2 9  ? 3.481   -20.187 -17.448 1.00 12.33 ? 147 U  D OP2   1 
ATOM   968  O  "O5'" . U  D 2 9  ? 2.155   -18.338 -18.463 1.00 19.39 ? 147 U  D "O5'" 1 
ATOM   969  C  "C5'" . U  D 2 9  ? 1.029   -17.721 -19.082 1.00 12.99 ? 147 U  D "C5'" 1 
ATOM   970  C  "C4'" . U  D 2 9  ? 1.391   -16.313 -19.452 1.00 12.29 ? 147 U  D "C4'" 1 
ATOM   971  O  "O4'" . U  D 2 9  ? 1.686   -15.607 -18.223 1.00 11.34 ? 147 U  D "O4'" 1 
ATOM   972  C  "C3'" . U  D 2 9  ? 2.701   -16.220 -20.205 1.00 13.13 ? 147 U  D "C3'" 1 
ATOM   973  O  "O3'" . U  D 2 9  ? 2.562   -16.483 -21.583 1.00 11.64 ? 147 U  D "O3'" 1 
ATOM   974  C  "C2'" . U  D 2 9  ? 3.132   -14.801 -19.902 1.00 12.69 ? 147 U  D "C2'" 1 
ATOM   975  O  "O2'" . U  D 2 9  ? 2.375   -13.883 -20.650 1.00 16.60 ? 147 U  D "O2'" 1 
ATOM   976  C  "C1'" . U  D 2 9  ? 2.727   -14.688 -18.438 1.00 9.09  ? 147 U  D "C1'" 1 
ATOM   977  N  N1    . U  D 2 9  ? 3.789   -14.944 -17.454 1.00 12.00 ? 147 U  D N1    1 
ATOM   978  C  C2    . U  D 2 9  ? 4.769   -13.950 -17.289 1.00 12.95 ? 147 U  D C2    1 
ATOM   979  O  O2    . U  D 2 9  ? 4.816   -12.948 -17.977 1.00 15.18 ? 147 U  D O2    1 
ATOM   980  N  N3    . U  D 2 9  ? 5.689   -14.174 -16.285 1.00 10.99 ? 147 U  D N3    1 
ATOM   981  C  C4    . U  D 2 9  ? 5.755   -15.250 -15.452 1.00 10.56 ? 147 U  D C4    1 
ATOM   982  O  O4    . U  D 2 9  ? 6.630   -15.274 -14.581 1.00 12.25 ? 147 U  D O4    1 
ATOM   983  C  C5    . U  D 2 9  ? 4.748   -16.261 -15.695 1.00 11.02 ? 147 U  D C5    1 
ATOM   984  C  C6    . U  D 2 9  ? 3.819   -16.083 -16.678 1.00 11.02 ? 147 U  D C6    1 
ATOM   985  P  P     . C  D 2 10 ? 3.870   -16.856 -22.458 1.00 17.62 ? 148 C  D P     1 
ATOM   986  O  OP1   . C  D 2 10 ? 3.417   -17.098 -23.866 1.00 14.04 ? 148 C  D OP1   1 
ATOM   987  O  OP2   . C  D 2 10 ? 4.646   -17.900 -21.767 1.00 14.32 ? 148 C  D OP2   1 
ATOM   988  O  "O5'" . C  D 2 10 ? 4.747   -15.522 -22.403 1.00 16.32 ? 148 C  D "O5'" 1 
ATOM   989  C  "C5'" . C  D 2 10 ? 4.471   -14.431 -23.279 1.00 15.71 ? 148 C  D "C5'" 1 
ATOM   990  C  "C4'" . C  D 2 10 ? 5.640   -13.476 -23.323 1.00 16.42 ? 148 C  D "C4'" 1 
ATOM   991  O  "O4'" . C  D 2 10 ? 5.841   -12.897 -22.003 1.00 16.87 ? 148 C  D "O4'" 1 
ATOM   992  C  "C3'" . C  D 2 10 ? 6.990   -14.090 -23.652 1.00 18.83 ? 148 C  D "C3'" 1 
ATOM   993  O  "O3'" . C  D 2 10 ? 7.215   -14.177 -25.043 1.00 17.19 ? 148 C  D "O3'" 1 
ATOM   994  C  "C2'" . C  D 2 10 ? 7.960   -13.078 -23.050 1.00 21.25 ? 148 C  D "C2'" 1 
ATOM   995  O  "O2'" . C  D 2 10 ? 8.144   -11.943 -23.897 1.00 22.81 ? 148 C  D "O2'" 1 
ATOM   996  C  "C1'" . C  D 2 10 ? 7.228   -12.689 -21.765 1.00 16.98 ? 148 C  D "C1'" 1 
ATOM   997  N  N1    . C  D 2 10 ? 7.627   -13.451 -20.557 1.00 18.67 ? 148 C  D N1    1 
ATOM   998  C  C2    . C  D 2 10 ? 8.635   -12.922 -19.698 1.00 19.04 ? 148 C  D C2    1 
ATOM   999  O  O2    . C  D 2 10 ? 9.227   -11.886 -20.017 1.00 23.37 ? 148 C  D O2    1 
ATOM   1000 N  N3    . C  D 2 10 ? 8.938   -13.569 -18.551 1.00 17.15 ? 148 C  D N3    1 
ATOM   1001 C  C4    . C  D 2 10 ? 8.315   -14.707 -18.243 1.00 17.95 ? 148 C  D C4    1 
ATOM   1002 N  N4    . C  D 2 10 ? 8.644   -15.299 -17.091 1.00 16.94 ? 148 C  D N4    1 
ATOM   1003 C  C5    . C  D 2 10 ? 7.323   -15.291 -19.105 1.00 17.68 ? 148 C  D C5    1 
ATOM   1004 C  C6    . C  D 2 10 ? 7.016   -14.636 -20.244 1.00 18.59 ? 148 C  D C6    1 
ATOM   1005 P  P     . C  D 2 11 ? 8.189   -15.315 -25.609 1.00 16.71 ? 149 C  D P     1 
ATOM   1006 O  OP1   . C  D 2 11 ? 8.140   -15.304 -27.088 1.00 16.19 ? 149 C  D OP1   1 
ATOM   1007 O  OP2   . C  D 2 11 ? 7.809   -16.549 -24.853 1.00 13.98 ? 149 C  D OP2   1 
ATOM   1008 O  "O5'" . C  D 2 11 ? 9.656   -14.888 -25.159 1.00 15.10 ? 149 C  D "O5'" 1 
ATOM   1009 C  "C5'" . C  D 2 11 ? 10.164  -13.593 -25.377 1.00 15.05 ? 149 C  D "C5'" 1 
ATOM   1010 C  "C4'" . C  D 2 11 ? 11.553  -13.487 -24.782 1.00 21.18 ? 149 C  D "C4'" 1 
ATOM   1011 O  "O4'" . C  D 2 11 ? 11.451  -13.119 -23.373 1.00 21.56 ? 149 C  D "O4'" 1 
ATOM   1012 C  "C3'" . C  D 2 11 ? 12.326  -14.802 -24.732 1.00 20.76 ? 149 C  D "C3'" 1 
ATOM   1013 O  "O3'" . C  D 2 11 ? 12.998  -15.148 -25.943 1.00 20.41 ? 149 C  D "O3'" 1 
ATOM   1014 C  "C2'" . C  D 2 11 ? 13.340  -14.537 -23.627 1.00 23.00 ? 149 C  D "C2'" 1 
ATOM   1015 O  "O2'" . C  D 2 11 ? 14.478  -13.827 -24.076 1.00 25.71 ? 149 C  D "O2'" 1 
ATOM   1016 C  "C1'" . C  D 2 11 ? 12.519  -13.700 -22.645 1.00 20.73 ? 149 C  D "C1'" 1 
ATOM   1017 N  N1    . C  D 2 11 ? 12.005  -14.511 -21.526 1.00 19.20 ? 149 C  D N1    1 
ATOM   1018 C  C2    . C  D 2 11 ? 12.608  -14.365 -20.271 1.00 20.07 ? 149 C  D C2    1 
ATOM   1019 O  O2    . C  D 2 11 ? 13.476  -13.494 -20.126 1.00 21.95 ? 149 C  D O2    1 
ATOM   1020 N  N3    . C  D 2 11 ? 12.241  -15.177 -19.246 1.00 20.43 ? 149 C  D N3    1 
ATOM   1021 C  C4    . C  D 2 11 ? 11.296  -16.108 -19.437 1.00 20.42 ? 149 C  D C4    1 
ATOM   1022 N  N4    . C  D 2 11 ? 10.983  -16.904 -18.406 1.00 15.24 ? 149 C  D N4    1 
ATOM   1023 C  C5    . C  D 2 11 ? 10.631  -16.257 -20.702 1.00 20.70 ? 149 C  D C5    1 
ATOM   1024 C  C6    . C  D 2 11 ? 11.007  -15.430 -21.705 1.00 21.02 ? 149 C  D C6    1 
HETATM 1025 MG MG    . MG E 3 .  ? -0.310  18.661  9.126   1.00 18.14 ? 150 MG A MG    1 
HETATM 1026 MG MG    . MG F 3 .  ? -9.818  5.769   5.530   1.00 25.24 ? 151 MG A MG    1 
# 
